data_3LRP
# 
_entry.id   3LRP 
# 
_audit_conform.dict_name       mmcif_pdbx.dic 
_audit_conform.dict_version    5.378 
_audit_conform.dict_location   http://mmcif.pdb.org/dictionaries/ascii/mmcif_pdbx.dic 
# 
loop_
_database_2.database_id 
_database_2.database_code 
_database_2.pdbx_database_accession 
_database_2.pdbx_DOI 
PDB   3LRP         pdb_00003lrp 10.2210/pdb3lrp/pdb 
RCSB  RCSB057645   ?            ?                   
WWPDB D_1000057645 ?            ?                   
# 
_pdbx_database_related.db_name        PDB 
_pdbx_database_related.db_id          3LRO 
_pdbx_database_related.details        . 
_pdbx_database_related.content_type   unspecified 
# 
_pdbx_database_status.status_code                     REL 
_pdbx_database_status.entry_id                        3LRP 
_pdbx_database_status.recvd_initial_deposition_date   2010-02-11 
_pdbx_database_status.deposit_site                    RCSB 
_pdbx_database_status.process_site                    RCSB 
_pdbx_database_status.status_code_sf                  REL 
_pdbx_database_status.status_code_mr                  ? 
_pdbx_database_status.SG_entry                        ? 
_pdbx_database_status.status_code_cs                  ? 
_pdbx_database_status.pdb_format_compatible           Y 
_pdbx_database_status.status_code_nmr_data            ? 
_pdbx_database_status.methods_development_category    ? 
# 
loop_
_audit_author.name 
_audit_author.pdbx_ordinal 
'Cook, W.J.'        1 
'Chattopadhyay, D.' 2 
# 
_citation.id                        primary 
_citation.title                     'Structure of Plasmodium falciparum ADP-ribosylation factor 1.' 
_citation.journal_abbrev            'Acta Crystallogr.,Sect.F' 
_citation.journal_volume            66 
_citation.page_first                1426 
_citation.page_last                 1431 
_citation.year                      2010 
_citation.journal_id_ASTM           ? 
_citation.country                   DK 
_citation.journal_id_ISSN           1744-3091 
_citation.journal_id_CSD            ? 
_citation.book_publisher            ? 
_citation.pdbx_database_id_PubMed   21045287 
_citation.pdbx_database_id_DOI      10.1107/S1744309110036997 
# 
loop_
_citation_author.citation_id 
_citation_author.name 
_citation_author.ordinal 
_citation_author.identifier_ORCID 
primary 'Cook, W.J.'        1 ? 
primary 'Smith, C.D.'       2 ? 
primary 'Senkovich, O.'     3 ? 
primary 'Holder, A.A.'      4 ? 
primary 'Chattopadhyay, D.' 5 ? 
# 
_cell.entry_id           3LRP 
_cell.length_a           45.732 
_cell.length_b           147.280 
_cell.length_c           64.229 
_cell.angle_alpha        90.00 
_cell.angle_beta         90.00 
_cell.angle_gamma        90.00 
_cell.Z_PDB              8 
_cell.pdbx_unique_axis   ? 
_cell.length_a_esd       ? 
_cell.length_b_esd       ? 
_cell.length_c_esd       ? 
_cell.angle_alpha_esd    ? 
_cell.angle_beta_esd     ? 
_cell.angle_gamma_esd    ? 
# 
_symmetry.entry_id                         3LRP 
_symmetry.space_group_name_H-M             'C 2 2 21' 
_symmetry.pdbx_full_space_group_name_H-M   ? 
_symmetry.cell_setting                     ? 
_symmetry.Int_Tables_number                20 
_symmetry.space_group_name_Hall            ? 
# 
loop_
_entity.id 
_entity.type 
_entity.src_method 
_entity.pdbx_description 
_entity.formula_weight 
_entity.pdbx_number_of_molecules 
_entity.pdbx_ec 
_entity.pdbx_mutation 
_entity.pdbx_fragment 
_entity.details 
1 polymer     man 'ADP-ribosylation factor 1' 20938.834 1  ? ? ? ? 
2 non-polymer syn "GUANOSINE-5'-DIPHOSPHATE"  443.201   1  ? ? ? ? 
3 non-polymer syn 'MAGNESIUM ION'             24.305    1  ? ? ? ? 
4 non-polymer syn 'SULFATE ION'               96.063    1  ? ? ? ? 
5 water       nat water                       18.015    91 ? ? ? ? 
# 
_entity_poly.entity_id                      1 
_entity_poly.type                           'polypeptide(L)' 
_entity_poly.nstd_linkage                   no 
_entity_poly.nstd_monomer                   no 
_entity_poly.pdbx_seq_one_letter_code       
;MGLYVSRLFNRLFQKKDVRILMVGLDAAGKTTILYKVKLGEVVTTIPTIGFNVETVEFRNISFTVWDVGGQDKIRPLWRH
YYSNTDGLIFVVDSNDRERIDDAREELHRMINEEELKDAIILVFANKQDLPNAMSAAEVTEKLHLNTIRERNWFIQSTCA
TRGDGLYEGFDWLTTHLNNAK
;
_entity_poly.pdbx_seq_one_letter_code_can   
;MGLYVSRLFNRLFQKKDVRILMVGLDAAGKTTILYKVKLGEVVTTIPTIGFNVETVEFRNISFTVWDVGGQDKIRPLWRH
YYSNTDGLIFVVDSNDRERIDDAREELHRMINEEELKDAIILVFANKQDLPNAMSAAEVTEKLHLNTIRERNWFIQSTCA
TRGDGLYEGFDWLTTHLNNAK
;
_entity_poly.pdbx_strand_id                 A 
_entity_poly.pdbx_target_identifier         ? 
# 
loop_
_entity_poly_seq.entity_id 
_entity_poly_seq.num 
_entity_poly_seq.mon_id 
_entity_poly_seq.hetero 
1 1   MET n 
1 2   GLY n 
1 3   LEU n 
1 4   TYR n 
1 5   VAL n 
1 6   SER n 
1 7   ARG n 
1 8   LEU n 
1 9   PHE n 
1 10  ASN n 
1 11  ARG n 
1 12  LEU n 
1 13  PHE n 
1 14  GLN n 
1 15  LYS n 
1 16  LYS n 
1 17  ASP n 
1 18  VAL n 
1 19  ARG n 
1 20  ILE n 
1 21  LEU n 
1 22  MET n 
1 23  VAL n 
1 24  GLY n 
1 25  LEU n 
1 26  ASP n 
1 27  ALA n 
1 28  ALA n 
1 29  GLY n 
1 30  LYS n 
1 31  THR n 
1 32  THR n 
1 33  ILE n 
1 34  LEU n 
1 35  TYR n 
1 36  LYS n 
1 37  VAL n 
1 38  LYS n 
1 39  LEU n 
1 40  GLY n 
1 41  GLU n 
1 42  VAL n 
1 43  VAL n 
1 44  THR n 
1 45  THR n 
1 46  ILE n 
1 47  PRO n 
1 48  THR n 
1 49  ILE n 
1 50  GLY n 
1 51  PHE n 
1 52  ASN n 
1 53  VAL n 
1 54  GLU n 
1 55  THR n 
1 56  VAL n 
1 57  GLU n 
1 58  PHE n 
1 59  ARG n 
1 60  ASN n 
1 61  ILE n 
1 62  SER n 
1 63  PHE n 
1 64  THR n 
1 65  VAL n 
1 66  TRP n 
1 67  ASP n 
1 68  VAL n 
1 69  GLY n 
1 70  GLY n 
1 71  GLN n 
1 72  ASP n 
1 73  LYS n 
1 74  ILE n 
1 75  ARG n 
1 76  PRO n 
1 77  LEU n 
1 78  TRP n 
1 79  ARG n 
1 80  HIS n 
1 81  TYR n 
1 82  TYR n 
1 83  SER n 
1 84  ASN n 
1 85  THR n 
1 86  ASP n 
1 87  GLY n 
1 88  LEU n 
1 89  ILE n 
1 90  PHE n 
1 91  VAL n 
1 92  VAL n 
1 93  ASP n 
1 94  SER n 
1 95  ASN n 
1 96  ASP n 
1 97  ARG n 
1 98  GLU n 
1 99  ARG n 
1 100 ILE n 
1 101 ASP n 
1 102 ASP n 
1 103 ALA n 
1 104 ARG n 
1 105 GLU n 
1 106 GLU n 
1 107 LEU n 
1 108 HIS n 
1 109 ARG n 
1 110 MET n 
1 111 ILE n 
1 112 ASN n 
1 113 GLU n 
1 114 GLU n 
1 115 GLU n 
1 116 LEU n 
1 117 LYS n 
1 118 ASP n 
1 119 ALA n 
1 120 ILE n 
1 121 ILE n 
1 122 LEU n 
1 123 VAL n 
1 124 PHE n 
1 125 ALA n 
1 126 ASN n 
1 127 LYS n 
1 128 GLN n 
1 129 ASP n 
1 130 LEU n 
1 131 PRO n 
1 132 ASN n 
1 133 ALA n 
1 134 MET n 
1 135 SER n 
1 136 ALA n 
1 137 ALA n 
1 138 GLU n 
1 139 VAL n 
1 140 THR n 
1 141 GLU n 
1 142 LYS n 
1 143 LEU n 
1 144 HIS n 
1 145 LEU n 
1 146 ASN n 
1 147 THR n 
1 148 ILE n 
1 149 ARG n 
1 150 GLU n 
1 151 ARG n 
1 152 ASN n 
1 153 TRP n 
1 154 PHE n 
1 155 ILE n 
1 156 GLN n 
1 157 SER n 
1 158 THR n 
1 159 CYS n 
1 160 ALA n 
1 161 THR n 
1 162 ARG n 
1 163 GLY n 
1 164 ASP n 
1 165 GLY n 
1 166 LEU n 
1 167 TYR n 
1 168 GLU n 
1 169 GLY n 
1 170 PHE n 
1 171 ASP n 
1 172 TRP n 
1 173 LEU n 
1 174 THR n 
1 175 THR n 
1 176 HIS n 
1 177 LEU n 
1 178 ASN n 
1 179 ASN n 
1 180 ALA n 
1 181 LYS n 
# 
_entity_src_gen.entity_id                          1 
_entity_src_gen.pdbx_src_id                        1 
_entity_src_gen.pdbx_alt_source_flag               sample 
_entity_src_gen.pdbx_seq_type                      ? 
_entity_src_gen.pdbx_beg_seq_num                   ? 
_entity_src_gen.pdbx_end_seq_num                   ? 
_entity_src_gen.gene_src_common_name               ? 
_entity_src_gen.gene_src_genus                     ? 
_entity_src_gen.pdbx_gene_src_gene                 'ARF1, ARF, PLARF' 
_entity_src_gen.gene_src_species                   ? 
_entity_src_gen.gene_src_strain                    ? 
_entity_src_gen.gene_src_tissue                    ? 
_entity_src_gen.gene_src_tissue_fraction           ? 
_entity_src_gen.gene_src_details                   ? 
_entity_src_gen.pdbx_gene_src_fragment             ? 
_entity_src_gen.pdbx_gene_src_scientific_name      'Plasmodium falciparum' 
_entity_src_gen.pdbx_gene_src_ncbi_taxonomy_id     5833 
_entity_src_gen.pdbx_gene_src_variant              ? 
_entity_src_gen.pdbx_gene_src_cell_line            ? 
_entity_src_gen.pdbx_gene_src_atcc                 ? 
_entity_src_gen.pdbx_gene_src_organ                ? 
_entity_src_gen.pdbx_gene_src_organelle            ? 
_entity_src_gen.pdbx_gene_src_cell                 ? 
_entity_src_gen.pdbx_gene_src_cellular_location    ? 
_entity_src_gen.host_org_common_name               ? 
_entity_src_gen.pdbx_host_org_scientific_name      'Escherichia coli' 
_entity_src_gen.pdbx_host_org_ncbi_taxonomy_id     562 
_entity_src_gen.host_org_genus                     ? 
_entity_src_gen.pdbx_host_org_gene                 ? 
_entity_src_gen.pdbx_host_org_organ                ? 
_entity_src_gen.host_org_species                   ? 
_entity_src_gen.pdbx_host_org_tissue               ? 
_entity_src_gen.pdbx_host_org_tissue_fraction      ? 
_entity_src_gen.pdbx_host_org_strain               ? 
_entity_src_gen.pdbx_host_org_variant              ? 
_entity_src_gen.pdbx_host_org_cell_line            ? 
_entity_src_gen.pdbx_host_org_atcc                 ? 
_entity_src_gen.pdbx_host_org_culture_collection   ? 
_entity_src_gen.pdbx_host_org_cell                 ? 
_entity_src_gen.pdbx_host_org_organelle            ? 
_entity_src_gen.pdbx_host_org_cellular_location    ? 
_entity_src_gen.pdbx_host_org_vector_type          plasmid 
_entity_src_gen.pdbx_host_org_vector               ? 
_entity_src_gen.host_org_details                   ? 
_entity_src_gen.expression_system_id               ? 
_entity_src_gen.plasmid_name                       PGEX-3X 
_entity_src_gen.plasmid_details                    ? 
_entity_src_gen.pdbx_description                   ? 
# 
_struct_ref.id                         1 
_struct_ref.db_name                    UNP 
_struct_ref.db_code                    ARF1_PLAFA 
_struct_ref.pdbx_db_accession          Q94650 
_struct_ref.entity_id                  1 
_struct_ref.pdbx_seq_one_letter_code   
;MGLYVSRLFNRLFQKKDVRILMVGLDAAGKTTILYKVKLGEVVTTIPTIGFNVETVEFRNISFTVWDVGGQDKIRPLWRH
YYSNTDGLIFVVDSNDRERIDDAREELHRMINEEELKDAIILVFANKQDLPNAMSAAEVTEKLHLNTIRERNWFIQSTCA
TRGDGLYEGFDWLTTHLNNAK
;
_struct_ref.pdbx_align_begin           1 
_struct_ref.pdbx_db_isoform            ? 
# 
_struct_ref_seq.align_id                      1 
_struct_ref_seq.ref_id                        1 
_struct_ref_seq.pdbx_PDB_id_code              3LRP 
_struct_ref_seq.pdbx_strand_id                A 
_struct_ref_seq.seq_align_beg                 1 
_struct_ref_seq.pdbx_seq_align_beg_ins_code   ? 
_struct_ref_seq.seq_align_end                 181 
_struct_ref_seq.pdbx_seq_align_end_ins_code   ? 
_struct_ref_seq.pdbx_db_accession             Q94650 
_struct_ref_seq.db_align_beg                  1 
_struct_ref_seq.pdbx_db_align_beg_ins_code    ? 
_struct_ref_seq.db_align_end                  181 
_struct_ref_seq.pdbx_db_align_end_ins_code    ? 
_struct_ref_seq.pdbx_auth_seq_align_beg       1 
_struct_ref_seq.pdbx_auth_seq_align_end       181 
# 
loop_
_chem_comp.id 
_chem_comp.type 
_chem_comp.mon_nstd_flag 
_chem_comp.name 
_chem_comp.pdbx_synonyms 
_chem_comp.formula 
_chem_comp.formula_weight 
ALA 'L-peptide linking' y ALANINE                    ? 'C3 H7 N O2'        89.093  
ARG 'L-peptide linking' y ARGININE                   ? 'C6 H15 N4 O2 1'    175.209 
ASN 'L-peptide linking' y ASPARAGINE                 ? 'C4 H8 N2 O3'       132.118 
ASP 'L-peptide linking' y 'ASPARTIC ACID'            ? 'C4 H7 N O4'        133.103 
CYS 'L-peptide linking' y CYSTEINE                   ? 'C3 H7 N O2 S'      121.158 
GDP 'RNA linking'       n "GUANOSINE-5'-DIPHOSPHATE" ? 'C10 H15 N5 O11 P2' 443.201 
GLN 'L-peptide linking' y GLUTAMINE                  ? 'C5 H10 N2 O3'      146.144 
GLU 'L-peptide linking' y 'GLUTAMIC ACID'            ? 'C5 H9 N O4'        147.129 
GLY 'peptide linking'   y GLYCINE                    ? 'C2 H5 N O2'        75.067  
HIS 'L-peptide linking' y HISTIDINE                  ? 'C6 H10 N3 O2 1'    156.162 
HOH non-polymer         . WATER                      ? 'H2 O'              18.015  
ILE 'L-peptide linking' y ISOLEUCINE                 ? 'C6 H13 N O2'       131.173 
LEU 'L-peptide linking' y LEUCINE                    ? 'C6 H13 N O2'       131.173 
LYS 'L-peptide linking' y LYSINE                     ? 'C6 H15 N2 O2 1'    147.195 
MET 'L-peptide linking' y METHIONINE                 ? 'C5 H11 N O2 S'     149.211 
MG  non-polymer         . 'MAGNESIUM ION'            ? 'Mg 2'              24.305  
PHE 'L-peptide linking' y PHENYLALANINE              ? 'C9 H11 N O2'       165.189 
PRO 'L-peptide linking' y PROLINE                    ? 'C5 H9 N O2'        115.130 
SER 'L-peptide linking' y SERINE                     ? 'C3 H7 N O3'        105.093 
SO4 non-polymer         . 'SULFATE ION'              ? 'O4 S -2'           96.063  
THR 'L-peptide linking' y THREONINE                  ? 'C4 H9 N O3'        119.119 
TRP 'L-peptide linking' y TRYPTOPHAN                 ? 'C11 H12 N2 O2'     204.225 
TYR 'L-peptide linking' y TYROSINE                   ? 'C9 H11 N O3'       181.189 
VAL 'L-peptide linking' y VALINE                     ? 'C5 H11 N O2'       117.146 
# 
_exptl.entry_id          3LRP 
_exptl.method            'X-RAY DIFFRACTION' 
_exptl.crystals_number   1 
# 
_exptl_crystal.id                    1 
_exptl_crystal.density_meas          ? 
_exptl_crystal.density_Matthews      2.58 
_exptl_crystal.density_percent_sol   52.24 
_exptl_crystal.description           ? 
_exptl_crystal.F_000                 ? 
_exptl_crystal.preparation           ? 
# 
_exptl_crystal_grow.crystal_id      1 
_exptl_crystal_grow.method          'VAPOR DIFFUSION, HANGING DROP' 
_exptl_crystal_grow.temp            277 
_exptl_crystal_grow.temp_details    ? 
_exptl_crystal_grow.pH              7.5 
_exptl_crystal_grow.pdbx_pH_range   ? 
_exptl_crystal_grow.pdbx_details    
'1.5 M ammonium sulfate, 5 mM magnesium chloride, Tris-HCl buffer, pH 7.5, VAPOR DIFFUSION, HANGING DROP, temperature 277K' 
# 
_diffrn.id                     1 
_diffrn.ambient_temp           100 
_diffrn.ambient_temp_details   ? 
_diffrn.crystal_id             1 
# 
_diffrn_detector.diffrn_id              1 
_diffrn_detector.detector               CCD 
_diffrn_detector.type                   'MAR CCD 165 mm' 
_diffrn_detector.pdbx_collection_date   2001-06-16 
_diffrn_detector.details                ? 
# 
_diffrn_radiation.diffrn_id                        1 
_diffrn_radiation.wavelength_id                    1 
_diffrn_radiation.pdbx_monochromatic_or_laue_m_l   M 
_diffrn_radiation.monochromator                    ? 
_diffrn_radiation.pdbx_diffrn_protocol             'SINGLE WAVELENGTH' 
_diffrn_radiation.pdbx_scattering_type             x-ray 
# 
_diffrn_radiation_wavelength.id           1 
_diffrn_radiation_wavelength.wavelength   0.9860 
_diffrn_radiation_wavelength.wt           1.0 
# 
_diffrn_source.diffrn_id                   1 
_diffrn_source.source                      SYNCHROTRON 
_diffrn_source.type                        'APS BEAMLINE 17-ID' 
_diffrn_source.pdbx_synchrotron_site       APS 
_diffrn_source.pdbx_synchrotron_beamline   17-ID 
_diffrn_source.pdbx_wavelength             ? 
_diffrn_source.pdbx_wavelength_list        0.9860 
# 
_reflns.entry_id                     3LRP 
_reflns.observed_criterion_sigma_I   0.0 
_reflns.observed_criterion_sigma_F   0.0 
_reflns.d_resolution_low             32.12 
_reflns.d_resolution_high            2.50 
_reflns.number_obs                   7290 
_reflns.number_all                   7290 
_reflns.percent_possible_obs         92.7 
_reflns.pdbx_Rmerge_I_obs            0.092 
_reflns.pdbx_Rsym_value              ? 
_reflns.pdbx_netI_over_sigmaI        12.8 
_reflns.B_iso_Wilson_estimate        26.3 
_reflns.pdbx_redundancy              ? 
_reflns.R_free_details               ? 
_reflns.limit_h_max                  ? 
_reflns.limit_h_min                  ? 
_reflns.limit_k_max                  ? 
_reflns.limit_k_min                  ? 
_reflns.limit_l_max                  ? 
_reflns.limit_l_min                  ? 
_reflns.observed_criterion_F_max     ? 
_reflns.observed_criterion_F_min     ? 
_reflns.pdbx_chi_squared             ? 
_reflns.pdbx_scaling_rejects         ? 
_reflns.pdbx_ordinal                 1 
_reflns.pdbx_diffrn_id               1 
# 
_reflns_shell.d_res_high             2.50 
_reflns_shell.d_res_low              2.59 
_reflns_shell.percent_possible_all   84.5 
_reflns_shell.Rmerge_I_obs           0.017 
_reflns_shell.pdbx_Rsym_value        ? 
_reflns_shell.meanI_over_sigI_obs    ? 
_reflns_shell.pdbx_redundancy        ? 
_reflns_shell.percent_possible_obs   ? 
_reflns_shell.number_unique_all      ? 
_reflns_shell.number_measured_all    ? 
_reflns_shell.number_measured_obs    ? 
_reflns_shell.number_unique_obs      ? 
_reflns_shell.pdbx_chi_squared       ? 
_reflns_shell.pdbx_ordinal           1 
_reflns_shell.pdbx_diffrn_id         1 
# 
_refine.pdbx_refine_id                           'X-RAY DIFFRACTION' 
_refine.entry_id                                 3LRP 
_refine.ls_number_reflns_obs                     7290 
_refine.ls_number_reflns_all                     7290 
_refine.pdbx_ls_sigma_I                          ? 
_refine.pdbx_ls_sigma_F                          0.0 
_refine.pdbx_data_cutoff_high_absF               1289484.85 
_refine.pdbx_data_cutoff_low_absF                0.000000 
_refine.pdbx_data_cutoff_high_rms_absF           ? 
_refine.ls_d_res_low                             32.12 
_refine.ls_d_res_high                            2.50 
_refine.ls_percent_reflns_obs                    92.8 
_refine.ls_R_factor_obs                          0.189 
_refine.ls_R_factor_all                          ? 
_refine.ls_R_factor_R_work                       0.189 
_refine.ls_R_factor_R_free                       0.253 
_refine.ls_R_factor_R_free_error                 0.009 
_refine.ls_R_factor_R_free_error_details         ? 
_refine.ls_percent_reflns_R_free                 10.8 
_refine.ls_number_reflns_R_free                  789 
_refine.ls_number_parameters                     ? 
_refine.ls_number_restraints                     ? 
_refine.occupancy_min                            ? 
_refine.occupancy_max                            ? 
_refine.correlation_coeff_Fo_to_Fc               ? 
_refine.correlation_coeff_Fo_to_Fc_free          ? 
_refine.B_iso_mean                               24.7 
_refine.aniso_B[1][1]                            -4.12 
_refine.aniso_B[2][2]                            -5.31 
_refine.aniso_B[3][3]                            9.42 
_refine.aniso_B[1][2]                            0.00 
_refine.aniso_B[1][3]                            0.00 
_refine.aniso_B[2][3]                            0.00 
_refine.solvent_model_details                    'FLAT MODEL' 
_refine.solvent_model_param_ksol                 0.4 
_refine.solvent_model_param_bsol                 40.0802 
_refine.pdbx_solvent_vdw_probe_radii             ? 
_refine.pdbx_solvent_ion_probe_radii             ? 
_refine.pdbx_solvent_shrinkage_radii             ? 
_refine.pdbx_ls_cross_valid_method               THROUGHOUT 
_refine.details                                  'BULK SOLVENT MODEL USED' 
_refine.pdbx_starting_model                      'PDB Entry 1HUR' 
_refine.pdbx_method_to_determine_struct          'MOLECULAR REPLACEMENT' 
_refine.pdbx_isotropic_thermal_model             RESTRAINED 
_refine.pdbx_stereochemistry_target_values       'Engh & Huber' 
_refine.pdbx_stereochem_target_val_spec_case     ? 
_refine.pdbx_R_Free_selection_details            RANDOM 
_refine.pdbx_overall_ESU_R_Free                  ? 
_refine.overall_SU_ML                            ? 
_refine.pdbx_overall_phase_error                 ? 
_refine.overall_SU_B                             ? 
_refine.overall_SU_R_Cruickshank_DPI             ? 
_refine.pdbx_overall_SU_R_free_Cruickshank_DPI   ? 
_refine.pdbx_overall_SU_R_Blow_DPI               ? 
_refine.pdbx_overall_SU_R_free_Blow_DPI          ? 
_refine.ls_redundancy_reflns_obs                 ? 
_refine.B_iso_min                                ? 
_refine.B_iso_max                                ? 
_refine.overall_SU_R_free                        ? 
_refine.ls_wR_factor_R_free                      ? 
_refine.ls_wR_factor_R_work                      ? 
_refine.overall_FOM_free_R_set                   ? 
_refine.overall_FOM_work_R_set                   ? 
_refine.pdbx_overall_ESU_R                       ? 
_refine.pdbx_diffrn_id                           1 
_refine.pdbx_TLS_residual_ADP_flag               ? 
# 
_refine_analyze.pdbx_refine_id                  'X-RAY DIFFRACTION' 
_refine_analyze.entry_id                        3LRP 
_refine_analyze.Luzzati_coordinate_error_obs    0.27 
_refine_analyze.Luzzati_sigma_a_obs             0.21 
_refine_analyze.Luzzati_d_res_low_obs           5.00 
_refine_analyze.Luzzati_coordinate_error_free   0.37 
_refine_analyze.Luzzati_sigma_a_free            0.41 
_refine_analyze.Luzzati_d_res_low_free          ? 
_refine_analyze.number_disordered_residues      ? 
_refine_analyze.occupancy_sum_hydrogen          ? 
_refine_analyze.occupancy_sum_non_hydrogen      ? 
_refine_analyze.pdbx_Luzzati_d_res_high_obs     ? 
# 
_refine_hist.pdbx_refine_id                   'X-RAY DIFFRACTION' 
_refine_hist.cycle_id                         LAST 
_refine_hist.pdbx_number_atoms_protein        1475 
_refine_hist.pdbx_number_atoms_nucleic_acid   0 
_refine_hist.pdbx_number_atoms_ligand         34 
_refine_hist.number_atoms_solvent             91 
_refine_hist.number_atoms_total               1600 
_refine_hist.d_res_high                       2.50 
_refine_hist.d_res_low                        32.12 
# 
loop_
_refine_ls_restr.type 
_refine_ls_restr.dev_ideal 
_refine_ls_restr.dev_ideal_target 
_refine_ls_restr.weight 
_refine_ls_restr.number 
_refine_ls_restr.pdbx_refine_id 
_refine_ls_restr.pdbx_restraint_function 
c_bond_d                0.006 ?    ? ? 'X-RAY DIFFRACTION' ? 
c_bond_d_na             ?     ?    ? ? 'X-RAY DIFFRACTION' ? 
c_bond_d_prot           ?     ?    ? ? 'X-RAY DIFFRACTION' ? 
c_angle_d               ?     ?    ? ? 'X-RAY DIFFRACTION' ? 
c_angle_d_na            ?     ?    ? ? 'X-RAY DIFFRACTION' ? 
c_angle_d_prot          ?     ?    ? ? 'X-RAY DIFFRACTION' ? 
c_angle_deg             1.5   ?    ? ? 'X-RAY DIFFRACTION' ? 
c_angle_deg_na          ?     ?    ? ? 'X-RAY DIFFRACTION' ? 
c_angle_deg_prot        ?     ?    ? ? 'X-RAY DIFFRACTION' ? 
c_dihedral_angle_d      22.6  ?    ? ? 'X-RAY DIFFRACTION' ? 
c_dihedral_angle_d_na   ?     ?    ? ? 'X-RAY DIFFRACTION' ? 
c_dihedral_angle_d_prot ?     ?    ? ? 'X-RAY DIFFRACTION' ? 
c_improper_angle_d      1.11  ?    ? ? 'X-RAY DIFFRACTION' ? 
c_improper_angle_d_na   ?     ?    ? ? 'X-RAY DIFFRACTION' ? 
c_improper_angle_d_prot ?     ?    ? ? 'X-RAY DIFFRACTION' ? 
c_mcbond_it             2.10  1.50 ? ? 'X-RAY DIFFRACTION' ? 
c_mcangle_it            3.39  2.00 ? ? 'X-RAY DIFFRACTION' ? 
c_scbond_it             3.26  2.00 ? ? 'X-RAY DIFFRACTION' ? 
c_scangle_it            4.57  2.50 ? ? 'X-RAY DIFFRACTION' ? 
# 
_refine_ls_restr_ncs.pdbx_refine_id      'X-RAY DIFFRACTION' 
_refine_ls_restr_ncs.dom_id              1 
_refine_ls_restr_ncs.ncs_model_details   NONE 
_refine_ls_restr_ncs.rms_dev_position    ? 
_refine_ls_restr_ncs.weight_position     ? 
_refine_ls_restr_ncs.rms_dev_B_iso       ? 
_refine_ls_restr_ncs.weight_B_iso        ? 
_refine_ls_restr_ncs.pdbx_ordinal        1 
_refine_ls_restr_ncs.pdbx_type           . 
_refine_ls_restr_ncs.pdbx_auth_asym_id   . 
_refine_ls_restr_ncs.pdbx_ens_id         1 
_refine_ls_restr_ncs.pdbx_number         ? 
_refine_ls_restr_ncs.pdbx_asym_id        ? 
_refine_ls_restr_ncs.pdbx_rms            ? 
_refine_ls_restr_ncs.pdbx_weight         ? 
# 
_refine_ls_shell.pdbx_refine_id                   'X-RAY DIFFRACTION' 
_refine_ls_shell.pdbx_total_number_of_bins_used   6 
_refine_ls_shell.d_res_high                       2.50 
_refine_ls_shell.d_res_low                        2.66 
_refine_ls_shell.number_reflns_R_work             998 
_refine_ls_shell.R_factor_R_work                  0.231 
_refine_ls_shell.percent_reflns_obs               85.6 
_refine_ls_shell.R_factor_R_free                  0.333 
_refine_ls_shell.R_factor_R_free_error            0.033 
_refine_ls_shell.percent_reflns_R_free            9.2 
_refine_ls_shell.number_reflns_R_free             101 
_refine_ls_shell.number_reflns_all                ? 
_refine_ls_shell.R_factor_all                     ? 
_refine_ls_shell.redundancy_reflns_obs            ? 
_refine_ls_shell.number_reflns_obs                ? 
# 
loop_
_pdbx_xplor_file.pdbx_refine_id 
_pdbx_xplor_file.serial_no 
_pdbx_xplor_file.param_file 
_pdbx_xplor_file.topol_file 
'X-RAY DIFFRACTION' 1 protein_rep.param protein.top 
'X-RAY DIFFRACTION' 2 water_rep.param   water.top   
'X-RAY DIFFRACTION' 3 ion.param         ion.top     
'X-RAY DIFFRACTION' 4 gdp.param         gdp.top     
# 
_struct_ncs_dom.id            1 
_struct_ncs_dom.details       ? 
_struct_ncs_dom.pdbx_ens_id   1 
# 
_struct_ncs_ens.id        1 
_struct_ncs_ens.details   ? 
# 
_struct.entry_id                  3LRP 
_struct.title                     'Crystal Structure of Plasmodium falciparum ADP-Ribosylation Factor 1' 
_struct.pdbx_model_details        ? 
_struct.pdbx_CASP_flag            ? 
_struct.pdbx_model_type_details   ? 
# 
_struct_keywords.entry_id        3LRP 
_struct_keywords.pdbx_keywords   'PROTEIN TRANSPORT' 
_struct_keywords.text            
;ADP-ribosylation factor, Protein trafficking, ER-Golgi transport, Golgi apparatus, GTP-binding, Lipoprotein, Myristate, Nucleotide-binding, Protein transport, Transport, SIGNALING PROTEIN
;
# 
loop_
_struct_asym.id 
_struct_asym.pdbx_blank_PDB_chainid_flag 
_struct_asym.pdbx_modified 
_struct_asym.entity_id 
_struct_asym.details 
A N N 1 ? 
B N N 2 ? 
C N N 3 ? 
D N N 4 ? 
E N N 5 ? 
# 
_struct_biol.id        1 
_struct_biol.details   ? 
# 
loop_
_struct_conf.conf_type_id 
_struct_conf.id 
_struct_conf.pdbx_PDB_helix_id 
_struct_conf.beg_label_comp_id 
_struct_conf.beg_label_asym_id 
_struct_conf.beg_label_seq_id 
_struct_conf.pdbx_beg_PDB_ins_code 
_struct_conf.end_label_comp_id 
_struct_conf.end_label_asym_id 
_struct_conf.end_label_seq_id 
_struct_conf.pdbx_end_PDB_ins_code 
_struct_conf.beg_auth_comp_id 
_struct_conf.beg_auth_asym_id 
_struct_conf.beg_auth_seq_id 
_struct_conf.end_auth_comp_id 
_struct_conf.end_auth_asym_id 
_struct_conf.end_auth_seq_id 
_struct_conf.pdbx_PDB_helix_class 
_struct_conf.details 
_struct_conf.pdbx_PDB_helix_length 
HELX_P HELX_P1  1  MET A 1   ? PHE A 9   ? MET A 1   PHE A 9   1 ? 9  
HELX_P HELX_P2  2  ASN A 10  ? PHE A 13  ? ASN A 10  PHE A 13  5 ? 4  
HELX_P HELX_P3  3  GLY A 29  ? LYS A 38  ? GLY A 29  LYS A 38  1 ? 10 
HELX_P HELX_P4  4  ILE A 74  ? ARG A 79  ? ILE A 74  ARG A 79  1 ? 6  
HELX_P HELX_P5  5  HIS A 80  ? TYR A 82  ? HIS A 80  TYR A 82  5 ? 3  
HELX_P HELX_P6  6  ARG A 99  ? ILE A 111 ? ARG A 99  ILE A 111 1 ? 13 
HELX_P HELX_P7  7  ASN A 112 ? LYS A 117 ? ASN A 112 LYS A 117 5 ? 6  
HELX_P HELX_P8  8  SER A 135 ? LEU A 143 ? SER A 135 LEU A 143 1 ? 9  
HELX_P HELX_P9  9  HIS A 144 ? ILE A 148 ? HIS A 144 ILE A 148 5 ? 5  
HELX_P HELX_P10 10 GLY A 165 ? ASN A 179 ? GLY A 165 ASN A 179 1 ? 15 
# 
_struct_conf_type.id          HELX_P 
_struct_conf_type.criteria    ? 
_struct_conf_type.reference   ? 
# 
loop_
_struct_conn.id 
_struct_conn.conn_type_id 
_struct_conn.pdbx_leaving_atom_flag 
_struct_conn.pdbx_PDB_id 
_struct_conn.ptnr1_label_asym_id 
_struct_conn.ptnr1_label_comp_id 
_struct_conn.ptnr1_label_seq_id 
_struct_conn.ptnr1_label_atom_id 
_struct_conn.pdbx_ptnr1_label_alt_id 
_struct_conn.pdbx_ptnr1_PDB_ins_code 
_struct_conn.pdbx_ptnr1_standard_comp_id 
_struct_conn.ptnr1_symmetry 
_struct_conn.ptnr2_label_asym_id 
_struct_conn.ptnr2_label_comp_id 
_struct_conn.ptnr2_label_seq_id 
_struct_conn.ptnr2_label_atom_id 
_struct_conn.pdbx_ptnr2_label_alt_id 
_struct_conn.pdbx_ptnr2_PDB_ins_code 
_struct_conn.ptnr1_auth_asym_id 
_struct_conn.ptnr1_auth_comp_id 
_struct_conn.ptnr1_auth_seq_id 
_struct_conn.ptnr2_auth_asym_id 
_struct_conn.ptnr2_auth_comp_id 
_struct_conn.ptnr2_auth_seq_id 
_struct_conn.ptnr2_symmetry 
_struct_conn.pdbx_ptnr3_label_atom_id 
_struct_conn.pdbx_ptnr3_label_seq_id 
_struct_conn.pdbx_ptnr3_label_comp_id 
_struct_conn.pdbx_ptnr3_label_asym_id 
_struct_conn.pdbx_ptnr3_label_alt_id 
_struct_conn.pdbx_ptnr3_PDB_ins_code 
_struct_conn.details 
_struct_conn.pdbx_dist_value 
_struct_conn.pdbx_value_order 
_struct_conn.pdbx_role 
metalc1 metalc ? ? A THR 31 OG1 ? ? ? 1_555 C MG  . MG ? ? A THR 31  A MG  183 1_555 ? ? ? ? ? ? ? 2.265 ? ? 
metalc2 metalc ? ? B GDP .  O2B ? ? ? 1_555 C MG  . MG ? ? A GDP 182 A MG  183 1_555 ? ? ? ? ? ? ? 2.133 ? ? 
metalc3 metalc ? ? C MG  .  MG  ? ? ? 1_555 E HOH . O  ? ? A MG  183 A HOH 282 1_555 ? ? ? ? ? ? ? 1.887 ? ? 
metalc4 metalc ? ? C MG  .  MG  ? ? ? 1_555 E HOH . O  ? ? A MG  183 A HOH 289 1_555 ? ? ? ? ? ? ? 2.287 ? ? 
metalc5 metalc ? ? C MG  .  MG  ? ? ? 1_555 E HOH . O  ? ? A MG  183 A HOH 290 1_555 ? ? ? ? ? ? ? 2.238 ? ? 
# 
_struct_conn_type.id          metalc 
_struct_conn_type.criteria    ? 
_struct_conn_type.reference   ? 
# 
_struct_sheet.id               A 
_struct_sheet.type             ? 
_struct_sheet.number_strands   7 
_struct_sheet.details          ? 
# 
loop_
_struct_sheet_order.sheet_id 
_struct_sheet_order.range_id_1 
_struct_sheet_order.range_id_2 
_struct_sheet_order.offset 
_struct_sheet_order.sense 
A 1 2 ? anti-parallel 
A 2 3 ? anti-parallel 
A 3 4 ? parallel      
A 4 5 ? parallel      
A 5 6 ? parallel      
A 6 7 ? parallel      
# 
loop_
_struct_sheet_range.sheet_id 
_struct_sheet_range.id 
_struct_sheet_range.beg_label_comp_id 
_struct_sheet_range.beg_label_asym_id 
_struct_sheet_range.beg_label_seq_id 
_struct_sheet_range.pdbx_beg_PDB_ins_code 
_struct_sheet_range.end_label_comp_id 
_struct_sheet_range.end_label_asym_id 
_struct_sheet_range.end_label_seq_id 
_struct_sheet_range.pdbx_end_PDB_ins_code 
_struct_sheet_range.beg_auth_comp_id 
_struct_sheet_range.beg_auth_asym_id 
_struct_sheet_range.beg_auth_seq_id 
_struct_sheet_range.end_auth_comp_id 
_struct_sheet_range.end_auth_asym_id 
_struct_sheet_range.end_auth_seq_id 
A 1 VAL A 43  ? THR A 45  ? VAL A 43  THR A 45  
A 2 VAL A 53  ? PHE A 58  ? VAL A 53  PHE A 58  
A 3 ILE A 61  ? ASP A 67  ? ILE A 61  ASP A 67  
A 4 VAL A 18  ? GLY A 24  ? VAL A 18  GLY A 24  
A 5 GLY A 87  ? ASP A 93  ? GLY A 87  ASP A 93  
A 6 ILE A 120 ? ASN A 126 ? ILE A 120 ASN A 126 
A 7 TRP A 153 ? SER A 157 ? TRP A 153 SER A 157 
# 
loop_
_pdbx_struct_sheet_hbond.sheet_id 
_pdbx_struct_sheet_hbond.range_id_1 
_pdbx_struct_sheet_hbond.range_id_2 
_pdbx_struct_sheet_hbond.range_1_label_atom_id 
_pdbx_struct_sheet_hbond.range_1_label_comp_id 
_pdbx_struct_sheet_hbond.range_1_label_asym_id 
_pdbx_struct_sheet_hbond.range_1_label_seq_id 
_pdbx_struct_sheet_hbond.range_1_PDB_ins_code 
_pdbx_struct_sheet_hbond.range_1_auth_atom_id 
_pdbx_struct_sheet_hbond.range_1_auth_comp_id 
_pdbx_struct_sheet_hbond.range_1_auth_asym_id 
_pdbx_struct_sheet_hbond.range_1_auth_seq_id 
_pdbx_struct_sheet_hbond.range_2_label_atom_id 
_pdbx_struct_sheet_hbond.range_2_label_comp_id 
_pdbx_struct_sheet_hbond.range_2_label_asym_id 
_pdbx_struct_sheet_hbond.range_2_label_seq_id 
_pdbx_struct_sheet_hbond.range_2_PDB_ins_code 
_pdbx_struct_sheet_hbond.range_2_auth_atom_id 
_pdbx_struct_sheet_hbond.range_2_auth_comp_id 
_pdbx_struct_sheet_hbond.range_2_auth_asym_id 
_pdbx_struct_sheet_hbond.range_2_auth_seq_id 
A 1 2 N VAL A 43  ? N VAL A 43  O THR A 55  ? O THR A 55  
A 2 3 N GLU A 54  ? N GLU A 54  O VAL A 65  ? O VAL A 65  
A 3 4 O SER A 62  ? O SER A 62  N ILE A 20  ? N ILE A 20  
A 4 5 N VAL A 23  ? N VAL A 23  O VAL A 91  ? O VAL A 91  
A 5 6 N LEU A 88  ? N LEU A 88  O LEU A 122 ? O LEU A 122 
A 6 7 N VAL A 123 ? N VAL A 123 O GLN A 156 ? O GLN A 156 
# 
loop_
_struct_site.id 
_struct_site.pdbx_evidence_code 
_struct_site.pdbx_auth_asym_id 
_struct_site.pdbx_auth_comp_id 
_struct_site.pdbx_auth_seq_id 
_struct_site.pdbx_auth_ins_code 
_struct_site.pdbx_num_residues 
_struct_site.details 
AC1 Software A GDP 182 ? 23 'BINDING SITE FOR RESIDUE GDP A 182' 
AC2 Software A MG  183 ? 5  'BINDING SITE FOR RESIDUE MG A 183'  
AC3 Software A SO4 184 ? 5  'BINDING SITE FOR RESIDUE SO4 A 184' 
# 
loop_
_struct_site_gen.id 
_struct_site_gen.site_id 
_struct_site_gen.pdbx_num_res 
_struct_site_gen.label_comp_id 
_struct_site_gen.label_asym_id 
_struct_site_gen.label_seq_id 
_struct_site_gen.pdbx_auth_ins_code 
_struct_site_gen.auth_comp_id 
_struct_site_gen.auth_asym_id 
_struct_site_gen.auth_seq_id 
_struct_site_gen.label_atom_id 
_struct_site_gen.label_alt_id 
_struct_site_gen.symmetry 
_struct_site_gen.details 
1  AC1 23 ASP A 26  ? ASP A 26  . ? 1_555 ? 
2  AC1 23 ALA A 27  ? ALA A 27  . ? 1_555 ? 
3  AC1 23 ALA A 28  ? ALA A 28  . ? 1_555 ? 
4  AC1 23 GLY A 29  ? GLY A 29  . ? 1_555 ? 
5  AC1 23 LYS A 30  ? LYS A 30  . ? 1_555 ? 
6  AC1 23 THR A 31  ? THR A 31  . ? 1_555 ? 
7  AC1 23 THR A 32  ? THR A 32  . ? 1_555 ? 
8  AC1 23 ASN A 52  ? ASN A 52  . ? 3_655 ? 
9  AC1 23 ASP A 67  ? ASP A 67  . ? 1_555 ? 
10 AC1 23 ASP A 67  ? ASP A 67  . ? 3_655 ? 
11 AC1 23 ASN A 126 ? ASN A 126 . ? 1_555 ? 
12 AC1 23 LYS A 127 ? LYS A 127 . ? 1_555 ? 
13 AC1 23 ASP A 129 ? ASP A 129 . ? 1_555 ? 
14 AC1 23 LEU A 130 ? LEU A 130 . ? 1_555 ? 
15 AC1 23 CYS A 159 ? CYS A 159 . ? 1_555 ? 
16 AC1 23 ALA A 160 ? ALA A 160 . ? 1_555 ? 
17 AC1 23 THR A 161 ? THR A 161 . ? 1_555 ? 
18 AC1 23 MG  C .   ? MG  A 183 . ? 1_555 ? 
19 AC1 23 HOH E .   ? HOH A 215 . ? 3_655 ? 
20 AC1 23 HOH E .   ? HOH A 257 . ? 1_555 ? 
21 AC1 23 HOH E .   ? HOH A 282 . ? 3_655 ? 
22 AC1 23 HOH E .   ? HOH A 282 . ? 1_555 ? 
23 AC1 23 HOH E .   ? HOH A 290 . ? 1_555 ? 
24 AC2 5  THR A 31  ? THR A 31  . ? 1_555 ? 
25 AC2 5  GDP B .   ? GDP A 182 . ? 1_555 ? 
26 AC2 5  HOH E .   ? HOH A 282 . ? 1_555 ? 
27 AC2 5  HOH E .   ? HOH A 289 . ? 1_555 ? 
28 AC2 5  HOH E .   ? HOH A 290 . ? 1_555 ? 
29 AC3 5  GLN A 128 ? GLN A 128 . ? 1_555 ? 
30 AC3 5  LEU A 130 ? LEU A 130 . ? 1_555 ? 
31 AC3 5  PRO A 131 ? PRO A 131 . ? 1_555 ? 
32 AC3 5  ALA A 133 ? ALA A 133 . ? 1_555 ? 
33 AC3 5  HOH E .   ? HOH A 246 . ? 8_555 ? 
# 
_atom_sites.entry_id                    3LRP 
_atom_sites.fract_transf_matrix[1][1]   -0.00850327 
_atom_sites.fract_transf_matrix[1][2]   -0.02008515 
_atom_sites.fract_transf_matrix[1][3]   -0.00156417 
_atom_sites.fract_transf_matrix[2][1]   -0.00465150 
_atom_sites.fract_transf_matrix[2][2]   0.00230990 
_atom_sites.fract_transf_matrix[2][3]   -0.00437402 
_atom_sites.fract_transf_matrix[3][1]   0.00959094 
_atom_sites.fract_transf_matrix[3][2]   -0.00313712 
_atom_sites.fract_transf_matrix[3][3]   -0.01185606 
_atom_sites.fract_transf_vector[1]      0.317235 
_atom_sites.fract_transf_vector[2]      0.356652 
_atom_sites.fract_transf_vector[3]      0.052044 
# 
loop_
_atom_type.symbol 
C  
MG 
N  
O  
P  
S  
# 
loop_
_atom_site.group_PDB 
_atom_site.id 
_atom_site.type_symbol 
_atom_site.label_atom_id 
_atom_site.label_alt_id 
_atom_site.label_comp_id 
_atom_site.label_asym_id 
_atom_site.label_entity_id 
_atom_site.label_seq_id 
_atom_site.pdbx_PDB_ins_code 
_atom_site.Cartn_x 
_atom_site.Cartn_y 
_atom_site.Cartn_z 
_atom_site.occupancy 
_atom_site.B_iso_or_equiv 
_atom_site.pdbx_formal_charge 
_atom_site.auth_seq_id 
_atom_site.auth_comp_id 
_atom_site.auth_asym_id 
_atom_site.auth_atom_id 
_atom_site.pdbx_PDB_model_num 
ATOM   1    N  N     . MET A 1 1   ? -15.943 -6.370  -9.949  1.00 50.25 ? 1   MET A N     1 
ATOM   2    C  CA    . MET A 1 1   ? -14.882 -6.146  -8.921  1.00 50.75 ? 1   MET A CA    1 
ATOM   3    C  C     . MET A 1 1   ? -14.261 -4.767  -9.052  1.00 48.48 ? 1   MET A C     1 
ATOM   4    O  O     . MET A 1 1   ? -14.376 -3.931  -8.155  1.00 48.53 ? 1   MET A O     1 
ATOM   5    C  CB    . MET A 1 1   ? -13.781 -7.201  -9.045  1.00 54.13 ? 1   MET A CB    1 
ATOM   6    C  CG    . MET A 1 1   ? -12.492 -6.835  -8.300  1.00 57.96 ? 1   MET A CG    1 
ATOM   7    S  SD    . MET A 1 1   ? -12.720 -6.431  -6.536  1.00 61.65 ? 1   MET A SD    1 
ATOM   8    C  CE    . MET A 1 1   ? -11.035 -6.381  -5.970  1.00 57.15 ? 1   MET A CE    1 
ATOM   9    N  N     . GLY A 1 2   ? -13.575 -4.541  -10.166 1.00 46.89 ? 2   GLY A N     1 
ATOM   10   C  CA    . GLY A 1 2   ? -12.964 -3.248  -10.385 1.00 43.58 ? 2   GLY A CA    1 
ATOM   11   C  C     . GLY A 1 2   ? -14.043 -2.188  -10.332 1.00 40.91 ? 2   GLY A C     1 
ATOM   12   O  O     . GLY A 1 2   ? -13.796 -1.054  -9.922  1.00 39.80 ? 2   GLY A O     1 
ATOM   13   N  N     . LEU A 1 3   ? -15.249 -2.572  -10.740 1.00 39.36 ? 3   LEU A N     1 
ATOM   14   C  CA    . LEU A 1 3   ? -16.384 -1.663  -10.746 1.00 36.83 ? 3   LEU A CA    1 
ATOM   15   C  C     . LEU A 1 3   ? -16.686 -1.142  -9.359  1.00 36.12 ? 3   LEU A C     1 
ATOM   16   O  O     . LEU A 1 3   ? -16.722 0.063   -9.131  1.00 37.83 ? 3   LEU A O     1 
ATOM   17   C  CB    . LEU A 1 3   ? -17.635 -2.357  -11.281 1.00 34.09 ? 3   LEU A CB    1 
ATOM   18   C  CG    . LEU A 1 3   ? -17.589 -2.916  -12.699 1.00 35.36 ? 3   LEU A CG    1 
ATOM   19   C  CD1   . LEU A 1 3   ? -19.019 -3.076  -13.206 1.00 33.08 ? 3   LEU A CD1   1 
ATOM   20   C  CD2   . LEU A 1 3   ? -16.813 -1.980  -13.606 1.00 34.26 ? 3   LEU A CD2   1 
ATOM   21   N  N     . TYR A 1 4   ? -16.906 -2.058  -8.430  1.00 35.62 ? 4   TYR A N     1 
ATOM   22   C  CA    . TYR A 1 4   ? -17.223 -1.666  -7.074  1.00 35.69 ? 4   TYR A CA    1 
ATOM   23   C  C     . TYR A 1 4   ? -16.108 -0.945  -6.350  1.00 33.07 ? 4   TYR A C     1 
ATOM   24   O  O     . TYR A 1 4   ? -16.373 -0.103  -5.493  1.00 34.50 ? 4   TYR A O     1 
ATOM   25   C  CB    . TYR A 1 4   ? -17.702 -2.881  -6.287  1.00 39.85 ? 4   TYR A CB    1 
ATOM   26   C  CG    . TYR A 1 4   ? -19.143 -3.180  -6.609  1.00 44.48 ? 4   TYR A CG    1 
ATOM   27   C  CD1   . TYR A 1 4   ? -20.134 -2.231  -6.345  1.00 46.00 ? 4   TYR A CD1   1 
ATOM   28   C  CD2   . TYR A 1 4   ? -19.515 -4.368  -7.236  1.00 45.14 ? 4   TYR A CD2   1 
ATOM   29   C  CE1   . TYR A 1 4   ? -21.455 -2.451  -6.698  1.00 46.47 ? 4   TYR A CE1   1 
ATOM   30   C  CE2   . TYR A 1 4   ? -20.844 -4.602  -7.592  1.00 46.04 ? 4   TYR A CE2   1 
ATOM   31   C  CZ    . TYR A 1 4   ? -21.806 -3.635  -7.320  1.00 47.94 ? 4   TYR A CZ    1 
ATOM   32   O  OH    . TYR A 1 4   ? -23.122 -3.840  -7.665  1.00 49.38 ? 4   TYR A OH    1 
ATOM   33   N  N     . VAL A 1 5   ? -14.862 -1.258  -6.690  1.00 29.81 ? 5   VAL A N     1 
ATOM   34   C  CA    . VAL A 1 5   ? -13.741 -0.581  -6.055  1.00 26.27 ? 5   VAL A CA    1 
ATOM   35   C  C     . VAL A 1 5   ? -13.632 0.812   -6.669  1.00 25.03 ? 5   VAL A C     1 
ATOM   36   O  O     . VAL A 1 5   ? -13.353 1.791   -5.970  1.00 23.10 ? 5   VAL A O     1 
ATOM   37   C  CB    . VAL A 1 5   ? -12.417 -1.342  -6.265  1.00 26.37 ? 5   VAL A CB    1 
ATOM   38   C  CG1   . VAL A 1 5   ? -11.259 -0.534  -5.701  1.00 25.75 ? 5   VAL A CG1   1 
ATOM   39   C  CG2   . VAL A 1 5   ? -12.485 -2.693  -5.582  1.00 24.43 ? 5   VAL A CG2   1 
ATOM   40   N  N     . SER A 1 6   ? -13.872 0.896   -7.976  1.00 22.57 ? 6   SER A N     1 
ATOM   41   C  CA    . SER A 1 6   ? -13.811 2.173   -8.679  1.00 22.86 ? 6   SER A CA    1 
ATOM   42   C  C     . SER A 1 6   ? -14.810 3.148   -8.072  1.00 24.73 ? 6   SER A C     1 
ATOM   43   O  O     . SER A 1 6   ? -14.521 4.338   -7.935  1.00 25.18 ? 6   SER A O     1 
ATOM   44   C  CB    . SER A 1 6   ? -14.122 1.987   -10.161 1.00 20.01 ? 6   SER A CB    1 
ATOM   45   O  OG    . SER A 1 6   ? -14.170 3.240   -10.816 1.00 18.96 ? 6   SER A OG    1 
ATOM   46   N  N     . ARG A 1 7   ? -15.984 2.638   -7.706  1.00 24.14 ? 7   ARG A N     1 
ATOM   47   C  CA    . ARG A 1 7   ? -17.022 3.471   -7.107  1.00 26.77 ? 7   ARG A CA    1 
ATOM   48   C  C     . ARG A 1 7   ? -16.527 4.149   -5.835  1.00 24.75 ? 7   ARG A C     1 
ATOM   49   O  O     . ARG A 1 7   ? -16.705 5.349   -5.649  1.00 26.48 ? 7   ARG A O     1 
ATOM   50   C  CB    . ARG A 1 7   ? -18.265 2.636   -6.771  1.00 31.56 ? 7   ARG A CB    1 
ATOM   51   C  CG    . ARG A 1 7   ? -19.230 2.449   -7.924  1.00 38.87 ? 7   ARG A CG    1 
ATOM   52   C  CD    . ARG A 1 7   ? -20.579 1.957   -7.426  1.00 43.79 ? 7   ARG A CD    1 
ATOM   53   N  NE    . ARG A 1 7   ? -21.645 2.219   -8.390  1.00 50.60 ? 7   ARG A NE    1 
ATOM   54   C  CZ    . ARG A 1 7   ? -22.069 3.432   -8.741  1.00 53.20 ? 7   ARG A CZ    1 
ATOM   55   N  NH1   . ARG A 1 7   ? -21.520 4.516   -8.208  1.00 55.70 ? 7   ARG A NH1   1 
ATOM   56   N  NH2   . ARG A 1 7   ? -23.044 3.565   -9.632  1.00 55.68 ? 7   ARG A NH2   1 
ATOM   57   N  N     . LEU A 1 8   ? -15.906 3.364   -4.965  1.00 23.11 ? 8   LEU A N     1 
ATOM   58   C  CA    . LEU A 1 8   ? -15.393 3.866   -3.702  1.00 20.94 ? 8   LEU A CA    1 
ATOM   59   C  C     . LEU A 1 8   ? -14.650 5.183   -3.862  1.00 22.70 ? 8   LEU A C     1 
ATOM   60   O  O     . LEU A 1 8   ? -14.794 6.084   -3.034  1.00 24.88 ? 8   LEU A O     1 
ATOM   61   C  CB    . LEU A 1 8   ? -14.481 2.815   -3.063  1.00 17.37 ? 8   LEU A CB    1 
ATOM   62   C  CG    . LEU A 1 8   ? -15.194 1.500   -2.737  1.00 16.02 ? 8   LEU A CG    1 
ATOM   63   C  CD1   . LEU A 1 8   ? -14.196 0.462   -2.262  1.00 14.31 ? 8   LEU A CD1   1 
ATOM   64   C  CD2   . LEU A 1 8   ? -16.257 1.752   -1.683  1.00 13.52 ? 8   LEU A CD2   1 
ATOM   65   N  N     . PHE A 1 9   ? -13.872 5.309   -4.929  1.00 20.79 ? 9   PHE A N     1 
ATOM   66   C  CA    . PHE A 1 9   ? -13.121 6.535   -5.145  1.00 22.45 ? 9   PHE A CA    1 
ATOM   67   C  C     . PHE A 1 9   ? -13.971 7.728   -5.599  1.00 23.83 ? 9   PHE A C     1 
ATOM   68   O  O     . PHE A 1 9   ? -13.508 8.866   -5.545  1.00 21.19 ? 9   PHE A O     1 
ATOM   69   C  CB    . PHE A 1 9   ? -11.975 6.275   -6.127  1.00 20.20 ? 9   PHE A CB    1 
ATOM   70   C  CG    . PHE A 1 9   ? -10.871 5.431   -5.551  1.00 15.58 ? 9   PHE A CG    1 
ATOM   71   C  CD1   . PHE A 1 9   ? -9.848  6.014   -4.809  1.00 13.41 ? 9   PHE A CD1   1 
ATOM   72   C  CD2   . PHE A 1 9   ? -10.877 4.051   -5.710  1.00 12.64 ? 9   PHE A CD2   1 
ATOM   73   C  CE1   . PHE A 1 9   ? -8.848  5.234   -4.230  1.00 11.70 ? 9   PHE A CE1   1 
ATOM   74   C  CE2   . PHE A 1 9   ? -9.885  3.262   -5.133  1.00 16.33 ? 9   PHE A CE2   1 
ATOM   75   C  CZ    . PHE A 1 9   ? -8.867  3.856   -4.391  1.00 13.44 ? 9   PHE A CZ    1 
ATOM   76   N  N     . ASN A 1 10  ? -15.207 7.484   -6.042  1.00 25.23 ? 10  ASN A N     1 
ATOM   77   C  CA    . ASN A 1 10  ? -16.068 8.594   -6.456  1.00 25.81 ? 10  ASN A CA    1 
ATOM   78   C  C     . ASN A 1 10  ? -16.197 9.538   -5.258  1.00 25.99 ? 10  ASN A C     1 
ATOM   79   O  O     . ASN A 1 10  ? -16.481 10.724  -5.410  1.00 24.87 ? 10  ASN A O     1 
ATOM   80   C  CB    . ASN A 1 10  ? -17.464 8.107   -6.862  1.00 25.97 ? 10  ASN A CB    1 
ATOM   81   C  CG    . ASN A 1 10  ? -17.455 7.296   -8.144  1.00 31.88 ? 10  ASN A CG    1 
ATOM   82   O  OD1   . ASN A 1 10  ? -16.466 7.269   -8.872  1.00 35.52 ? 10  ASN A OD1   1 
ATOM   83   N  ND2   . ASN A 1 10  ? -18.575 6.638   -8.434  1.00 31.92 ? 10  ASN A ND2   1 
ATOM   84   N  N     . ARG A 1 11  ? -15.980 8.991   -4.066  1.00 23.67 ? 11  ARG A N     1 
ATOM   85   C  CA    . ARG A 1 11  ? -16.054 9.752   -2.830  1.00 24.25 ? 11  ARG A CA    1 
ATOM   86   C  C     . ARG A 1 11  ? -15.084 10.934  -2.798  1.00 26.16 ? 11  ARG A C     1 
ATOM   87   O  O     . ARG A 1 11  ? -15.358 11.947  -2.153  1.00 25.43 ? 11  ARG A O     1 
ATOM   88   C  CB    . ARG A 1 11  ? -15.730 8.845   -1.641  1.00 25.56 ? 11  ARG A CB    1 
ATOM   89   C  CG    . ARG A 1 11  ? -16.711 7.717   -1.377  1.00 25.67 ? 11  ARG A CG    1 
ATOM   90   C  CD    . ARG A 1 11  ? -16.140 6.776   -0.327  1.00 25.26 ? 11  ARG A CD    1 
ATOM   91   N  NE    . ARG A 1 11  ? -17.079 5.729   0.062   1.00 28.63 ? 11  ARG A NE    1 
ATOM   92   C  CZ    . ARG A 1 11  ? -16.756 4.682   0.819   1.00 32.68 ? 11  ARG A CZ    1 
ATOM   93   N  NH1   . ARG A 1 11  ? -15.514 4.543   1.263   1.00 31.70 ? 11  ARG A NH1   1 
ATOM   94   N  NH2   . ARG A 1 11  ? -17.674 3.777   1.142   1.00 31.07 ? 11  ARG A NH2   1 
ATOM   95   N  N     . LEU A 1 12  ? -13.955 10.800  -3.492  1.00 25.82 ? 12  LEU A N     1 
ATOM   96   C  CA    . LEU A 1 12  ? -12.921 11.833  -3.502  1.00 26.76 ? 12  LEU A CA    1 
ATOM   97   C  C     . LEU A 1 12  ? -12.861 12.693  -4.765  1.00 30.35 ? 12  LEU A C     1 
ATOM   98   O  O     . LEU A 1 12  ? -11.811 13.257  -5.080  1.00 31.83 ? 12  LEU A O     1 
ATOM   99   C  CB    . LEU A 1 12  ? -11.556 11.177  -3.310  1.00 27.32 ? 12  LEU A CB    1 
ATOM   100  C  CG    . LEU A 1 12  ? -11.473 9.892   -2.482  1.00 25.39 ? 12  LEU A CG    1 
ATOM   101  C  CD1   . LEU A 1 12  ? -10.073 9.320   -2.605  1.00 24.30 ? 12  LEU A CD1   1 
ATOM   102  C  CD2   . LEU A 1 12  ? -11.819 10.170  -1.033  1.00 23.68 ? 12  LEU A CD2   1 
ATOM   103  N  N     . PHE A 1 13  ? -13.970 12.812  -5.483  1.00 32.34 ? 13  PHE A N     1 
ATOM   104  C  CA    . PHE A 1 13  ? -13.976 13.595  -6.717  1.00 33.90 ? 13  PHE A CA    1 
ATOM   105  C  C     . PHE A 1 13  ? -13.636 15.070  -6.518  1.00 35.37 ? 13  PHE A C     1 
ATOM   106  O  O     . PHE A 1 13  ? -13.112 15.714  -7.423  1.00 37.69 ? 13  PHE A O     1 
ATOM   107  C  CB    . PHE A 1 13  ? -15.338 13.479  -7.408  1.00 33.89 ? 13  PHE A CB    1 
ATOM   108  C  CG    . PHE A 1 13  ? -16.425 14.279  -6.747  1.00 29.88 ? 13  PHE A CG    1 
ATOM   109  C  CD1   . PHE A 1 13  ? -16.644 15.602  -7.102  1.00 27.36 ? 13  PHE A CD1   1 
ATOM   110  C  CD2   . PHE A 1 13  ? -17.227 13.707  -5.766  1.00 28.76 ? 13  PHE A CD2   1 
ATOM   111  C  CE1   . PHE A 1 13  ? -17.647 16.345  -6.489  1.00 29.97 ? 13  PHE A CE1   1 
ATOM   112  C  CE2   . PHE A 1 13  ? -18.235 14.442  -5.147  1.00 28.05 ? 13  PHE A CE2   1 
ATOM   113  C  CZ    . PHE A 1 13  ? -18.446 15.761  -5.508  1.00 28.11 ? 13  PHE A CZ    1 
ATOM   114  N  N     . GLN A 1 14  ? -13.941 15.603  -5.340  1.00 35.66 ? 14  GLN A N     1 
ATOM   115  C  CA    . GLN A 1 14  ? -13.678 17.009  -5.042  1.00 35.86 ? 14  GLN A CA    1 
ATOM   116  C  C     . GLN A 1 14  ? -12.191 17.285  -4.870  1.00 36.11 ? 14  GLN A C     1 
ATOM   117  O  O     . GLN A 1 14  ? -11.723 18.392  -5.126  1.00 33.90 ? 14  GLN A O     1 
ATOM   118  C  CB    . GLN A 1 14  ? -14.418 17.417  -3.770  1.00 38.39 ? 14  GLN A CB    1 
ATOM   119  C  CG    . GLN A 1 14  ? -15.919 17.280  -3.875  1.00 46.65 ? 14  GLN A CG    1 
ATOM   120  C  CD    . GLN A 1 14  ? -16.627 17.429  -2.539  1.00 51.30 ? 14  GLN A CD    1 
ATOM   121  O  OE1   . GLN A 1 14  ? -16.503 16.578  -1.655  1.00 54.18 ? 14  GLN A OE1   1 
ATOM   122  N  NE2   . GLN A 1 14  ? -17.378 18.515  -2.389  1.00 52.82 ? 14  GLN A NE2   1 
ATOM   123  N  N     . LYS A 1 15  ? -11.457 16.271  -4.424  1.00 37.42 ? 15  LYS A N     1 
ATOM   124  C  CA    . LYS A 1 15  ? -10.021 16.393  -4.208  1.00 37.31 ? 15  LYS A CA    1 
ATOM   125  C  C     . LYS A 1 15  ? -9.312  16.679  -5.535  1.00 37.49 ? 15  LYS A C     1 
ATOM   126  O  O     . LYS A 1 15  ? -9.587  16.032  -6.544  1.00 37.98 ? 15  LYS A O     1 
ATOM   127  C  CB    . LYS A 1 15  ? -9.487  15.100  -3.577  1.00 36.39 ? 15  LYS A CB    1 
ATOM   128  C  CG    . LYS A 1 15  ? -10.062 14.786  -2.189  1.00 31.15 ? 15  LYS A CG    1 
ATOM   129  C  CD    . LYS A 1 15  ? -9.472  15.706  -1.129  1.00 33.68 ? 15  LYS A CD    1 
ATOM   130  C  CE    . LYS A 1 15  ? -9.972  15.379  0.283   1.00 35.47 ? 15  LYS A CE    1 
ATOM   131  N  NZ    . LYS A 1 15  ? -11.357 15.864  0.573   1.00 31.12 ? 15  LYS A NZ    1 
ATOM   132  N  N     . LYS A 1 16  ? -8.413  17.659  -5.536  1.00 38.96 ? 16  LYS A N     1 
ATOM   133  C  CA    . LYS A 1 16  ? -7.681  18.023  -6.749  1.00 40.15 ? 16  LYS A CA    1 
ATOM   134  C  C     . LYS A 1 16  ? -6.836  16.872  -7.265  1.00 36.85 ? 16  LYS A C     1 
ATOM   135  O  O     . LYS A 1 16  ? -6.796  16.610  -8.469  1.00 33.53 ? 16  LYS A O     1 
ATOM   136  C  CB    . LYS A 1 16  ? -6.785  19.240  -6.493  1.00 43.59 ? 16  LYS A CB    1 
ATOM   137  C  CG    . LYS A 1 16  ? -7.539  20.565  -6.441  1.00 50.67 ? 16  LYS A CG    1 
ATOM   138  C  CD    . LYS A 1 16  ? -8.174  20.900  -7.794  1.00 54.04 ? 16  LYS A CD    1 
ATOM   139  C  CE    . LYS A 1 16  ? -8.980  22.189  -7.732  1.00 54.25 ? 16  LYS A CE    1 
ATOM   140  N  NZ    . LYS A 1 16  ? -10.094 22.090  -6.748  1.00 55.05 ? 16  LYS A NZ    1 
ATOM   141  N  N     . ASP A 1 17  ? -6.164  16.189  -6.346  1.00 36.08 ? 17  ASP A N     1 
ATOM   142  C  CA    . ASP A 1 17  ? -5.320  15.060  -6.711  1.00 37.69 ? 17  ASP A CA    1 
ATOM   143  C  C     . ASP A 1 17  ? -5.052  14.127  -5.535  1.00 33.73 ? 17  ASP A C     1 
ATOM   144  O  O     . ASP A 1 17  ? -4.391  14.501  -4.566  1.00 35.05 ? 17  ASP A O     1 
ATOM   145  C  CB    . ASP A 1 17  ? -3.990  15.559  -7.281  1.00 43.10 ? 17  ASP A CB    1 
ATOM   146  C  CG    . ASP A 1 17  ? -3.076  14.425  -7.697  1.00 51.52 ? 17  ASP A CG    1 
ATOM   147  O  OD1   . ASP A 1 17  ? -3.464  13.638  -8.593  1.00 54.20 ? 17  ASP A OD1   1 
ATOM   148  O  OD2   . ASP A 1 17  ? -1.968  14.319  -7.125  1.00 57.15 ? 17  ASP A OD2   1 
ATOM   149  N  N     . VAL A 1 18  ? -5.573  12.910  -5.628  1.00 28.80 ? 18  VAL A N     1 
ATOM   150  C  CA    . VAL A 1 18  ? -5.383  11.916  -4.586  1.00 24.82 ? 18  VAL A CA    1 
ATOM   151  C  C     . VAL A 1 18  ? -4.165  11.072  -4.944  1.00 21.96 ? 18  VAL A C     1 
ATOM   152  O  O     . VAL A 1 18  ? -4.161  10.366  -5.956  1.00 20.18 ? 18  VAL A O     1 
ATOM   153  C  CB    . VAL A 1 18  ? -6.621  11.010  -4.459  1.00 27.09 ? 18  VAL A CB    1 
ATOM   154  C  CG1   . VAL A 1 18  ? -6.469  10.088  -3.264  1.00 23.91 ? 18  VAL A CG1   1 
ATOM   155  C  CG2   . VAL A 1 18  ? -7.875  11.867  -4.323  1.00 25.61 ? 18  VAL A CG2   1 
ATOM   156  N  N     . ARG A 1 19  ? -3.124  11.168  -4.122  1.00 19.75 ? 19  ARG A N     1 
ATOM   157  C  CA    . ARG A 1 19  ? -1.886  10.424  -4.354  1.00 21.97 ? 19  ARG A CA    1 
ATOM   158  C  C     . ARG A 1 19  ? -1.797  9.244   -3.411  1.00 18.81 ? 19  ARG A C     1 
ATOM   159  O  O     . ARG A 1 19  ? -1.848  9.397   -2.191  1.00 19.18 ? 19  ARG A O     1 
ATOM   160  C  CB    . ARG A 1 19  ? -0.665  11.328  -4.155  1.00 24.58 ? 19  ARG A CB    1 
ATOM   161  C  CG    . ARG A 1 19  ? -0.391  12.267  -5.321  1.00 30.50 ? 19  ARG A CG    1 
ATOM   162  C  CD    . ARG A 1 19  ? 0.730   11.726  -6.184  1.00 31.06 ? 19  ARG A CD    1 
ATOM   163  N  NE    . ARG A 1 19  ? 1.988   11.704  -5.448  1.00 27.73 ? 19  ARG A NE    1 
ATOM   164  C  CZ    . ARG A 1 19  ? 3.068   11.046  -5.843  1.00 29.56 ? 19  ARG A CZ    1 
ATOM   165  N  NH1   . ARG A 1 19  ? 3.055   10.345  -6.968  1.00 30.84 ? 19  ARG A NH1   1 
ATOM   166  N  NH2   . ARG A 1 19  ? 4.168   11.098  -5.118  1.00 34.91 ? 19  ARG A NH2   1 
ATOM   167  N  N     . ILE A 1 20  ? -1.654  8.064   -3.987  1.00 15.83 ? 20  ILE A N     1 
ATOM   168  C  CA    . ILE A 1 20  ? -1.580  6.860   -3.195  1.00 14.81 ? 20  ILE A CA    1 
ATOM   169  C  C     . ILE A 1 20  ? -0.339  6.070   -3.539  1.00 14.07 ? 20  ILE A C     1 
ATOM   170  O  O     . ILE A 1 20  ? -0.102  5.741   -4.699  1.00 16.31 ? 20  ILE A O     1 
ATOM   171  C  CB    . ILE A 1 20  ? -2.836  5.988   -3.430  1.00 16.84 ? 20  ILE A CB    1 
ATOM   172  C  CG1   . ILE A 1 20  ? -4.078  6.750   -2.956  1.00 15.46 ? 20  ILE A CG1   1 
ATOM   173  C  CG2   . ILE A 1 20  ? -2.704  4.654   -2.708  1.00 16.52 ? 20  ILE A CG2   1 
ATOM   174  C  CD1   . ILE A 1 20  ? -5.378  6.075   -3.304  1.00 20.24 ? 20  ILE A CD1   1 
ATOM   175  N  N     . LEU A 1 21  ? 0.464   5.784   -2.525  1.00 10.66 ? 21  LEU A N     1 
ATOM   176  C  CA    . LEU A 1 21  ? 1.659   4.994   -2.721  1.00 10.90 ? 21  LEU A CA    1 
ATOM   177  C  C     . LEU A 1 21  ? 1.315   3.590   -2.244  1.00 11.50 ? 21  LEU A C     1 
ATOM   178  O  O     . LEU A 1 21  ? 0.550   3.416   -1.292  1.00 12.36 ? 21  LEU A O     1 
ATOM   179  C  CB    . LEU A 1 21  ? 2.822   5.538   -1.884  1.00 7.82  ? 21  LEU A CB    1 
ATOM   180  C  CG    . LEU A 1 21  ? 3.129   7.042   -1.909  1.00 14.45 ? 21  LEU A CG    1 
ATOM   181  C  CD1   . LEU A 1 21  ? 4.262   7.324   -0.932  1.00 10.09 ? 21  LEU A CD1   1 
ATOM   182  C  CD2   . LEU A 1 21  ? 3.505   7.515   -3.320  1.00 7.12  ? 21  LEU A CD2   1 
ATOM   183  N  N     . MET A 1 22  ? 1.838   2.582   -2.924  1.00 12.36 ? 22  MET A N     1 
ATOM   184  C  CA    . MET A 1 22  ? 1.608   1.219   -2.481  1.00 14.10 ? 22  MET A CA    1 
ATOM   185  C  C     . MET A 1 22  ? 2.958   0.536   -2.506  1.00 15.44 ? 22  MET A C     1 
ATOM   186  O  O     . MET A 1 22  ? 3.543   0.327   -3.570  1.00 16.07 ? 22  MET A O     1 
ATOM   187  C  CB    . MET A 1 22  ? 0.619   0.472   -3.377  1.00 13.85 ? 22  MET A CB    1 
ATOM   188  C  CG    . MET A 1 22  ? 0.470   -0.978  -2.935  1.00 12.78 ? 22  MET A CG    1 
ATOM   189  S  SD    . MET A 1 22  ? -1.014  -1.796  -3.498  1.00 12.58 ? 22  MET A SD    1 
ATOM   190  C  CE    . MET A 1 22  ? -0.591  -2.073  -5.195  1.00 13.71 ? 22  MET A CE    1 
ATOM   191  N  N     . VAL A 1 23  ? 3.459   0.212   -1.321  1.00 12.94 ? 23  VAL A N     1 
ATOM   192  C  CA    . VAL A 1 23  ? 4.758   -0.417  -1.208  1.00 14.06 ? 23  VAL A CA    1 
ATOM   193  C  C     . VAL A 1 23  ? 4.746   -1.700  -0.401  1.00 15.49 ? 23  VAL A C     1 
ATOM   194  O  O     . VAL A 1 23  ? 3.709   -2.121  0.119   1.00 18.13 ? 23  VAL A O     1 
ATOM   195  C  CB    . VAL A 1 23  ? 5.775   0.564   -0.591  1.00 14.80 ? 23  VAL A CB    1 
ATOM   196  C  CG1   . VAL A 1 23  ? 5.910   1.786   -1.497  1.00 12.09 ? 23  VAL A CG1   1 
ATOM   197  C  CG2   . VAL A 1 23  ? 5.329   0.980   0.802   1.00 6.16  ? 23  VAL A CG2   1 
ATOM   198  N  N     . GLY A 1 24  ? 5.920   -2.312  -0.307  1.00 17.97 ? 24  GLY A N     1 
ATOM   199  C  CA    . GLY A 1 24  ? 6.088   -3.559  0.416   1.00 16.29 ? 24  GLY A CA    1 
ATOM   200  C  C     . GLY A 1 24  ? 7.295   -4.262  -0.171  1.00 19.07 ? 24  GLY A C     1 
ATOM   201  O  O     . GLY A 1 24  ? 7.760   -3.895  -1.264  1.00 18.48 ? 24  GLY A O     1 
ATOM   202  N  N     . LEU A 1 25  ? 7.822   -5.254  0.540   1.00 17.05 ? 25  LEU A N     1 
ATOM   203  C  CA    . LEU A 1 25  ? 8.972   -5.992  0.044   1.00 16.89 ? 25  LEU A CA    1 
ATOM   204  C  C     . LEU A 1 25  ? 8.542   -6.651  -1.255  1.00 16.48 ? 25  LEU A C     1 
ATOM   205  O  O     . LEU A 1 25  ? 7.352   -6.702  -1.565  1.00 17.52 ? 25  LEU A O     1 
ATOM   206  C  CB    . LEU A 1 25  ? 9.399   -7.074  1.040   1.00 16.58 ? 25  LEU A CB    1 
ATOM   207  C  CG    . LEU A 1 25  ? 9.784   -6.670  2.465   1.00 18.38 ? 25  LEU A CG    1 
ATOM   208  C  CD1   . LEU A 1 25  ? 10.088  -7.930  3.270   1.00 18.23 ? 25  LEU A CD1   1 
ATOM   209  C  CD2   . LEU A 1 25  ? 10.988  -5.745  2.445   1.00 14.44 ? 25  LEU A CD2   1 
ATOM   210  N  N     . ASP A 1 26  ? 9.500   -7.158  -2.018  1.00 15.67 ? 26  ASP A N     1 
ATOM   211  C  CA    . ASP A 1 26  ? 9.154   -7.830  -3.256  1.00 17.82 ? 26  ASP A CA    1 
ATOM   212  C  C     . ASP A 1 26  ? 8.431   -9.130  -2.902  1.00 16.81 ? 26  ASP A C     1 
ATOM   213  O  O     . ASP A 1 26  ? 8.669   -9.720  -1.849  1.00 12.56 ? 26  ASP A O     1 
ATOM   214  C  CB    . ASP A 1 26  ? 10.405  -8.148  -4.061  1.00 22.88 ? 26  ASP A CB    1 
ATOM   215  C  CG    . ASP A 1 26  ? 11.196  -9.275  -3.462  1.00 31.34 ? 26  ASP A CG    1 
ATOM   216  O  OD1   . ASP A 1 26  ? 11.708  -9.104  -2.335  1.00 34.84 ? 26  ASP A OD1   1 
ATOM   217  O  OD2   . ASP A 1 26  ? 11.293  -10.339 -4.116  1.00 38.72 ? 26  ASP A OD2   1 
ATOM   218  N  N     . ALA A 1 27  ? 7.535   -9.552  -3.788  1.00 17.43 ? 27  ALA A N     1 
ATOM   219  C  CA    . ALA A 1 27  ? 6.752   -10.774 -3.634  1.00 16.79 ? 27  ALA A CA    1 
ATOM   220  C  C     . ALA A 1 27  ? 5.666   -10.716 -2.554  1.00 15.94 ? 27  ALA A C     1 
ATOM   221  O  O     . ALA A 1 27  ? 5.120   -11.746 -2.171  1.00 18.55 ? 27  ALA A O     1 
ATOM   222  C  CB    . ALA A 1 27  ? 7.681   -11.962 -3.389  1.00 11.57 ? 27  ALA A CB    1 
ATOM   223  N  N     . ALA A 1 28  ? 5.340   -9.519  -2.076  1.00 14.73 ? 28  ALA A N     1 
ATOM   224  C  CA    . ALA A 1 28  ? 4.298   -9.370  -1.057  1.00 13.57 ? 28  ALA A CA    1 
ATOM   225  C  C     . ALA A 1 28  ? 2.901   -9.438  -1.680  1.00 13.74 ? 28  ALA A C     1 
ATOM   226  O  O     . ALA A 1 28  ? 1.931   -9.803  -1.007  1.00 14.82 ? 28  ALA A O     1 
ATOM   227  C  CB    . ALA A 1 28  ? 4.474   -8.051  -0.312  1.00 7.55  ? 28  ALA A CB    1 
ATOM   228  N  N     . GLY A 1 29  ? 2.808   -9.084  -2.961  1.00 14.75 ? 29  GLY A N     1 
ATOM   229  C  CA    . GLY A 1 29  ? 1.533   -9.109  -3.664  1.00 14.81 ? 29  GLY A CA    1 
ATOM   230  C  C     . GLY A 1 29  ? 1.048   -7.793  -4.269  1.00 16.32 ? 29  GLY A C     1 
ATOM   231  O  O     . GLY A 1 29  ? -0.116  -7.699  -4.672  1.00 17.79 ? 29  GLY A O     1 
ATOM   232  N  N     . LYS A 1 30  ? 1.915   -6.782  -4.341  1.00 13.90 ? 30  LYS A N     1 
ATOM   233  C  CA    . LYS A 1 30  ? 1.548   -5.473  -4.898  1.00 15.46 ? 30  LYS A CA    1 
ATOM   234  C  C     . LYS A 1 30  ? 1.003   -5.509  -6.329  1.00 16.51 ? 30  LYS A C     1 
ATOM   235  O  O     . LYS A 1 30  ? -0.106  -5.042  -6.602  1.00 17.86 ? 30  LYS A O     1 
ATOM   236  C  CB    . LYS A 1 30  ? 2.750   -4.520  -4.850  1.00 10.92 ? 30  LYS A CB    1 
ATOM   237  C  CG    . LYS A 1 30  ? 3.153   -4.111  -3.449  1.00 13.80 ? 30  LYS A CG    1 
ATOM   238  C  CD    . LYS A 1 30  ? 4.336   -3.155  -3.446  1.00 13.17 ? 30  LYS A CD    1 
ATOM   239  C  CE    . LYS A 1 30  ? 5.544   -3.783  -4.095  1.00 13.38 ? 30  LYS A CE    1 
ATOM   240  N  NZ    . LYS A 1 30  ? 5.831   -5.125  -3.527  1.00 14.59 ? 30  LYS A NZ    1 
ATOM   241  N  N     . THR A 1 31  ? 1.798   -6.054  -7.239  1.00 17.26 ? 31  THR A N     1 
ATOM   242  C  CA    . THR A 1 31  ? 1.423   -6.153  -8.640  1.00 18.77 ? 31  THR A CA    1 
ATOM   243  C  C     . THR A 1 31  ? 0.099   -6.909  -8.824  1.00 18.66 ? 31  THR A C     1 
ATOM   244  O  O     . THR A 1 31  ? -0.742  -6.521  -9.643  1.00 19.40 ? 31  THR A O     1 
ATOM   245  C  CB    . THR A 1 31  ? 2.546   -6.858  -9.440  1.00 20.47 ? 31  THR A CB    1 
ATOM   246  O  OG1   . THR A 1 31  ? 3.742   -6.072  -9.373  1.00 20.36 ? 31  THR A OG1   1 
ATOM   247  C  CG2   . THR A 1 31  ? 2.142   -7.053  -10.894 1.00 20.42 ? 31  THR A CG2   1 
ATOM   248  N  N     . THR A 1 32  ? -0.081  -7.985  -8.062  1.00 15.45 ? 32  THR A N     1 
ATOM   249  C  CA    . THR A 1 32  ? -1.299  -8.778  -8.155  1.00 16.59 ? 32  THR A CA    1 
ATOM   250  C  C     . THR A 1 32  ? -2.516  -7.915  -7.862  1.00 16.64 ? 32  THR A C     1 
ATOM   251  O  O     . THR A 1 32  ? -3.496  -7.949  -8.614  1.00 13.84 ? 32  THR A O     1 
ATOM   252  C  CB    . THR A 1 32  ? -1.278  -9.979  -7.177  1.00 17.60 ? 32  THR A CB    1 
ATOM   253  O  OG1   . THR A 1 32  ? -0.173  -10.829 -7.494  1.00 17.33 ? 32  THR A OG1   1 
ATOM   254  C  CG2   . THR A 1 32  ? -2.560  -10.796 -7.297  1.00 16.51 ? 32  THR A CG2   1 
ATOM   255  N  N     . ILE A 1 33  ? -2.443  -7.142  -6.776  1.00 16.44 ? 33  ILE A N     1 
ATOM   256  C  CA    . ILE A 1 33  ? -3.532  -6.249  -6.371  1.00 15.63 ? 33  ILE A CA    1 
ATOM   257  C  C     . ILE A 1 33  ? -3.864  -5.230  -7.467  1.00 17.83 ? 33  ILE A C     1 
ATOM   258  O  O     . ILE A 1 33  ? -5.037  -4.966  -7.729  1.00 16.88 ? 33  ILE A O     1 
ATOM   259  C  CB    . ILE A 1 33  ? -3.180  -5.479  -5.063  1.00 14.04 ? 33  ILE A CB    1 
ATOM   260  C  CG1   . ILE A 1 33  ? -2.949  -6.469  -3.915  1.00 12.78 ? 33  ILE A CG1   1 
ATOM   261  C  CG2   . ILE A 1 33  ? -4.292  -4.505  -4.711  1.00 10.77 ? 33  ILE A CG2   1 
ATOM   262  C  CD1   . ILE A 1 33  ? -2.505  -5.826  -2.619  1.00 4.22  ? 33  ILE A CD1   1 
ATOM   263  N  N     . LEU A 1 34  ? -2.839  -4.664  -8.106  1.00 19.85 ? 34  LEU A N     1 
ATOM   264  C  CA    . LEU A 1 34  ? -3.056  -3.675  -9.165  1.00 21.37 ? 34  LEU A CA    1 
ATOM   265  C  C     . LEU A 1 34  ? -3.839  -4.257  -10.336 1.00 23.39 ? 34  LEU A C     1 
ATOM   266  O  O     . LEU A 1 34  ? -4.735  -3.601  -10.867 1.00 25.89 ? 34  LEU A O     1 
ATOM   267  C  CB    . LEU A 1 34  ? -1.727  -3.109  -9.691  1.00 18.84 ? 34  LEU A CB    1 
ATOM   268  C  CG    . LEU A 1 34  ? -0.894  -2.169  -8.816  1.00 17.64 ? 34  LEU A CG    1 
ATOM   269  C  CD1   . LEU A 1 34  ? 0.343   -1.744  -9.594  1.00 17.32 ? 34  LEU A CD1   1 
ATOM   270  C  CD2   . LEU A 1 34  ? -1.712  -0.947  -8.424  1.00 16.63 ? 34  LEU A CD2   1 
ATOM   271  N  N     . TYR A 1 35  ? -3.497  -5.478  -10.751 1.00 21.97 ? 35  TYR A N     1 
ATOM   272  C  CA    . TYR A 1 35  ? -4.200  -6.114  -11.864 1.00 21.92 ? 35  TYR A CA    1 
ATOM   273  C  C     . TYR A 1 35  ? -5.495  -6.760  -11.404 1.00 21.39 ? 35  TYR A C     1 
ATOM   274  O  O     . TYR A 1 35  ? -6.289  -7.207  -12.224 1.00 25.44 ? 35  TYR A O     1 
ATOM   275  C  CB    . TYR A 1 35  ? -3.342  -7.188  -12.525 1.00 20.29 ? 35  TYR A CB    1 
ATOM   276  C  CG    . TYR A 1 35  ? -2.215  -6.663  -13.371 1.00 22.10 ? 35  TYR A CG    1 
ATOM   277  C  CD1   . TYR A 1 35  ? -2.467  -5.944  -14.542 1.00 22.20 ? 35  TYR A CD1   1 
ATOM   278  C  CD2   . TYR A 1 35  ? -0.890  -6.910  -13.019 1.00 21.21 ? 35  TYR A CD2   1 
ATOM   279  C  CE1   . TYR A 1 35  ? -1.418  -5.487  -15.347 1.00 20.68 ? 35  TYR A CE1   1 
ATOM   280  C  CE2   . TYR A 1 35  ? 0.164   -6.461  -13.811 1.00 22.73 ? 35  TYR A CE2   1 
ATOM   281  C  CZ    . TYR A 1 35  ? -0.103  -5.751  -14.972 1.00 22.77 ? 35  TYR A CZ    1 
ATOM   282  O  OH    . TYR A 1 35  ? 0.947   -5.315  -15.748 1.00 23.91 ? 35  TYR A OH    1 
ATOM   283  N  N     . LYS A 1 36  ? -5.704  -6.821  -10.096 1.00 20.87 ? 36  LYS A N     1 
ATOM   284  C  CA    . LYS A 1 36  ? -6.916  -7.424  -9.569  1.00 23.08 ? 36  LYS A CA    1 
ATOM   285  C  C     . LYS A 1 36  ? -8.042  -6.395  -9.417  1.00 24.30 ? 36  LYS A C     1 
ATOM   286  O  O     . LYS A 1 36  ? -9.209  -6.728  -9.618  1.00 26.74 ? 36  LYS A O     1 
ATOM   287  C  CB    . LYS A 1 36  ? -6.640  -8.089  -8.219  1.00 25.91 ? 36  LYS A CB    1 
ATOM   288  C  CG    . LYS A 1 36  ? -7.559  -9.262  -7.928  1.00 28.66 ? 36  LYS A CG    1 
ATOM   289  C  CD    . LYS A 1 36  ? -7.256  -10.405 -8.881  1.00 33.11 ? 36  LYS A CD    1 
ATOM   290  C  CE    . LYS A 1 36  ? -8.173  -11.598 -8.663  1.00 36.12 ? 36  LYS A CE    1 
ATOM   291  N  NZ    . LYS A 1 36  ? -7.817  -12.715 -9.591  1.00 36.99 ? 36  LYS A NZ    1 
ATOM   292  N  N     . VAL A 1 37  ? -7.701  -5.156  -9.062  1.00 21.95 ? 37  VAL A N     1 
ATOM   293  C  CA    . VAL A 1 37  ? -8.714  -4.113  -8.912  1.00 23.86 ? 37  VAL A CA    1 
ATOM   294  C  C     . VAL A 1 37  ? -9.070  -3.454  -10.248 1.00 25.07 ? 37  VAL A C     1 
ATOM   295  O  O     . VAL A 1 37  ? -10.034 -2.694  -10.330 1.00 26.03 ? 37  VAL A O     1 
ATOM   296  C  CB    . VAL A 1 37  ? -8.261  -3.003  -7.944  1.00 22.07 ? 37  VAL A CB    1 
ATOM   297  C  CG1   . VAL A 1 37  ? -8.090  -3.574  -6.551  1.00 22.14 ? 37  VAL A CG1   1 
ATOM   298  C  CG2   . VAL A 1 37  ? -6.978  -2.373  -8.445  1.00 19.66 ? 37  VAL A CG2   1 
ATOM   299  N  N     . LYS A 1 38  ? -8.283  -3.748  -11.282 1.00 25.09 ? 38  LYS A N     1 
ATOM   300  C  CA    . LYS A 1 38  ? -8.499  -3.216  -12.630 1.00 27.85 ? 38  LYS A CA    1 
ATOM   301  C  C     . LYS A 1 38  ? -9.094  -1.801  -12.637 1.00 26.79 ? 38  LYS A C     1 
ATOM   302  O  O     . LYS A 1 38  ? -10.143 -1.548  -13.239 1.00 23.94 ? 38  LYS A O     1 
ATOM   303  C  CB    . LYS A 1 38  ? -9.394  -4.183  -13.426 1.00 29.74 ? 38  LYS A CB    1 
ATOM   304  C  CG    . LYS A 1 38  ? -10.823 -4.308  -12.889 1.00 39.62 ? 38  LYS A CG    1 
ATOM   305  C  CD    . LYS A 1 38  ? -11.446 -5.675  -13.172 1.00 44.66 ? 38  LYS A CD    1 
ATOM   306  C  CE    . LYS A 1 38  ? -10.800 -6.770  -12.319 1.00 47.87 ? 38  LYS A CE    1 
ATOM   307  N  NZ    . LYS A 1 38  ? -11.408 -8.116  -12.540 1.00 45.88 ? 38  LYS A NZ    1 
ATOM   308  N  N     . LEU A 1 39  ? -8.416  -0.880  -11.959 1.00 25.76 ? 39  LEU A N     1 
ATOM   309  C  CA    . LEU A 1 39  ? -8.875  0.499   -11.895 1.00 27.04 ? 39  LEU A CA    1 
ATOM   310  C  C     . LEU A 1 39  ? -8.368  1.296   -13.090 1.00 27.24 ? 39  LEU A C     1 
ATOM   311  O  O     . LEU A 1 39  ? -8.918  2.344   -13.430 1.00 28.95 ? 39  LEU A O     1 
ATOM   312  C  CB    . LEU A 1 39  ? -8.400  1.152   -10.599 1.00 26.60 ? 39  LEU A CB    1 
ATOM   313  C  CG    . LEU A 1 39  ? -9.030  0.570   -9.335  1.00 29.78 ? 39  LEU A CG    1 
ATOM   314  C  CD1   . LEU A 1 39  ? -8.408  1.213   -8.098  1.00 27.07 ? 39  LEU A CD1   1 
ATOM   315  C  CD2   . LEU A 1 39  ? -10.538 0.809   -9.376  1.00 31.56 ? 39  LEU A CD2   1 
ATOM   316  N  N     . GLY A 1 40  ? -7.321  0.789   -13.728 1.00 25.46 ? 40  GLY A N     1 
ATOM   317  C  CA    . GLY A 1 40  ? -6.756  1.458   -14.881 1.00 23.40 ? 40  GLY A CA    1 
ATOM   318  C  C     . GLY A 1 40  ? -5.539  0.710   -15.378 1.00 22.46 ? 40  GLY A C     1 
ATOM   319  O  O     . GLY A 1 40  ? -5.094  -0.239  -14.743 1.00 23.25 ? 40  GLY A O     1 
ATOM   320  N  N     . GLU A 1 41  ? -5.004  1.133   -16.515 1.00 22.38 ? 41  GLU A N     1 
ATOM   321  C  CA    . GLU A 1 41  ? -3.827  0.495   -17.083 1.00 25.07 ? 41  GLU A CA    1 
ATOM   322  C  C     . GLU A 1 41  ? -2.666  0.518   -16.102 1.00 22.88 ? 41  GLU A C     1 
ATOM   323  O  O     . GLU A 1 41  ? -2.430  1.525   -15.434 1.00 21.89 ? 41  GLU A O     1 
ATOM   324  C  CB    . GLU A 1 41  ? -3.401  1.198   -18.381 1.00 25.78 ? 41  GLU A CB    1 
ATOM   325  C  CG    . GLU A 1 41  ? -1.996  0.815   -18.848 1.00 35.37 ? 41  GLU A CG    1 
ATOM   326  C  CD    . GLU A 1 41  ? -1.620  1.418   -20.198 1.00 42.67 ? 41  GLU A CD    1 
ATOM   327  O  OE1   . GLU A 1 41  ? -1.742  2.654   -20.368 1.00 42.58 ? 41  GLU A OE1   1 
ATOM   328  O  OE2   . GLU A 1 41  ? -1.190  0.649   -21.086 1.00 43.46 ? 41  GLU A OE2   1 
ATOM   329  N  N     . VAL A 1 42  ? -1.947  -0.597  -16.016 1.00 20.66 ? 42  VAL A N     1 
ATOM   330  C  CA    . VAL A 1 42  ? -0.791  -0.682  -15.133 1.00 22.80 ? 42  VAL A CA    1 
ATOM   331  C  C     . VAL A 1 42  ? 0.436   -0.268  -15.935 1.00 23.49 ? 42  VAL A C     1 
ATOM   332  O  O     . VAL A 1 42  ? 1.201   -1.110  -16.401 1.00 27.67 ? 42  VAL A O     1 
ATOM   333  C  CB    . VAL A 1 42  ? -0.589  -2.115  -14.589 1.00 19.65 ? 42  VAL A CB    1 
ATOM   334  C  CG1   . VAL A 1 42  ? 0.711   -2.197  -13.787 1.00 13.15 ? 42  VAL A CG1   1 
ATOM   335  C  CG2   . VAL A 1 42  ? -1.771  -2.502  -13.716 1.00 18.70 ? 42  VAL A CG2   1 
ATOM   336  N  N     . VAL A 1 43  ? 0.605   1.036   -16.112 1.00 23.33 ? 43  VAL A N     1 
ATOM   337  C  CA    . VAL A 1 43  ? 1.738   1.554   -16.863 1.00 21.42 ? 43  VAL A CA    1 
ATOM   338  C  C     . VAL A 1 43  ? 3.015   1.357   -16.067 1.00 22.67 ? 43  VAL A C     1 
ATOM   339  O  O     . VAL A 1 43  ? 3.103   1.765   -14.914 1.00 24.09 ? 43  VAL A O     1 
ATOM   340  C  CB    . VAL A 1 43  ? 1.577   3.046   -17.153 1.00 19.88 ? 43  VAL A CB    1 
ATOM   341  C  CG1   . VAL A 1 43  ? 2.723   3.518   -18.032 1.00 13.46 ? 43  VAL A CG1   1 
ATOM   342  C  CG2   . VAL A 1 43  ? 0.222   3.303   -17.809 1.00 11.34 ? 43  VAL A CG2   1 
ATOM   343  N  N     . THR A 1 44  ? 4.003   0.730   -16.692 1.00 22.51 ? 44  THR A N     1 
ATOM   344  C  CA    . THR A 1 44  ? 5.273   0.465   -16.039 1.00 20.48 ? 44  THR A CA    1 
ATOM   345  C  C     . THR A 1 44  ? 6.355   1.381   -16.581 1.00 19.92 ? 44  THR A C     1 
ATOM   346  O  O     . THR A 1 44  ? 6.411   1.642   -17.779 1.00 21.40 ? 44  THR A O     1 
ATOM   347  C  CB    . THR A 1 44  ? 5.716   -0.977  -16.283 1.00 21.64 ? 44  THR A CB    1 
ATOM   348  O  OG1   . THR A 1 44  ? 6.152   -1.109  -17.641 1.00 30.26 ? 44  THR A OG1   1 
ATOM   349  C  CG2   . THR A 1 44  ? 4.561   -1.931  -16.057 1.00 19.89 ? 44  THR A CG2   1 
ATOM   350  N  N     . THR A 1 45  ? 7.216   1.862   -15.695 1.00 18.26 ? 45  THR A N     1 
ATOM   351  C  CA    . THR A 1 45  ? 8.314   2.731   -16.088 1.00 18.59 ? 45  THR A CA    1 
ATOM   352  C  C     . THR A 1 45  ? 9.579   2.308   -15.362 1.00 18.71 ? 45  THR A C     1 
ATOM   353  O  O     . THR A 1 45  ? 9.521   1.612   -14.353 1.00 19.89 ? 45  THR A O     1 
ATOM   354  C  CB    . THR A 1 45  ? 8.027   4.186   -15.730 1.00 17.39 ? 45  THR A CB    1 
ATOM   355  O  OG1   . THR A 1 45  ? 7.441   4.234   -14.427 1.00 23.28 ? 45  THR A OG1   1 
ATOM   356  C  CG2   . THR A 1 45  ? 7.088   4.820   -16.752 1.00 14.30 ? 45  THR A CG2   1 
ATOM   357  N  N     . ILE A 1 46  ? 10.722  2.737   -15.878 1.00 17.68 ? 46  ILE A N     1 
ATOM   358  C  CA    . ILE A 1 46  ? 12.005  2.399   -15.276 1.00 17.43 ? 46  ILE A CA    1 
ATOM   359  C  C     . ILE A 1 46  ? 12.814  3.681   -15.092 1.00 18.38 ? 46  ILE A C     1 
ATOM   360  O  O     . ILE A 1 46  ? 13.700  3.982   -15.888 1.00 22.47 ? 46  ILE A O     1 
ATOM   361  C  CB    . ILE A 1 46  ? 12.785  1.416   -16.181 1.00 12.62 ? 46  ILE A CB    1 
ATOM   362  C  CG1   . ILE A 1 46  ? 11.910  0.201   -16.480 1.00 13.48 ? 46  ILE A CG1   1 
ATOM   363  C  CG2   . ILE A 1 46  ? 14.066  0.973   -15.502 1.00 10.87 ? 46  ILE A CG2   1 
ATOM   364  C  CD1   . ILE A 1 46  ? 12.573  -0.848  -17.334 1.00 16.43 ? 46  ILE A CD1   1 
ATOM   365  N  N     . PRO A 1 47  ? 12.519  4.453   -14.034 1.00 19.57 ? 47  PRO A N     1 
ATOM   366  C  CA    . PRO A 1 47  ? 13.232  5.707   -13.770 1.00 21.18 ? 47  PRO A CA    1 
ATOM   367  C  C     . PRO A 1 47  ? 14.736  5.595   -13.976 1.00 21.98 ? 47  PRO A C     1 
ATOM   368  O  O     . PRO A 1 47  ? 15.338  6.401   -14.686 1.00 22.58 ? 47  PRO A O     1 
ATOM   369  C  CB    . PRO A 1 47  ? 12.852  6.010   -12.328 1.00 20.19 ? 47  PRO A CB    1 
ATOM   370  C  CG    . PRO A 1 47  ? 11.418  5.526   -12.287 1.00 21.28 ? 47  PRO A CG    1 
ATOM   371  C  CD    . PRO A 1 47  ? 11.529  4.181   -12.976 1.00 21.10 ? 47  PRO A CD    1 
ATOM   372  N  N     . THR A 1 48  ? 15.331  4.587   -13.350 1.00 19.92 ? 48  THR A N     1 
ATOM   373  C  CA    . THR A 1 48  ? 16.759  4.339   -13.464 1.00 18.50 ? 48  THR A CA    1 
ATOM   374  C  C     . THR A 1 48  ? 17.006  2.819   -13.485 1.00 19.71 ? 48  THR A C     1 
ATOM   375  O  O     . THR A 1 48  ? 16.342  2.058   -12.781 1.00 14.34 ? 48  THR A O     1 
ATOM   376  C  CB    . THR A 1 48  ? 17.532  5.001   -12.300 1.00 14.70 ? 48  THR A CB    1 
ATOM   377  O  OG1   . THR A 1 48  ? 18.919  4.653   -12.389 1.00 17.73 ? 48  THR A OG1   1 
ATOM   378  C  CG2   . THR A 1 48  ? 16.988  4.541   -10.959 1.00 13.99 ? 48  THR A CG2   1 
ATOM   379  N  N     . ILE A 1 49  ? 17.958  2.389   -14.307 1.00 21.97 ? 49  ILE A N     1 
ATOM   380  C  CA    . ILE A 1 49  ? 18.277  0.975   -14.450 1.00 24.41 ? 49  ILE A CA    1 
ATOM   381  C  C     . ILE A 1 49  ? 18.123  0.186   -13.154 1.00 25.81 ? 49  ILE A C     1 
ATOM   382  O  O     . ILE A 1 49  ? 18.777  0.481   -12.156 1.00 25.96 ? 49  ILE A O     1 
ATOM   383  C  CB    . ILE A 1 49  ? 19.709  0.796   -14.995 1.00 27.79 ? 49  ILE A CB    1 
ATOM   384  C  CG1   . ILE A 1 49  ? 19.799  1.448   -16.380 1.00 26.97 ? 49  ILE A CG1   1 
ATOM   385  C  CG2   . ILE A 1 49  ? 20.074  -0.697  -15.059 1.00 24.78 ? 49  ILE A CG2   1 
ATOM   386  C  CD1   . ILE A 1 49  ? 21.157  1.368   -17.022 1.00 27.93 ? 49  ILE A CD1   1 
ATOM   387  N  N     . GLY A 1 50  ? 17.239  -0.811  -13.175 1.00 24.40 ? 50  GLY A N     1 
ATOM   388  C  CA    . GLY A 1 50  ? 17.030  -1.632  -11.999 1.00 21.58 ? 50  GLY A CA    1 
ATOM   389  C  C     . GLY A 1 50  ? 15.894  -1.216  -11.082 1.00 19.90 ? 50  GLY A C     1 
ATOM   390  O  O     . GLY A 1 50  ? 15.478  -2.000  -10.235 1.00 19.37 ? 50  GLY A O     1 
ATOM   391  N  N     . PHE A 1 51  ? 15.394  0.008   -11.230 1.00 18.44 ? 51  PHE A N     1 
ATOM   392  C  CA    . PHE A 1 51  ? 14.290  0.489   -10.396 1.00 14.88 ? 51  PHE A CA    1 
ATOM   393  C  C     . PHE A 1 51  ? 12.980  0.443   -11.185 1.00 15.28 ? 51  PHE A C     1 
ATOM   394  O  O     . PHE A 1 51  ? 12.774  1.219   -12.119 1.00 14.56 ? 51  PHE A O     1 
ATOM   395  C  CB    . PHE A 1 51  ? 14.565  1.920   -9.934  1.00 13.10 ? 51  PHE A CB    1 
ATOM   396  C  CG    . PHE A 1 51  ? 13.504  2.479   -9.026  1.00 13.59 ? 51  PHE A CG    1 
ATOM   397  C  CD1   . PHE A 1 51  ? 13.134  1.800   -7.867  1.00 11.17 ? 51  PHE A CD1   1 
ATOM   398  C  CD2   . PHE A 1 51  ? 12.886  3.691   -9.321  1.00 10.55 ? 51  PHE A CD2   1 
ATOM   399  C  CE1   . PHE A 1 51  ? 12.162  2.318   -7.010  1.00 10.95 ? 51  PHE A CE1   1 
ATOM   400  C  CE2   . PHE A 1 51  ? 11.909  4.222   -8.469  1.00 13.02 ? 51  PHE A CE2   1 
ATOM   401  C  CZ    . PHE A 1 51  ? 11.547  3.533   -7.310  1.00 10.86 ? 51  PHE A CZ    1 
ATOM   402  N  N     . ASN A 1 52  ? 12.087  -0.460  -10.804 1.00 15.76 ? 52  ASN A N     1 
ATOM   403  C  CA    . ASN A 1 52  ? 10.828  -0.590  -11.518 1.00 17.69 ? 52  ASN A CA    1 
ATOM   404  C  C     . ASN A 1 52  ? 9.630   -0.007  -10.787 1.00 19.71 ? 52  ASN A C     1 
ATOM   405  O  O     . ASN A 1 52  ? 9.365   -0.331  -9.629  1.00 21.31 ? 52  ASN A O     1 
ATOM   406  C  CB    . ASN A 1 52  ? 10.572  -2.058  -11.856 1.00 20.08 ? 52  ASN A CB    1 
ATOM   407  C  CG    . ASN A 1 52  ? 11.574  -2.604  -12.859 1.00 25.02 ? 52  ASN A CG    1 
ATOM   408  O  OD1   . ASN A 1 52  ? 11.642  -2.138  -13.998 1.00 27.27 ? 52  ASN A OD1   1 
ATOM   409  N  ND2   . ASN A 1 52  ? 12.363  -3.584  -12.438 1.00 24.68 ? 52  ASN A ND2   1 
ATOM   410  N  N     . VAL A 1 53  ? 8.902   0.857   -11.484 1.00 17.91 ? 53  VAL A N     1 
ATOM   411  C  CA    . VAL A 1 53  ? 7.730   1.491   -10.916 1.00 18.73 ? 53  VAL A CA    1 
ATOM   412  C  C     . VAL A 1 53  ? 6.487   1.203   -11.755 1.00 20.41 ? 53  VAL A C     1 
ATOM   413  O  O     . VAL A 1 53  ? 6.533   1.207   -12.985 1.00 21.89 ? 53  VAL A O     1 
ATOM   414  C  CB    . VAL A 1 53  ? 7.933   3.019   -10.815 1.00 18.90 ? 53  VAL A CB    1 
ATOM   415  C  CG1   . VAL A 1 53  ? 6.660   3.690   -10.312 1.00 16.53 ? 53  VAL A CG1   1 
ATOM   416  C  CG2   . VAL A 1 53  ? 9.099   3.324   -9.881  1.00 14.98 ? 53  VAL A CG2   1 
ATOM   417  N  N     . GLU A 1 54  ? 5.380   0.932   -11.078 1.00 19.43 ? 54  GLU A N     1 
ATOM   418  C  CA    . GLU A 1 54  ? 4.119   0.680   -11.752 1.00 19.14 ? 54  GLU A CA    1 
ATOM   419  C  C     . GLU A 1 54  ? 3.218   1.845   -11.395 1.00 18.29 ? 54  GLU A C     1 
ATOM   420  O  O     . GLU A 1 54  ? 3.137   2.236   -10.235 1.00 17.34 ? 54  GLU A O     1 
ATOM   421  C  CB    . GLU A 1 54  ? 3.486   -0.610  -11.250 1.00 17.21 ? 54  GLU A CB    1 
ATOM   422  C  CG    . GLU A 1 54  ? 4.335   -1.836  -11.446 1.00 22.35 ? 54  GLU A CG    1 
ATOM   423  C  CD    . GLU A 1 54  ? 3.878   -2.983  -10.572 1.00 23.26 ? 54  GLU A CD    1 
ATOM   424  O  OE1   . GLU A 1 54  ? 3.755   -2.782  -9.344  1.00 28.38 ? 54  GLU A OE1   1 
ATOM   425  O  OE2   . GLU A 1 54  ? 3.650   -4.085  -11.107 1.00 25.92 ? 54  GLU A OE2   1 
ATOM   426  N  N     . THR A 1 55  ? 2.547   2.406   -12.388 1.00 18.58 ? 55  THR A N     1 
ATOM   427  C  CA    . THR A 1 55  ? 1.647   3.516   -12.132 1.00 22.59 ? 55  THR A CA    1 
ATOM   428  C  C     . THR A 1 55  ? 0.258   3.261   -12.707 1.00 24.11 ? 55  THR A C     1 
ATOM   429  O  O     . THR A 1 55  ? 0.113   2.847   -13.861 1.00 25.98 ? 55  THR A O     1 
ATOM   430  C  CB    . THR A 1 55  ? 2.205   4.835   -12.718 1.00 22.83 ? 55  THR A CB    1 
ATOM   431  O  OG1   . THR A 1 55  ? 3.345   5.257   -11.954 1.00 24.58 ? 55  THR A OG1   1 
ATOM   432  C  CG2   . THR A 1 55  ? 1.148   5.923   -12.675 1.00 28.23 ? 55  THR A CG2   1 
ATOM   433  N  N     . VAL A 1 56  ? -0.759  3.492   -11.883 1.00 22.94 ? 56  VAL A N     1 
ATOM   434  C  CA    . VAL A 1 56  ? -2.144  3.333   -12.303 1.00 20.19 ? 56  VAL A CA    1 
ATOM   435  C  C     . VAL A 1 56  ? -2.849  4.652   -12.010 1.00 22.32 ? 56  VAL A C     1 
ATOM   436  O  O     . VAL A 1 56  ? -2.824  5.145   -10.879 1.00 21.06 ? 56  VAL A O     1 
ATOM   437  C  CB    . VAL A 1 56  ? -2.868  2.223   -11.524 1.00 22.10 ? 56  VAL A CB    1 
ATOM   438  C  CG1   . VAL A 1 56  ? -4.275  2.027   -12.099 1.00 22.15 ? 56  VAL A CG1   1 
ATOM   439  C  CG2   . VAL A 1 56  ? -2.080  0.935   -11.587 1.00 23.08 ? 56  VAL A CG2   1 
ATOM   440  N  N     . GLU A 1 57  ? -3.471  5.226   -13.032 1.00 21.96 ? 57  GLU A N     1 
ATOM   441  C  CA    . GLU A 1 57  ? -4.176  6.483   -12.877 1.00 21.97 ? 57  GLU A CA    1 
ATOM   442  C  C     . GLU A 1 57  ? -5.580  6.410   -13.455 1.00 21.53 ? 57  GLU A C     1 
ATOM   443  O  O     . GLU A 1 57  ? -5.811  5.783   -14.489 1.00 23.88 ? 57  GLU A O     1 
ATOM   444  C  CB    . GLU A 1 57  ? -3.402  7.607   -13.562 1.00 24.02 ? 57  GLU A CB    1 
ATOM   445  C  CG    . GLU A 1 57  ? -1.960  7.726   -13.119 1.00 32.10 ? 57  GLU A CG    1 
ATOM   446  C  CD    . GLU A 1 57  ? -1.271  8.949   -13.694 1.00 36.83 ? 57  GLU A CD    1 
ATOM   447  O  OE1   . GLU A 1 57  ? -1.355  9.149   -14.925 1.00 34.87 ? 57  GLU A OE1   1 
ATOM   448  O  OE2   . GLU A 1 57  ? -0.644  9.704   -12.915 1.00 40.86 ? 57  GLU A OE2   1 
ATOM   449  N  N     . PHE A 1 58  ? -6.518  7.048   -12.769 1.00 18.65 ? 58  PHE A N     1 
ATOM   450  C  CA    . PHE A 1 58  ? -7.906  7.097   -13.202 1.00 17.63 ? 58  PHE A CA    1 
ATOM   451  C  C     . PHE A 1 58  ? -8.510  8.320   -12.533 1.00 18.62 ? 58  PHE A C     1 
ATOM   452  O  O     . PHE A 1 58  ? -8.422  8.474   -11.313 1.00 17.19 ? 58  PHE A O     1 
ATOM   453  C  CB    . PHE A 1 58  ? -8.655  5.813   -12.817 1.00 17.09 ? 58  PHE A CB    1 
ATOM   454  C  CG    . PHE A 1 58  ? -8.588  5.469   -11.361 1.00 18.28 ? 58  PHE A CG    1 
ATOM   455  C  CD1   . PHE A 1 58  ? -7.381  5.112   -10.767 1.00 20.46 ? 58  PHE A CD1   1 
ATOM   456  C  CD2   . PHE A 1 58  ? -9.745  5.456   -10.588 1.00 21.89 ? 58  PHE A CD2   1 
ATOM   457  C  CE1   . PHE A 1 58  ? -7.325  4.742   -9.424  1.00 19.88 ? 58  PHE A CE1   1 
ATOM   458  C  CE2   . PHE A 1 58  ? -9.704  5.084   -9.238  1.00 23.12 ? 58  PHE A CE2   1 
ATOM   459  C  CZ    . PHE A 1 58  ? -8.495  4.726   -8.657  1.00 23.00 ? 58  PHE A CZ    1 
ATOM   460  N  N     . ARG A 1 59  ? -9.106  9.198   -13.339 1.00 19.63 ? 59  ARG A N     1 
ATOM   461  C  CA    . ARG A 1 59  ? -9.676  10.443  -12.833 1.00 19.10 ? 59  ARG A CA    1 
ATOM   462  C  C     . ARG A 1 59  ? -8.611  11.210  -12.048 1.00 19.25 ? 59  ARG A C     1 
ATOM   463  O  O     . ARG A 1 59  ? -7.468  11.315  -12.494 1.00 18.31 ? 59  ARG A O     1 
ATOM   464  C  CB    . ARG A 1 59  ? -10.903 10.167  -11.954 1.00 20.56 ? 59  ARG A CB    1 
ATOM   465  C  CG    . ARG A 1 59  ? -12.163 9.832   -12.762 1.00 20.86 ? 59  ARG A CG    1 
ATOM   466  C  CD    . ARG A 1 59  ? -12.494 8.363   -12.704 1.00 21.46 ? 59  ARG A CD    1 
ATOM   467  N  NE    . ARG A 1 59  ? -12.999 7.987   -11.389 1.00 21.98 ? 59  ARG A NE    1 
ATOM   468  C  CZ    . ARG A 1 59  ? -13.244 6.738   -11.011 1.00 18.86 ? 59  ARG A CZ    1 
ATOM   469  N  NH1   . ARG A 1 59  ? -13.030 5.731   -11.846 1.00 18.63 ? 59  ARG A NH1   1 
ATOM   470  N  NH2   . ARG A 1 59  ? -13.693 6.500   -9.791  1.00 17.58 ? 59  ARG A NH2   1 
ATOM   471  N  N     . ASN A 1 60  ? -8.977  11.730  -10.880 1.00 19.47 ? 60  ASN A N     1 
ATOM   472  C  CA    . ASN A 1 60  ? -8.049  12.496  -10.042 1.00 17.48 ? 60  ASN A CA    1 
ATOM   473  C  C     . ASN A 1 60  ? -7.227  11.621  -9.088  1.00 19.19 ? 60  ASN A C     1 
ATOM   474  O  O     . ASN A 1 60  ? -6.586  12.138  -8.174  1.00 20.40 ? 60  ASN A O     1 
ATOM   475  C  CB    . ASN A 1 60  ? -8.826  13.507  -9.212  1.00 14.07 ? 60  ASN A CB    1 
ATOM   476  C  CG    . ASN A 1 60  ? -9.719  12.836  -8.197  1.00 17.02 ? 60  ASN A CG    1 
ATOM   477  O  OD1   . ASN A 1 60  ? -10.324 11.816  -8.490  1.00 13.91 ? 60  ASN A OD1   1 
ATOM   478  N  ND2   . ASN A 1 60  ? -9.810  13.402  -7.002  1.00 19.33 ? 60  ASN A ND2   1 
ATOM   479  N  N     . ILE A 1 61  ? -7.244  10.306  -9.291  1.00 18.45 ? 61  ILE A N     1 
ATOM   480  C  CA    . ILE A 1 61  ? -6.506  9.390   -8.424  1.00 17.74 ? 61  ILE A CA    1 
ATOM   481  C  C     . ILE A 1 61  ? -5.312  8.729   -9.119  1.00 18.85 ? 61  ILE A C     1 
ATOM   482  O  O     . ILE A 1 61  ? -5.366  8.400   -10.310 1.00 16.54 ? 61  ILE A O     1 
ATOM   483  C  CB    . ILE A 1 61  ? -7.435  8.258   -7.866  1.00 15.45 ? 61  ILE A CB    1 
ATOM   484  C  CG1   . ILE A 1 61  ? -8.389  8.806   -6.800  1.00 17.11 ? 61  ILE A CG1   1 
ATOM   485  C  CG2   . ILE A 1 61  ? -6.611  7.181   -7.213  1.00 15.38 ? 61  ILE A CG2   1 
ATOM   486  C  CD1   . ILE A 1 61  ? -9.575  9.517   -7.332  1.00 15.46 ? 61  ILE A CD1   1 
ATOM   487  N  N     . SER A 1 62  ? -4.230  8.533   -8.371  1.00 19.05 ? 62  SER A N     1 
ATOM   488  C  CA    . SER A 1 62  ? -3.054  7.872   -8.925  1.00 19.83 ? 62  SER A CA    1 
ATOM   489  C  C     . SER A 1 62  ? -2.345  6.989   -7.897  1.00 20.36 ? 62  SER A C     1 
ATOM   490  O  O     . SER A 1 62  ? -2.225  7.340   -6.720  1.00 18.46 ? 62  SER A O     1 
ATOM   491  C  CB    . SER A 1 62  ? -2.059  8.895   -9.475  1.00 17.89 ? 62  SER A CB    1 
ATOM   492  O  OG    . SER A 1 62  ? -1.198  9.362   -8.458  1.00 17.25 ? 62  SER A OG    1 
ATOM   493  N  N     . PHE A 1 63  ? -1.890  5.831   -8.360  1.00 22.07 ? 63  PHE A N     1 
ATOM   494  C  CA    . PHE A 1 63  ? -1.157  4.888   -7.525  1.00 19.64 ? 63  PHE A CA    1 
ATOM   495  C  C     . PHE A 1 63  ? 0.255   4.839   -8.073  1.00 17.59 ? 63  PHE A C     1 
ATOM   496  O  O     . PHE A 1 63  ? 0.456   4.854   -9.289  1.00 22.23 ? 63  PHE A O     1 
ATOM   497  C  CB    . PHE A 1 63  ? -1.744  3.480   -7.627  1.00 18.03 ? 63  PHE A CB    1 
ATOM   498  C  CG    . PHE A 1 63  ? -3.027  3.295   -6.896  1.00 18.74 ? 63  PHE A CG    1 
ATOM   499  C  CD1   . PHE A 1 63  ? -4.135  4.076   -7.192  1.00 22.38 ? 63  PHE A CD1   1 
ATOM   500  C  CD2   . PHE A 1 63  ? -3.139  2.309   -5.920  1.00 24.50 ? 63  PHE A CD2   1 
ATOM   501  C  CE1   . PHE A 1 63  ? -5.349  3.878   -6.526  1.00 22.79 ? 63  PHE A CE1   1 
ATOM   502  C  CE2   . PHE A 1 63  ? -4.346  2.100   -5.246  1.00 23.48 ? 63  PHE A CE2   1 
ATOM   503  C  CZ    . PHE A 1 63  ? -5.453  2.887   -5.551  1.00 24.26 ? 63  PHE A CZ    1 
ATOM   504  N  N     . THR A 1 64  ? 1.233   4.786   -7.183  1.00 15.49 ? 64  THR A N     1 
ATOM   505  C  CA    . THR A 1 64  ? 2.629   4.693   -7.583  1.00 12.64 ? 64  THR A CA    1 
ATOM   506  C  C     . THR A 1 64  ? 3.109   3.506   -6.765  1.00 12.94 ? 64  THR A C     1 
ATOM   507  O  O     . THR A 1 64  ? 3.067   3.530   -5.533  1.00 16.07 ? 64  THR A O     1 
ATOM   508  C  CB    . THR A 1 64  ? 3.407   5.965   -7.210  1.00 15.44 ? 64  THR A CB    1 
ATOM   509  O  OG1   . THR A 1 64  ? 2.688   7.113   -7.674  1.00 11.80 ? 64  THR A OG1   1 
ATOM   510  C  CG2   . THR A 1 64  ? 4.785   5.953   -7.854  1.00 15.13 ? 64  THR A CG2   1 
ATOM   511  N  N     . VAL A 1 65  ? 3.546   2.460   -7.450  1.00 11.17 ? 65  VAL A N     1 
ATOM   512  C  CA    . VAL A 1 65  ? 3.955   1.241   -6.776  1.00 10.70 ? 65  VAL A CA    1 
ATOM   513  C  C     . VAL A 1 65  ? 5.382   0.806   -7.065  1.00 13.09 ? 65  VAL A C     1 
ATOM   514  O  O     . VAL A 1 65  ? 5.827   0.820   -8.211  1.00 18.59 ? 65  VAL A O     1 
ATOM   515  C  CB    . VAL A 1 65  ? 3.006   0.087   -7.168  1.00 13.25 ? 65  VAL A CB    1 
ATOM   516  C  CG1   . VAL A 1 65  ? 3.270   -1.128  -6.291  1.00 15.24 ? 65  VAL A CG1   1 
ATOM   517  C  CG2   . VAL A 1 65  ? 1.556   0.544   -7.063  1.00 8.66  ? 65  VAL A CG2   1 
ATOM   518  N  N     . TRP A 1 66  ? 6.094   0.414   -6.016  1.00 12.57 ? 66  TRP A N     1 
ATOM   519  C  CA    . TRP A 1 66  ? 7.470   -0.055  -6.144  1.00 12.27 ? 66  TRP A CA    1 
ATOM   520  C  C     . TRP A 1 66  ? 7.831   -0.898  -4.924  1.00 10.92 ? 66  TRP A C     1 
ATOM   521  O  O     . TRP A 1 66  ? 7.207   -0.777  -3.866  1.00 6.87  ? 66  TRP A O     1 
ATOM   522  C  CB    . TRP A 1 66  ? 8.438   1.125   -6.278  1.00 10.36 ? 66  TRP A CB    1 
ATOM   523  C  CG    . TRP A 1 66  ? 8.633   1.931   -5.023  1.00 11.62 ? 66  TRP A CG    1 
ATOM   524  C  CD1   . TRP A 1 66  ? 9.544   1.697   -4.031  1.00 9.39  ? 66  TRP A CD1   1 
ATOM   525  C  CD2   . TRP A 1 66  ? 7.917   3.117   -4.639  1.00 13.62 ? 66  TRP A CD2   1 
ATOM   526  N  NE1   . TRP A 1 66  ? 9.445   2.665   -3.056  1.00 9.24  ? 66  TRP A NE1   1 
ATOM   527  C  CE2   . TRP A 1 66  ? 8.455   3.547   -3.403  1.00 12.73 ? 66  TRP A CE2   1 
ATOM   528  C  CE3   . TRP A 1 66  ? 6.873   3.856   -5.219  1.00 15.26 ? 66  TRP A CE3   1 
ATOM   529  C  CZ2   . TRP A 1 66  ? 7.984   4.689   -2.736  1.00 12.48 ? 66  TRP A CZ2   1 
ATOM   530  C  CZ3   . TRP A 1 66  ? 6.405   4.993   -4.553  1.00 14.70 ? 66  TRP A CZ3   1 
ATOM   531  C  CH2   . TRP A 1 66  ? 6.963   5.395   -3.325  1.00 12.20 ? 66  TRP A CH2   1 
ATOM   532  N  N     . ASP A 1 67  ? 8.843   -1.745  -5.078  1.00 8.78  ? 67  ASP A N     1 
ATOM   533  C  CA    . ASP A 1 67  ? 9.279   -2.620  -4.008  1.00 12.10 ? 67  ASP A CA    1 
ATOM   534  C  C     . ASP A 1 67  ? 10.277  -1.950  -3.068  1.00 13.18 ? 67  ASP A C     1 
ATOM   535  O  O     . ASP A 1 67  ? 11.189  -1.252  -3.509  1.00 13.09 ? 67  ASP A O     1 
ATOM   536  C  CB    . ASP A 1 67  ? 9.899   -3.886  -4.604  1.00 11.13 ? 67  ASP A CB    1 
ATOM   537  C  CG    . ASP A 1 67  ? 8.999   -4.541  -5.633  1.00 15.92 ? 67  ASP A CG    1 
ATOM   538  O  OD1   . ASP A 1 67  ? 7.802   -4.730  -5.337  1.00 18.45 ? 67  ASP A OD1   1 
ATOM   539  O  OD2   . ASP A 1 67  ? 9.477   -4.864  -6.738  1.00 16.44 ? 67  ASP A OD2   1 
ATOM   540  N  N     . VAL A 1 68  ? 10.090  -2.152  -1.766  1.00 13.59 ? 68  VAL A N     1 
ATOM   541  C  CA    . VAL A 1 68  ? 11.004  -1.587  -0.782  1.00 16.90 ? 68  VAL A CA    1 
ATOM   542  C  C     . VAL A 1 68  ? 11.774  -2.741  -0.173  1.00 18.15 ? 68  VAL A C     1 
ATOM   543  O  O     . VAL A 1 68  ? 11.465  -3.901  -0.441  1.00 15.23 ? 68  VAL A O     1 
ATOM   544  C  CB    . VAL A 1 68  ? 10.263  -0.812  0.353   1.00 13.54 ? 68  VAL A CB    1 
ATOM   545  C  CG1   . VAL A 1 68  ? 9.542   0.381   -0.218  1.00 12.07 ? 68  VAL A CG1   1 
ATOM   546  C  CG2   . VAL A 1 68  ? 9.294   -1.722  1.073   1.00 9.52  ? 68  VAL A CG2   1 
ATOM   547  N  N     . GLY A 1 69  ? 12.782  -2.413  0.633   1.00 24.48 ? 69  GLY A N     1 
ATOM   548  C  CA    . GLY A 1 69  ? 13.590  -3.430  1.280   1.00 31.64 ? 69  GLY A CA    1 
ATOM   549  C  C     . GLY A 1 69  ? 14.511  -4.180  0.336   1.00 39.64 ? 69  GLY A C     1 
ATOM   550  O  O     . GLY A 1 69  ? 14.932  -5.296  0.641   1.00 42.01 ? 69  GLY A O     1 
ATOM   551  N  N     . GLY A 1 70  ? 14.827  -3.582  -0.810  1.00 44.31 ? 70  GLY A N     1 
ATOM   552  C  CA    . GLY A 1 70  ? 15.711  -4.241  -1.758  1.00 52.30 ? 70  GLY A CA    1 
ATOM   553  C  C     . GLY A 1 70  ? 17.169  -3.958  -1.433  1.00 57.59 ? 70  GLY A C     1 
ATOM   554  O  O     . GLY A 1 70  ? 17.776  -4.624  -0.586  1.00 58.08 ? 70  GLY A O     1 
ATOM   555  N  N     . GLN A 1 71  ? 17.736  -2.974  -2.123  1.00 60.26 ? 71  GLN A N     1 
ATOM   556  C  CA    . GLN A 1 71  ? 19.114  -2.561  -1.894  1.00 62.69 ? 71  GLN A CA    1 
ATOM   557  C  C     . GLN A 1 71  ? 18.988  -1.221  -1.172  1.00 63.72 ? 71  GLN A C     1 
ATOM   558  O  O     . GLN A 1 71  ? 18.959  -0.167  -1.807  1.00 63.09 ? 71  GLN A O     1 
ATOM   559  C  CB    . GLN A 1 71  ? 19.846  -2.396  -3.231  1.00 64.09 ? 71  GLN A CB    1 
ATOM   560  C  CG    . GLN A 1 71  ? 21.284  -1.884  -3.133  1.00 68.36 ? 71  GLN A CG    1 
ATOM   561  C  CD    . GLN A 1 71  ? 22.207  -2.822  -2.373  1.00 72.30 ? 71  GLN A CD    1 
ATOM   562  O  OE1   . GLN A 1 71  ? 22.060  -3.013  -1.164  1.00 75.70 ? 71  GLN A OE1   1 
ATOM   563  N  NE2   . GLN A 1 71  ? 23.168  -3.416  -3.082  1.00 70.82 ? 71  GLN A NE2   1 
ATOM   564  N  N     . ASP A 1 72  ? 18.883  -1.270  0.156   1.00 64.83 ? 72  ASP A N     1 
ATOM   565  C  CA    . ASP A 1 72  ? 18.731  -0.060  0.956   1.00 65.45 ? 72  ASP A CA    1 
ATOM   566  C  C     . ASP A 1 72  ? 19.918  0.890   0.857   1.00 65.11 ? 72  ASP A C     1 
ATOM   567  O  O     . ASP A 1 72  ? 20.676  1.096   1.804   1.00 65.17 ? 72  ASP A O     1 
ATOM   568  C  CB    . ASP A 1 72  ? 18.434  -0.407  2.425   1.00 67.06 ? 72  ASP A CB    1 
ATOM   569  C  CG    . ASP A 1 72  ? 19.415  -1.403  3.013   1.00 66.83 ? 72  ASP A CG    1 
ATOM   570  O  OD1   . ASP A 1 72  ? 20.614  -1.073  3.128   1.00 63.47 ? 72  ASP A OD1   1 
ATOM   571  O  OD2   . ASP A 1 72  ? 18.971  -2.519  3.367   1.00 67.15 ? 72  ASP A OD2   1 
ATOM   572  N  N     . LYS A 1 73  ? 20.051  1.467   -0.328  1.00 64.42 ? 73  LYS A N     1 
ATOM   573  C  CA    . LYS A 1 73  ? 21.091  2.423   -0.652  1.00 61.72 ? 73  LYS A CA    1 
ATOM   574  C  C     . LYS A 1 73  ? 20.500  3.098   -1.883  1.00 59.45 ? 73  LYS A C     1 
ATOM   575  O  O     . LYS A 1 73  ? 21.124  3.932   -2.539  1.00 59.84 ? 73  LYS A O     1 
ATOM   576  C  CB    . LYS A 1 73  ? 22.394  1.702   -0.994  1.00 62.65 ? 73  LYS A CB    1 
ATOM   577  C  CG    . LYS A 1 73  ? 23.638  2.518   -0.690  1.00 63.38 ? 73  LYS A CG    1 
ATOM   578  C  CD    . LYS A 1 73  ? 23.773  2.770   0.805   1.00 63.57 ? 73  LYS A CD    1 
ATOM   579  C  CE    . LYS A 1 73  ? 25.039  3.546   1.125   1.00 63.49 ? 73  LYS A CE    1 
ATOM   580  N  NZ    . LYS A 1 73  ? 25.273  3.659   2.595   1.00 62.44 ? 73  LYS A NZ    1 
ATOM   581  N  N     . ILE A 1 74  ? 19.270  2.695   -2.182  1.00 56.32 ? 74  ILE A N     1 
ATOM   582  C  CA    . ILE A 1 74  ? 18.505  3.226   -3.293  1.00 52.67 ? 74  ILE A CA    1 
ATOM   583  C  C     . ILE A 1 74  ? 17.285  3.900   -2.669  1.00 49.66 ? 74  ILE A C     1 
ATOM   584  O  O     . ILE A 1 74  ? 16.467  4.498   -3.363  1.00 50.54 ? 74  ILE A O     1 
ATOM   585  C  CB    . ILE A 1 74  ? 18.040  2.104   -4.247  1.00 52.70 ? 74  ILE A CB    1 
ATOM   586  C  CG1   . ILE A 1 74  ? 19.245  1.299   -4.739  1.00 54.58 ? 74  ILE A CG1   1 
ATOM   587  C  CG2   . ILE A 1 74  ? 17.333  2.705   -5.445  1.00 53.81 ? 74  ILE A CG2   1 
ATOM   588  C  CD1   . ILE A 1 74  ? 18.886  0.195   -5.728  1.00 55.94 ? 74  ILE A CD1   1 
ATOM   589  N  N     . ARG A 1 75  ? 17.179  3.803   -1.347  1.00 45.84 ? 75  ARG A N     1 
ATOM   590  C  CA    . ARG A 1 75  ? 16.069  4.411   -0.616  1.00 45.07 ? 75  ARG A CA    1 
ATOM   591  C  C     . ARG A 1 75  ? 15.839  5.897   -0.917  1.00 41.48 ? 75  ARG A C     1 
ATOM   592  O  O     . ARG A 1 75  ? 14.696  6.354   -0.931  1.00 40.13 ? 75  ARG A O     1 
ATOM   593  C  CB    . ARG A 1 75  ? 16.253  4.235   0.901   1.00 46.61 ? 75  ARG A CB    1 
ATOM   594  C  CG    . ARG A 1 75  ? 15.704  2.924   1.457   1.00 48.17 ? 75  ARG A CG    1 
ATOM   595  C  CD    . ARG A 1 75  ? 15.243  3.086   2.905   1.00 45.48 ? 75  ARG A CD    1 
ATOM   596  N  NE    . ARG A 1 75  ? 16.310  2.798   3.854   1.00 46.57 ? 75  ARG A NE    1 
ATOM   597  C  CZ    . ARG A 1 75  ? 16.605  1.580   4.297   1.00 49.21 ? 75  ARG A CZ    1 
ATOM   598  N  NH1   . ARG A 1 75  ? 15.904  0.533   3.878   1.00 49.47 ? 75  ARG A NH1   1 
ATOM   599  N  NH2   . ARG A 1 75  ? 17.611  1.406   5.148   1.00 46.36 ? 75  ARG A NH2   1 
ATOM   600  N  N     . PRO A 1 76  ? 16.916  6.674   -1.150  1.00 38.23 ? 76  PRO A N     1 
ATOM   601  C  CA    . PRO A 1 76  ? 16.714  8.097   -1.438  1.00 35.02 ? 76  PRO A CA    1 
ATOM   602  C  C     . PRO A 1 76  ? 15.979  8.286   -2.759  1.00 31.76 ? 76  PRO A C     1 
ATOM   603  O  O     . PRO A 1 76  ? 15.270  9.270   -2.963  1.00 30.23 ? 76  PRO A O     1 
ATOM   604  C  CB    . PRO A 1 76  ? 18.138  8.638   -1.478  1.00 36.69 ? 76  PRO A CB    1 
ATOM   605  C  CG    . PRO A 1 76  ? 18.906  7.483   -2.036  1.00 34.66 ? 76  PRO A CG    1 
ATOM   606  C  CD    . PRO A 1 76  ? 18.346  6.329   -1.241  1.00 36.67 ? 76  PRO A CD    1 
ATOM   607  N  N     . LEU A 1 77  ? 16.158  7.321   -3.650  1.00 27.06 ? 77  LEU A N     1 
ATOM   608  C  CA    . LEU A 1 77  ? 15.519  7.344   -4.953  1.00 27.18 ? 77  LEU A CA    1 
ATOM   609  C  C     . LEU A 1 77  ? 13.994  7.398   -4.808  1.00 25.22 ? 77  LEU A C     1 
ATOM   610  O  O     . LEU A 1 77  ? 13.310  8.021   -5.617  1.00 24.27 ? 77  LEU A O     1 
ATOM   611  C  CB    . LEU A 1 77  ? 15.922  6.092   -5.729  1.00 28.91 ? 77  LEU A CB    1 
ATOM   612  C  CG    . LEU A 1 77  ? 15.628  6.032   -7.223  1.00 33.28 ? 77  LEU A CG    1 
ATOM   613  C  CD1   . LEU A 1 77  ? 16.366  7.145   -7.930  1.00 38.75 ? 77  LEU A CD1   1 
ATOM   614  C  CD2   . LEU A 1 77  ? 16.074  4.687   -7.764  1.00 35.35 ? 77  LEU A CD2   1 
ATOM   615  N  N     . TRP A 1 78  ? 13.472  6.750   -3.768  1.00 21.75 ? 78  TRP A N     1 
ATOM   616  C  CA    . TRP A 1 78  ? 12.031  6.711   -3.521  1.00 20.57 ? 78  TRP A CA    1 
ATOM   617  C  C     . TRP A 1 78  ? 11.429  8.063   -3.129  1.00 19.59 ? 78  TRP A C     1 
ATOM   618  O  O     . TRP A 1 78  ? 10.240  8.290   -3.329  1.00 14.17 ? 78  TRP A O     1 
ATOM   619  C  CB    . TRP A 1 78  ? 11.696  5.697   -2.414  1.00 18.27 ? 78  TRP A CB    1 
ATOM   620  C  CG    . TRP A 1 78  ? 12.338  4.351   -2.569  1.00 20.20 ? 78  TRP A CG    1 
ATOM   621  C  CD1   . TRP A 1 78  ? 12.792  3.782   -3.725  1.00 17.14 ? 78  TRP A CD1   1 
ATOM   622  C  CD2   . TRP A 1 78  ? 12.584  3.396   -1.528  1.00 18.85 ? 78  TRP A CD2   1 
ATOM   623  N  NE1   . TRP A 1 78  ? 13.309  2.535   -3.469  1.00 17.36 ? 78  TRP A NE1   1 
ATOM   624  C  CE2   . TRP A 1 78  ? 13.193  2.270   -2.129  1.00 17.78 ? 78  TRP A CE2   1 
ATOM   625  C  CE3   . TRP A 1 78  ? 12.348  3.380   -0.144  1.00 18.37 ? 78  TRP A CE3   1 
ATOM   626  C  CZ2   . TRP A 1 78  ? 13.570  1.135   -1.395  1.00 16.54 ? 78  TRP A CZ2   1 
ATOM   627  C  CZ3   . TRP A 1 78  ? 12.723  2.249   0.589   1.00 18.49 ? 78  TRP A CZ3   1 
ATOM   628  C  CH2   . TRP A 1 78  ? 13.328  1.142   -0.043  1.00 17.16 ? 78  TRP A CH2   1 
ATOM   629  N  N     . ARG A 1 79  ? 12.249  8.951   -2.571  1.00 21.50 ? 79  ARG A N     1 
ATOM   630  C  CA    . ARG A 1 79  ? 11.769  10.258  -2.137  1.00 25.83 ? 79  ARG A CA    1 
ATOM   631  C  C     . ARG A 1 79  ? 11.067  11.083  -3.208  1.00 23.68 ? 79  ARG A C     1 
ATOM   632  O  O     . ARG A 1 79  ? 10.230  11.922  -2.892  1.00 22.38 ? 79  ARG A O     1 
ATOM   633  C  CB    . ARG A 1 79  ? 12.917  11.066  -1.539  1.00 29.78 ? 79  ARG A CB    1 
ATOM   634  C  CG    . ARG A 1 79  ? 13.449  10.471  -0.258  1.00 38.36 ? 79  ARG A CG    1 
ATOM   635  C  CD    . ARG A 1 79  ? 14.523  11.345  0.347   1.00 42.79 ? 79  ARG A CD    1 
ATOM   636  N  NE    . ARG A 1 79  ? 15.174  10.673  1.463   1.00 49.80 ? 79  ARG A NE    1 
ATOM   637  C  CZ    . ARG A 1 79  ? 16.280  11.113  2.053   1.00 54.38 ? 79  ARG A CZ    1 
ATOM   638  N  NH1   . ARG A 1 79  ? 16.858  12.234  1.634   1.00 54.82 ? 79  ARG A NH1   1 
ATOM   639  N  NH2   . ARG A 1 79  ? 16.814  10.425  3.054   1.00 55.74 ? 79  ARG A NH2   1 
ATOM   640  N  N     . HIS A 1 80  ? 11.408  10.850  -4.469  1.00 24.42 ? 80  HIS A N     1 
ATOM   641  C  CA    . HIS A 1 80  ? 10.784  11.583  -5.566  1.00 25.90 ? 80  HIS A CA    1 
ATOM   642  C  C     . HIS A 1 80  ? 9.263   11.407  -5.561  1.00 24.83 ? 80  HIS A C     1 
ATOM   643  O  O     . HIS A 1 80  ? 8.550   12.184  -6.198  1.00 24.92 ? 80  HIS A O     1 
ATOM   644  C  CB    . HIS A 1 80  ? 11.335  11.096  -6.912  1.00 27.73 ? 80  HIS A CB    1 
ATOM   645  C  CG    . HIS A 1 80  ? 12.428  11.953  -7.472  1.00 32.84 ? 80  HIS A CG    1 
ATOM   646  N  ND1   . HIS A 1 80  ? 12.178  13.067  -8.243  1.00 35.02 ? 80  HIS A ND1   1 
ATOM   647  C  CD2   . HIS A 1 80  ? 13.777  11.859  -7.373  1.00 34.84 ? 80  HIS A CD2   1 
ATOM   648  C  CE1   . HIS A 1 80  ? 13.326  13.624  -8.595  1.00 36.39 ? 80  HIS A CE1   1 
ATOM   649  N  NE2   . HIS A 1 80  ? 14.311  12.909  -8.080  1.00 34.01 ? 80  HIS A NE2   1 
ATOM   650  N  N     . TYR A 1 81  ? 8.774   10.404  -4.830  1.00 19.39 ? 81  TYR A N     1 
ATOM   651  C  CA    . TYR A 1 81  ? 7.343   10.113  -4.787  1.00 18.44 ? 81  TYR A CA    1 
ATOM   652  C  C     . TYR A 1 81  ? 6.611   10.451  -3.493  1.00 15.98 ? 81  TYR A C     1 
ATOM   653  O  O     . TYR A 1 81  ? 5.408   10.230  -3.410  1.00 17.22 ? 81  TYR A O     1 
ATOM   654  C  CB    . TYR A 1 81  ? 7.106   8.628   -5.089  1.00 15.45 ? 81  TYR A CB    1 
ATOM   655  C  CG    . TYR A 1 81  ? 7.790   8.141   -6.337  1.00 15.70 ? 81  TYR A CG    1 
ATOM   656  C  CD1   . TYR A 1 81  ? 7.258   8.402   -7.598  1.00 15.05 ? 81  TYR A CD1   1 
ATOM   657  C  CD2   . TYR A 1 81  ? 8.992   7.446   -6.260  1.00 13.74 ? 81  TYR A CD2   1 
ATOM   658  C  CE1   . TYR A 1 81  ? 7.915   7.980   -8.754  1.00 16.96 ? 81  TYR A CE1   1 
ATOM   659  C  CE2   . TYR A 1 81  ? 9.655   7.027   -7.398  1.00 12.57 ? 81  TYR A CE2   1 
ATOM   660  C  CZ    . TYR A 1 81  ? 9.118   7.295   -8.643  1.00 17.36 ? 81  TYR A CZ    1 
ATOM   661  O  OH    . TYR A 1 81  ? 9.798   6.891   -9.766  1.00 17.45 ? 81  TYR A OH    1 
ATOM   662  N  N     . TYR A 1 82  ? 7.307   10.973  -2.487  1.00 15.25 ? 82  TYR A N     1 
ATOM   663  C  CA    . TYR A 1 82  ? 6.657   11.278  -1.205  1.00 14.73 ? 82  TYR A CA    1 
ATOM   664  C  C     . TYR A 1 82  ? 5.822   12.557  -1.151  1.00 14.90 ? 82  TYR A C     1 
ATOM   665  O  O     . TYR A 1 82  ? 4.731   12.570  -0.591  1.00 14.78 ? 82  TYR A O     1 
ATOM   666  C  CB    . TYR A 1 82  ? 7.686   11.319  -0.070  1.00 11.66 ? 82  TYR A CB    1 
ATOM   667  C  CG    . TYR A 1 82  ? 8.419   10.018  0.157   1.00 13.54 ? 82  TYR A CG    1 
ATOM   668  C  CD1   . TYR A 1 82  ? 7.918   8.809   -0.336  1.00 14.39 ? 82  TYR A CD1   1 
ATOM   669  C  CD2   . TYR A 1 82  ? 9.606   9.988   0.882   1.00 15.34 ? 82  TYR A CD2   1 
ATOM   670  C  CE1   . TYR A 1 82  ? 8.592   7.598   -0.108  1.00 16.29 ? 82  TYR A CE1   1 
ATOM   671  C  CE2   . TYR A 1 82  ? 10.284  8.787   1.114   1.00 17.81 ? 82  TYR A CE2   1 
ATOM   672  C  CZ    . TYR A 1 82  ? 9.774   7.599   0.617   1.00 16.28 ? 82  TYR A CZ    1 
ATOM   673  O  OH    . TYR A 1 82  ? 10.460  6.424   0.832   1.00 19.55 ? 82  TYR A OH    1 
ATOM   674  N  N     . SER A 1 83  ? 6.340   13.630  -1.728  1.00 16.93 ? 83  SER A N     1 
ATOM   675  C  CA    . SER A 1 83  ? 5.646   14.904  -1.713  1.00 17.45 ? 83  SER A CA    1 
ATOM   676  C  C     . SER A 1 83  ? 4.166   14.807  -2.084  1.00 19.58 ? 83  SER A C     1 
ATOM   677  O  O     . SER A 1 83  ? 3.813   14.267  -3.130  1.00 21.39 ? 83  SER A O     1 
ATOM   678  C  CB    . SER A 1 83  ? 6.353   15.874  -2.649  1.00 14.34 ? 83  SER A CB    1 
ATOM   679  O  OG    . SER A 1 83  ? 5.616   17.070  -2.758  1.00 26.96 ? 83  SER A OG    1 
ATOM   680  N  N     . ASN A 1 84  ? 3.309   15.327  -1.209  1.00 20.36 ? 84  ASN A N     1 
ATOM   681  C  CA    . ASN A 1 84  ? 1.858   15.346  -1.417  1.00 23.32 ? 84  ASN A CA    1 
ATOM   682  C  C     . ASN A 1 84  ? 1.178   13.983  -1.452  1.00 24.40 ? 84  ASN A C     1 
ATOM   683  O  O     . ASN A 1 84  ? 0.219   13.776  -2.193  1.00 26.19 ? 84  ASN A O     1 
ATOM   684  C  CB    . ASN A 1 84  ? 1.521   16.112  -2.700  1.00 23.30 ? 84  ASN A CB    1 
ATOM   685  C  CG    . ASN A 1 84  ? 2.105   17.509  -2.706  1.00 26.81 ? 84  ASN A CG    1 
ATOM   686  O  OD1   . ASN A 1 84  ? 1.857   18.309  -1.794  1.00 25.19 ? 84  ASN A OD1   1 
ATOM   687  N  ND2   . ASN A 1 84  ? 2.895   17.812  -3.729  1.00 24.90 ? 84  ASN A ND2   1 
ATOM   688  N  N     . THR A 1 85  ? 1.675   13.050  -0.651  1.00 22.68 ? 85  THR A N     1 
ATOM   689  C  CA    . THR A 1 85  ? 1.082   11.730  -0.600  1.00 19.62 ? 85  THR A CA    1 
ATOM   690  C  C     . THR A 1 85  ? -0.105  11.825  0.342   1.00 19.30 ? 85  THR A C     1 
ATOM   691  O  O     . THR A 1 85  ? -0.011  12.418  1.414   1.00 19.46 ? 85  THR A O     1 
ATOM   692  C  CB    . THR A 1 85  ? 2.100   10.687  -0.084  1.00 17.38 ? 85  THR A CB    1 
ATOM   693  O  OG1   . THR A 1 85  ? 3.094   10.467  -1.088  1.00 18.21 ? 85  THR A OG1   1 
ATOM   694  C  CG2   . THR A 1 85  ? 1.421   9.362   0.224   1.00 17.75 ? 85  THR A CG2   1 
ATOM   695  N  N     . ASP A 1 86  ? -1.232  11.259  -0.059  1.00 18.22 ? 86  ASP A N     1 
ATOM   696  C  CA    . ASP A 1 86  ? -2.407  11.306  0.795   1.00 17.67 ? 86  ASP A CA    1 
ATOM   697  C  C     . ASP A 1 86  ? -2.587  9.995   1.531   1.00 17.18 ? 86  ASP A C     1 
ATOM   698  O  O     . ASP A 1 86  ? -3.030  9.971   2.679   1.00 19.25 ? 86  ASP A O     1 
ATOM   699  C  CB    . ASP A 1 86  ? -3.641  11.628  -0.041  1.00 17.32 ? 86  ASP A CB    1 
ATOM   700  C  CG    . ASP A 1 86  ? -3.505  12.944  -0.772  1.00 15.78 ? 86  ASP A CG    1 
ATOM   701  O  OD1   . ASP A 1 86  ? -3.394  13.980  -0.090  1.00 19.50 ? 86  ASP A OD1   1 
ATOM   702  O  OD2   . ASP A 1 86  ? -3.491  12.945  -2.020  1.00 20.09 ? 86  ASP A OD2   1 
ATOM   703  N  N     . GLY A 1 87  ? -2.218  8.903   0.877   1.00 15.47 ? 87  GLY A N     1 
ATOM   704  C  CA    . GLY A 1 87  ? -2.366  7.610   1.502   1.00 13.98 ? 87  GLY A CA    1 
ATOM   705  C  C     . GLY A 1 87  ? -1.218  6.684   1.182   1.00 14.76 ? 87  GLY A C     1 
ATOM   706  O  O     . GLY A 1 87  ? -0.623  6.749   0.104   1.00 12.87 ? 87  GLY A O     1 
ATOM   707  N  N     . LEU A 1 88  ? -0.911  5.818   2.135   1.00 12.91 ? 88  LEU A N     1 
ATOM   708  C  CA    . LEU A 1 88  ? 0.151   4.851   1.978   1.00 14.06 ? 88  LEU A CA    1 
ATOM   709  C  C     . LEU A 1 88  ? -0.436  3.457   2.187   1.00 15.80 ? 88  LEU A C     1 
ATOM   710  O  O     . LEU A 1 88  ? -1.107  3.202   3.191   1.00 12.73 ? 88  LEU A O     1 
ATOM   711  C  CB    . LEU A 1 88  ? 1.244   5.096   3.010   1.00 18.17 ? 88  LEU A CB    1 
ATOM   712  C  CG    . LEU A 1 88  ? 2.418   4.115   2.941   1.00 21.72 ? 88  LEU A CG    1 
ATOM   713  C  CD1   . LEU A 1 88  ? 3.282   4.451   1.735   1.00 22.33 ? 88  LEU A CD1   1 
ATOM   714  C  CD2   . LEU A 1 88  ? 3.240   4.203   4.209   1.00 23.80 ? 88  LEU A CD2   1 
ATOM   715  N  N     . ILE A 1 89  ? -0.207  2.567   1.227   1.00 12.79 ? 89  ILE A N     1 
ATOM   716  C  CA    . ILE A 1 89  ? -0.688  1.206   1.348   1.00 9.64  ? 89  ILE A CA    1 
ATOM   717  C  C     . ILE A 1 89  ? 0.540   0.331   1.470   1.00 10.61 ? 89  ILE A C     1 
ATOM   718  O  O     . ILE A 1 89  ? 1.390   0.311   0.585   1.00 11.43 ? 89  ILE A O     1 
ATOM   719  C  CB    . ILE A 1 89  ? -1.498  0.759   0.113   1.00 11.09 ? 89  ILE A CB    1 
ATOM   720  C  CG1   . ILE A 1 89  ? -2.694  1.694   -0.091  1.00 11.48 ? 89  ILE A CG1   1 
ATOM   721  C  CG2   . ILE A 1 89  ? -1.997  -0.668  0.309   1.00 5.88  ? 89  ILE A CG2   1 
ATOM   722  C  CD1   . ILE A 1 89  ? -3.571  1.330   -1.256  1.00 10.06 ? 89  ILE A CD1   1 
ATOM   723  N  N     . PHE A 1 90  ? 0.659   -0.369  2.587   1.00 12.51 ? 90  PHE A N     1 
ATOM   724  C  CA    . PHE A 1 90  ? 1.803   -1.246  2.773   1.00 11.09 ? 90  PHE A CA    1 
ATOM   725  C  C     . PHE A 1 90  ? 1.330   -2.688  2.658   1.00 9.55  ? 90  PHE A C     1 
ATOM   726  O  O     . PHE A 1 90  ? 0.574   -3.165  3.497   1.00 11.07 ? 90  PHE A O     1 
ATOM   727  C  CB    . PHE A 1 90  ? 2.463   -0.992  4.135   1.00 9.37  ? 90  PHE A CB    1 
ATOM   728  C  CG    . PHE A 1 90  ? 3.882   -1.481  4.212   1.00 9.34  ? 90  PHE A CG    1 
ATOM   729  C  CD1   . PHE A 1 90  ? 4.162   -2.841  4.352   1.00 11.59 ? 90  PHE A CD1   1 
ATOM   730  C  CD2   . PHE A 1 90  ? 4.944   -0.594  4.053   1.00 9.69  ? 90  PHE A CD2   1 
ATOM   731  C  CE1   . PHE A 1 90  ? 5.479   -3.315  4.323   1.00 9.42  ? 90  PHE A CE1   1 
ATOM   732  C  CE2   . PHE A 1 90  ? 6.269   -1.056  4.023   1.00 8.62  ? 90  PHE A CE2   1 
ATOM   733  C  CZ    . PHE A 1 90  ? 6.536   -2.415  4.154   1.00 7.18  ? 90  PHE A CZ    1 
ATOM   734  N  N     . VAL A 1 91  ? 1.752   -3.364  1.591   1.00 13.50 ? 91  VAL A N     1 
ATOM   735  C  CA    . VAL A 1 91  ? 1.383   -4.762  1.357   1.00 13.65 ? 91  VAL A CA    1 
ATOM   736  C  C     . VAL A 1 91  ? 2.452   -5.676  1.952   1.00 15.33 ? 91  VAL A C     1 
ATOM   737  O  O     . VAL A 1 91  ? 3.644   -5.489  1.719   1.00 15.08 ? 91  VAL A O     1 
ATOM   738  C  CB    . VAL A 1 91  ? 1.250   -5.065  -0.142  1.00 12.75 ? 91  VAL A CB    1 
ATOM   739  C  CG1   . VAL A 1 91  ? 0.764   -6.498  -0.344  1.00 10.29 ? 91  VAL A CG1   1 
ATOM   740  C  CG2   . VAL A 1 91  ? 0.287   -4.074  -0.786  1.00 11.92 ? 91  VAL A CG2   1 
ATOM   741  N  N     . VAL A 1 92  ? 2.008   -6.665  2.722   1.00 17.77 ? 92  VAL A N     1 
ATOM   742  C  CA    . VAL A 1 92  ? 2.898   -7.601  3.397   1.00 17.08 ? 92  VAL A CA    1 
ATOM   743  C  C     . VAL A 1 92  ? 2.559   -9.054  3.098   1.00 15.90 ? 92  VAL A C     1 
ATOM   744  O  O     . VAL A 1 92  ? 1.395   -9.406  2.969   1.00 18.60 ? 92  VAL A O     1 
ATOM   745  C  CB    . VAL A 1 92  ? 2.808   -7.391  4.935   1.00 17.73 ? 92  VAL A CB    1 
ATOM   746  C  CG1   . VAL A 1 92  ? 3.541   -8.486  5.674   1.00 18.94 ? 92  VAL A CG1   1 
ATOM   747  C  CG2   . VAL A 1 92  ? 3.387   -6.055  5.298   1.00 18.71 ? 92  VAL A CG2   1 
ATOM   748  N  N     . ASP A 1 93  ? 3.579   -9.899  2.998   1.00 16.68 ? 93  ASP A N     1 
ATOM   749  C  CA    . ASP A 1 93  ? 3.369   -11.327 2.774   1.00 15.53 ? 93  ASP A CA    1 
ATOM   750  C  C     . ASP A 1 93  ? 3.162   -11.953 4.159   1.00 16.91 ? 93  ASP A C     1 
ATOM   751  O  O     . ASP A 1 93  ? 4.116   -12.133 4.911   1.00 18.16 ? 93  ASP A O     1 
ATOM   752  C  CB    . ASP A 1 93  ? 4.597   -11.954 2.120   1.00 15.32 ? 93  ASP A CB    1 
ATOM   753  C  CG    . ASP A 1 93  ? 4.389   -13.417 1.768   1.00 21.27 ? 93  ASP A CG    1 
ATOM   754  O  OD1   . ASP A 1 93  ? 3.576   -14.092 2.431   1.00 18.40 ? 93  ASP A OD1   1 
ATOM   755  O  OD2   . ASP A 1 93  ? 5.056   -13.899 0.829   1.00 24.80 ? 93  ASP A OD2   1 
ATOM   756  N  N     . SER A 1 94  ? 1.921   -12.277 4.498   1.00 14.74 ? 94  SER A N     1 
ATOM   757  C  CA    . SER A 1 94  ? 1.621   -12.858 5.802   1.00 16.51 ? 94  SER A CA    1 
ATOM   758  C  C     . SER A 1 94  ? 2.259   -14.225 6.024   1.00 17.90 ? 94  SER A C     1 
ATOM   759  O  O     . SER A 1 94  ? 2.417   -14.670 7.164   1.00 21.87 ? 94  SER A O     1 
ATOM   760  C  CB    . SER A 1 94  ? 0.108   -12.983 5.986   1.00 9.24  ? 94  SER A CB    1 
ATOM   761  O  OG    . SER A 1 94  ? -0.507  -11.729 5.839   1.00 10.59 ? 94  SER A OG    1 
ATOM   762  N  N     . ASN A 1 95  ? 2.628   -14.889 4.938   1.00 16.18 ? 95  ASN A N     1 
ATOM   763  C  CA    . ASN A 1 95  ? 3.210   -16.220 5.033   1.00 17.55 ? 95  ASN A CA    1 
ATOM   764  C  C     . ASN A 1 95  ? 4.731   -16.207 5.117   1.00 18.89 ? 95  ASN A C     1 
ATOM   765  O  O     . ASN A 1 95  ? 5.350   -17.230 5.414   1.00 19.93 ? 95  ASN A O     1 
ATOM   766  C  CB    . ASN A 1 95  ? 2.764   -17.046 3.825   1.00 16.27 ? 95  ASN A CB    1 
ATOM   767  C  CG    . ASN A 1 95  ? 3.240   -18.475 3.888   1.00 17.04 ? 95  ASN A CG    1 
ATOM   768  O  OD1   . ASN A 1 95  ? 2.908   -19.218 4.817   1.00 13.13 ? 95  ASN A OD1   1 
ATOM   769  N  ND2   . ASN A 1 95  ? 4.022   -18.876 2.891   1.00 13.33 ? 95  ASN A ND2   1 
ATOM   770  N  N     . ASP A 1 96  ? 5.328   -15.044 4.873   1.00 18.20 ? 96  ASP A N     1 
ATOM   771  C  CA    . ASP A 1 96  ? 6.779   -14.900 4.890   1.00 17.94 ? 96  ASP A CA    1 
ATOM   772  C  C     . ASP A 1 96  ? 7.318   -14.370 6.221   1.00 18.33 ? 96  ASP A C     1 
ATOM   773  O  O     . ASP A 1 96  ? 7.521   -13.164 6.396   1.00 16.94 ? 96  ASP A O     1 
ATOM   774  C  CB    . ASP A 1 96  ? 7.199   -13.967 3.760   1.00 19.01 ? 96  ASP A CB    1 
ATOM   775  C  CG    . ASP A 1 96  ? 8.685   -13.933 3.565   1.00 20.10 ? 96  ASP A CG    1 
ATOM   776  O  OD1   . ASP A 1 96  ? 9.412   -14.190 4.547   1.00 21.52 ? 96  ASP A OD1   1 
ATOM   777  O  OD2   . ASP A 1 96  ? 9.122   -13.640 2.434   1.00 25.94 ? 96  ASP A OD2   1 
ATOM   778  N  N     . ARG A 1 97  ? 7.573   -15.282 7.148   1.00 18.94 ? 97  ARG A N     1 
ATOM   779  C  CA    . ARG A 1 97  ? 8.067   -14.913 8.467   1.00 20.84 ? 97  ARG A CA    1 
ATOM   780  C  C     . ARG A 1 97  ? 9.540   -14.515 8.475   1.00 24.64 ? 97  ARG A C     1 
ATOM   781  O  O     . ARG A 1 97  ? 9.987   -13.778 9.355   1.00 24.57 ? 97  ARG A O     1 
ATOM   782  C  CB    . ARG A 1 97  ? 7.851   -16.073 9.436   1.00 19.28 ? 97  ARG A CB    1 
ATOM   783  C  CG    . ARG A 1 97  ? 6.406   -16.508 9.577   1.00 21.01 ? 97  ARG A CG    1 
ATOM   784  C  CD    . ARG A 1 97  ? 6.348   -17.927 10.110  1.00 21.92 ? 97  ARG A CD    1 
ATOM   785  N  NE    . ARG A 1 97  ? 5.048   -18.541 9.882   1.00 22.06 ? 97  ARG A NE    1 
ATOM   786  C  CZ    . ARG A 1 97  ? 4.024   -18.417 10.710  1.00 26.36 ? 97  ARG A CZ    1 
ATOM   787  N  NH1   . ARG A 1 97  ? 4.163   -17.701 11.817  1.00 33.19 ? 97  ARG A NH1   1 
ATOM   788  N  NH2   . ARG A 1 97  ? 2.869   -19.006 10.434  1.00 26.39 ? 97  ARG A NH2   1 
ATOM   789  N  N     . GLU A 1 98  ? 10.296  -15.002 7.497   1.00 27.84 ? 98  GLU A N     1 
ATOM   790  C  CA    . GLU A 1 98  ? 11.718  -14.690 7.422   1.00 29.47 ? 98  GLU A CA    1 
ATOM   791  C  C     . GLU A 1 98  ? 11.980  -13.214 7.143   1.00 28.58 ? 98  GLU A C     1 
ATOM   792  O  O     . GLU A 1 98  ? 12.961  -12.656 7.637   1.00 29.46 ? 98  GLU A O     1 
ATOM   793  C  CB    . GLU A 1 98  ? 12.386  -15.541 6.343   1.00 34.37 ? 98  GLU A CB    1 
ATOM   794  C  CG    . GLU A 1 98  ? 12.298  -17.035 6.595   1.00 43.95 ? 98  GLU A CG    1 
ATOM   795  C  CD    . GLU A 1 98  ? 12.780  -17.849 5.407   1.00 53.11 ? 98  GLU A CD    1 
ATOM   796  O  OE1   . GLU A 1 98  ? 12.176  -17.731 4.313   1.00 55.85 ? 98  GLU A OE1   1 
ATOM   797  O  OE2   . GLU A 1 98  ? 13.765  -18.605 5.565   1.00 57.31 ? 98  GLU A OE2   1 
ATOM   798  N  N     . ARG A 1 99  ? 11.101  -12.583 6.367   1.00 26.36 ? 99  ARG A N     1 
ATOM   799  C  CA    . ARG A 1 99  ? 11.258  -11.176 6.013   1.00 22.79 ? 99  ARG A CA    1 
ATOM   800  C  C     . ARG A 1 99  ? 10.251  -10.225 6.646   1.00 19.56 ? 99  ARG A C     1 
ATOM   801  O  O     . ARG A 1 99  ? 10.216  -9.051  6.303   1.00 22.02 ? 99  ARG A O     1 
ATOM   802  C  CB    . ARG A 1 99  ? 11.202  -11.013 4.493   1.00 24.13 ? 99  ARG A CB    1 
ATOM   803  C  CG    . ARG A 1 99  ? 12.530  -11.179 3.795   1.00 25.46 ? 99  ARG A CG    1 
ATOM   804  C  CD    . ARG A 1 99  ? 12.419  -12.166 2.653   1.00 28.88 ? 99  ARG A CD    1 
ATOM   805  N  NE    . ARG A 1 99  ? 11.477  -11.769 1.605   1.00 30.46 ? 99  ARG A NE    1 
ATOM   806  C  CZ    . ARG A 1 99  ? 11.633  -10.722 0.797   1.00 31.46 ? 99  ARG A CZ    1 
ATOM   807  N  NH1   . ARG A 1 99  ? 12.694  -9.934  0.908   1.00 28.22 ? 99  ARG A NH1   1 
ATOM   808  N  NH2   . ARG A 1 99  ? 10.733  -10.477 -0.147  1.00 29.76 ? 99  ARG A NH2   1 
ATOM   809  N  N     . ILE A 1 100 ? 9.425   -10.708 7.560   1.00 17.54 ? 100 ILE A N     1 
ATOM   810  C  CA    . ILE A 1 100 ? 8.451   -9.814  8.173   1.00 18.78 ? 100 ILE A CA    1 
ATOM   811  C  C     . ILE A 1 100 ? 9.140   -8.694  8.968   1.00 20.22 ? 100 ILE A C     1 
ATOM   812  O  O     . ILE A 1 100 ? 8.618   -7.582  9.056   1.00 21.02 ? 100 ILE A O     1 
ATOM   813  C  CB    . ILE A 1 100 ? 7.442   -10.579 9.096   1.00 16.53 ? 100 ILE A CB    1 
ATOM   814  C  CG1   . ILE A 1 100 ? 6.348   -9.621  9.571   1.00 16.58 ? 100 ILE A CG1   1 
ATOM   815  C  CG2   . ILE A 1 100 ? 8.146   -11.155 10.315  1.00 17.09 ? 100 ILE A CG2   1 
ATOM   816  C  CD1   . ILE A 1 100 ? 5.566   -8.991  8.448   1.00 17.22 ? 100 ILE A CD1   1 
ATOM   817  N  N     . ASP A 1 101 ? 10.315  -8.960  9.532   1.00 19.33 ? 101 ASP A N     1 
ATOM   818  C  CA    . ASP A 1 101 ? 10.974  -7.906  10.284  1.00 19.14 ? 101 ASP A CA    1 
ATOM   819  C  C     . ASP A 1 101 ? 11.545  -6.839  9.376   1.00 18.63 ? 101 ASP A C     1 
ATOM   820  O  O     . ASP A 1 101 ? 11.720  -5.693  9.795   1.00 17.74 ? 101 ASP A O     1 
ATOM   821  C  CB    . ASP A 1 101 ? 12.081  -8.430  11.185  1.00 16.33 ? 101 ASP A CB    1 
ATOM   822  C  CG    . ASP A 1 101 ? 12.375  -7.467  12.316  1.00 22.34 ? 101 ASP A CG    1 
ATOM   823  O  OD1   . ASP A 1 101 ? 11.488  -7.323  13.186  1.00 18.53 ? 101 ASP A OD1   1 
ATOM   824  O  OD2   . ASP A 1 101 ? 13.460  -6.836  12.327  1.00 22.61 ? 101 ASP A OD2   1 
ATOM   825  N  N     . ASP A 1 102 ? 11.850  -7.218  8.140   1.00 20.16 ? 102 ASP A N     1 
ATOM   826  C  CA    . ASP A 1 102 ? 12.363  -6.261  7.173   1.00 20.06 ? 102 ASP A CA    1 
ATOM   827  C  C     . ASP A 1 102 ? 11.180  -5.386  6.765   1.00 21.08 ? 102 ASP A C     1 
ATOM   828  O  O     . ASP A 1 102 ? 11.315  -4.172  6.595   1.00 23.19 ? 102 ASP A O     1 
ATOM   829  C  CB    . ASP A 1 102 ? 12.957  -6.981  5.957   1.00 24.00 ? 102 ASP A CB    1 
ATOM   830  C  CG    . ASP A 1 102 ? 14.308  -7.610  6.259   1.00 29.85 ? 102 ASP A CG    1 
ATOM   831  O  OD1   . ASP A 1 102 ? 15.206  -6.878  6.721   1.00 33.45 ? 102 ASP A OD1   1 
ATOM   832  O  OD2   . ASP A 1 102 ? 14.480  -8.830  6.038   1.00 34.80 ? 102 ASP A OD2   1 
ATOM   833  N  N     . ALA A 1 103 ? 10.014  -6.003  6.624   1.00 19.02 ? 103 ALA A N     1 
ATOM   834  C  CA    . ALA A 1 103 ? 8.820   -5.256  6.264   1.00 19.82 ? 103 ALA A CA    1 
ATOM   835  C  C     . ALA A 1 103 ? 8.598   -4.196  7.342   1.00 19.58 ? 103 ALA A C     1 
ATOM   836  O  O     . ALA A 1 103 ? 8.466   -3.009  7.041   1.00 20.97 ? 103 ALA A O     1 
ATOM   837  C  CB    . ALA A 1 103 ? 7.623   -6.186  6.187   1.00 20.03 ? 103 ALA A CB    1 
ATOM   838  N  N     . ARG A 1 104 ? 8.580   -4.641  8.596   1.00 18.31 ? 104 ARG A N     1 
ATOM   839  C  CA    . ARG A 1 104 ? 8.383   -3.761  9.744   1.00 17.32 ? 104 ARG A CA    1 
ATOM   840  C  C     . ARG A 1 104 ? 9.261   -2.522  9.669   1.00 18.36 ? 104 ARG A C     1 
ATOM   841  O  O     . ARG A 1 104 ? 8.772   -1.399  9.759   1.00 20.25 ? 104 ARG A O     1 
ATOM   842  C  CB    . ARG A 1 104 ? 8.699   -4.500  11.047  1.00 13.50 ? 104 ARG A CB    1 
ATOM   843  C  CG    . ARG A 1 104 ? 8.766   -3.591  12.263  1.00 8.98  ? 104 ARG A CG    1 
ATOM   844  C  CD    . ARG A 1 104 ? 9.492   -4.268  13.429  1.00 11.23 ? 104 ARG A CD    1 
ATOM   845  N  NE    . ARG A 1 104 ? 10.911  -4.480  13.145  1.00 8.50  ? 104 ARG A NE    1 
ATOM   846  C  CZ    . ARG A 1 104 ? 11.822  -3.511  13.103  1.00 10.23 ? 104 ARG A CZ    1 
ATOM   847  N  NH1   . ARG A 1 104 ? 11.471  -2.254  13.335  1.00 13.13 ? 104 ARG A NH1   1 
ATOM   848  N  NH2   . ARG A 1 104 ? 13.084  -3.794  12.810  1.00 8.08  ? 104 ARG A NH2   1 
ATOM   849  N  N     . GLU A 1 105 ? 10.562  -2.728  9.506   1.00 19.22 ? 105 GLU A N     1 
ATOM   850  C  CA    . GLU A 1 105 ? 11.489  -1.610  9.446   1.00 19.09 ? 105 GLU A CA    1 
ATOM   851  C  C     . GLU A 1 105 ? 11.224  -0.668  8.278   1.00 19.68 ? 105 GLU A C     1 
ATOM   852  O  O     . GLU A 1 105 ? 11.270  0.554   8.428   1.00 16.20 ? 105 GLU A O     1 
ATOM   853  C  CB    . GLU A 1 105 ? 12.923  -2.108  9.353   1.00 18.90 ? 105 GLU A CB    1 
ATOM   854  C  CG    . GLU A 1 105 ? 13.905  -1.003  9.656   1.00 24.60 ? 105 GLU A CG    1 
ATOM   855  C  CD    . GLU A 1 105 ? 15.267  -1.271  9.097   1.00 28.17 ? 105 GLU A CD    1 
ATOM   856  O  OE1   . GLU A 1 105 ? 15.797  -2.372  9.342   1.00 31.94 ? 105 GLU A OE1   1 
ATOM   857  O  OE2   . GLU A 1 105 ? 15.808  -0.373  8.417   1.00 31.80 ? 105 GLU A OE2   1 
ATOM   858  N  N     . GLU A 1 106 ? 10.967  -1.234  7.106   1.00 19.87 ? 106 GLU A N     1 
ATOM   859  C  CA    . GLU A 1 106 ? 10.710  -0.419  5.931   1.00 19.82 ? 106 GLU A CA    1 
ATOM   860  C  C     . GLU A 1 106 ? 9.467   0.409   6.168   1.00 19.46 ? 106 GLU A C     1 
ATOM   861  O  O     . GLU A 1 106 ? 9.429   1.592   5.843   1.00 23.18 ? 106 GLU A O     1 
ATOM   862  C  CB    . GLU A 1 106 ? 10.523  -1.298  4.692   1.00 19.00 ? 106 GLU A CB    1 
ATOM   863  C  CG    . GLU A 1 106 ? 11.781  -2.024  4.251   1.00 19.91 ? 106 GLU A CG    1 
ATOM   864  C  CD    . GLU A 1 106 ? 12.977  -1.094  4.120   1.00 21.91 ? 106 GLU A CD    1 
ATOM   865  O  OE1   . GLU A 1 106 ? 12.783  0.060   3.678   1.00 24.63 ? 106 GLU A OE1   1 
ATOM   866  O  OE2   . GLU A 1 106 ? 14.108  -1.517  4.451   1.00 20.40 ? 106 GLU A OE2   1 
ATOM   867  N  N     . LEU A 1 107 ? 8.450   -0.217  6.749   1.00 17.66 ? 107 LEU A N     1 
ATOM   868  C  CA    . LEU A 1 107 ? 7.200   0.470   7.025   1.00 15.87 ? 107 LEU A CA    1 
ATOM   869  C  C     . LEU A 1 107 ? 7.377   1.615   8.022   1.00 16.89 ? 107 LEU A C     1 
ATOM   870  O  O     . LEU A 1 107 ? 7.030   2.757   7.735   1.00 18.37 ? 107 LEU A O     1 
ATOM   871  C  CB    . LEU A 1 107 ? 6.161   -0.527  7.543   1.00 14.94 ? 107 LEU A CB    1 
ATOM   872  C  CG    . LEU A 1 107 ? 4.892   0.057   8.169   1.00 16.96 ? 107 LEU A CG    1 
ATOM   873  C  CD1   . LEU A 1 107 ? 4.181   0.924   7.156   1.00 22.13 ? 107 LEU A CD1   1 
ATOM   874  C  CD2   . LEU A 1 107 ? 3.987   -1.058  8.641   1.00 16.07 ? 107 LEU A CD2   1 
ATOM   875  N  N     . HIS A 1 108 ? 7.923   1.318   9.193   1.00 17.40 ? 108 HIS A N     1 
ATOM   876  C  CA    . HIS A 1 108 ? 8.107   2.351   10.201  1.00 18.36 ? 108 HIS A CA    1 
ATOM   877  C  C     . HIS A 1 108 ? 9.065   3.433   9.759   1.00 19.56 ? 108 HIS A C     1 
ATOM   878  O  O     . HIS A 1 108 ? 8.959   4.587   10.184  1.00 19.48 ? 108 HIS A O     1 
ATOM   879  C  CB    . HIS A 1 108 ? 8.569   1.728   11.508  1.00 14.00 ? 108 HIS A CB    1 
ATOM   880  C  CG    . HIS A 1 108 ? 7.463   1.060   12.254  1.00 17.48 ? 108 HIS A CG    1 
ATOM   881  N  ND1   . HIS A 1 108 ? 6.465   1.770   12.889  1.00 15.38 ? 108 HIS A ND1   1 
ATOM   882  C  CD2   . HIS A 1 108 ? 7.152   -0.249  12.405  1.00 14.82 ? 108 HIS A CD2   1 
ATOM   883  C  CE1   . HIS A 1 108 ? 5.587   0.925   13.399  1.00 16.86 ? 108 HIS A CE1   1 
ATOM   884  N  NE2   . HIS A 1 108 ? 5.979   -0.306  13.118  1.00 14.48 ? 108 HIS A NE2   1 
ATOM   885  N  N     . ARG A 1 109 ? 9.998   3.063   8.898   1.00 18.05 ? 109 ARG A N     1 
ATOM   886  C  CA    . ARG A 1 109 ? 10.954  4.027   8.393   1.00 19.97 ? 109 ARG A CA    1 
ATOM   887  C  C     . ARG A 1 109 ? 10.220  4.914   7.393   1.00 20.45 ? 109 ARG A C     1 
ATOM   888  O  O     . ARG A 1 109 ? 10.369  6.137   7.389   1.00 22.11 ? 109 ARG A O     1 
ATOM   889  C  CB    . ARG A 1 109 ? 12.113  3.298   7.720   1.00 20.96 ? 109 ARG A CB    1 
ATOM   890  C  CG    . ARG A 1 109 ? 13.169  4.194   7.146   1.00 25.51 ? 109 ARG A CG    1 
ATOM   891  C  CD    . ARG A 1 109 ? 14.102  3.372   6.294   1.00 31.08 ? 109 ARG A CD    1 
ATOM   892  N  NE    . ARG A 1 109 ? 14.960  2.487   7.080   1.00 30.43 ? 109 ARG A NE    1 
ATOM   893  C  CZ    . ARG A 1 109 ? 16.169  2.830   7.517   1.00 32.07 ? 109 ARG A CZ    1 
ATOM   894  N  NH1   . ARG A 1 109 ? 16.649  4.037   7.247   1.00 30.02 ? 109 ARG A NH1   1 
ATOM   895  N  NH2   . ARG A 1 109 ? 16.911  1.962   8.194   1.00 29.86 ? 109 ARG A NH2   1 
ATOM   896  N  N     . MET A 1 110 ? 9.390   4.300   6.563   1.00 20.73 ? 110 MET A N     1 
ATOM   897  C  CA    . MET A 1 110 ? 8.660   5.068   5.564   1.00 23.26 ? 110 MET A CA    1 
ATOM   898  C  C     . MET A 1 110 ? 7.573   6.002   6.098   1.00 21.28 ? 110 MET A C     1 
ATOM   899  O  O     . MET A 1 110 ? 7.415   7.109   5.589   1.00 22.61 ? 110 MET A O     1 
ATOM   900  C  CB    . MET A 1 110 ? 8.058   4.136   4.513   1.00 26.18 ? 110 MET A CB    1 
ATOM   901  C  CG    . MET A 1 110 ? 7.500   4.890   3.326   1.00 31.00 ? 110 MET A CG    1 
ATOM   902  S  SD    . MET A 1 110 ? 7.383   3.855   1.884   1.00 36.97 ? 110 MET A SD    1 
ATOM   903  C  CE    . MET A 1 110 ? 9.098   3.764   1.433   1.00 36.24 ? 110 MET A CE    1 
ATOM   904  N  N     . ILE A 1 111 ? 6.823   5.576   7.109   1.00 16.99 ? 111 ILE A N     1 
ATOM   905  C  CA    . ILE A 1 111 ? 5.776   6.436   7.637   1.00 18.48 ? 111 ILE A CA    1 
ATOM   906  C  C     . ILE A 1 111 ? 6.304   7.561   8.526   1.00 20.51 ? 111 ILE A C     1 
ATOM   907  O  O     . ILE A 1 111 ? 5.538   8.391   9.014   1.00 20.37 ? 111 ILE A O     1 
ATOM   908  C  CB    . ILE A 1 111 ? 4.720   5.639   8.434   1.00 20.80 ? 111 ILE A CB    1 
ATOM   909  C  CG1   . ILE A 1 111 ? 5.332   5.097   9.729   1.00 17.52 ? 111 ILE A CG1   1 
ATOM   910  C  CG2   . ILE A 1 111 ? 4.138   4.521   7.551   1.00 18.63 ? 111 ILE A CG2   1 
ATOM   911  C  CD1   . ILE A 1 111 ? 4.305   4.529   10.692  1.00 13.11 ? 111 ILE A CD1   1 
ATOM   912  N  N     . ASN A 1 112 ? 7.611   7.594   8.745   1.00 21.02 ? 112 ASN A N     1 
ATOM   913  C  CA    . ASN A 1 112 ? 8.173   8.649   9.568   1.00 23.68 ? 112 ASN A CA    1 
ATOM   914  C  C     . ASN A 1 112 ? 8.929   9.646   8.733   1.00 24.24 ? 112 ASN A C     1 
ATOM   915  O  O     . ASN A 1 112 ? 9.695   10.454  9.251   1.00 25.30 ? 112 ASN A O     1 
ATOM   916  C  CB    . ASN A 1 112 ? 9.056   8.069   10.657  1.00 22.59 ? 112 ASN A CB    1 
ATOM   917  C  CG    . ASN A 1 112 ? 8.245   7.535   11.807  1.00 23.47 ? 112 ASN A CG    1 
ATOM   918  O  OD1   . ASN A 1 112 ? 7.587   8.296   12.513  1.00 24.87 ? 112 ASN A OD1   1 
ATOM   919  N  ND2   . ASN A 1 112 ? 8.266   6.220   11.991  1.00 25.42 ? 112 ASN A ND2   1 
ATOM   920  N  N     . GLU A 1 113 ? 8.701   9.571   7.427   1.00 24.37 ? 113 GLU A N     1 
ATOM   921  C  CA    . GLU A 1 113 ? 9.304   10.493  6.489   1.00 25.21 ? 113 GLU A CA    1 
ATOM   922  C  C     . GLU A 1 113 ? 8.525   11.791  6.640   1.00 24.91 ? 113 GLU A C     1 
ATOM   923  O  O     . GLU A 1 113 ? 7.299   11.790  6.616   1.00 24.24 ? 113 GLU A O     1 
ATOM   924  C  CB    . GLU A 1 113 ? 9.168   9.977   5.054   1.00 25.41 ? 113 GLU A CB    1 
ATOM   925  C  CG    . GLU A 1 113 ? 10.182  8.919   4.664   1.00 28.35 ? 113 GLU A CG    1 
ATOM   926  C  CD    . GLU A 1 113 ? 11.607  9.423   4.766   1.00 31.77 ? 113 GLU A CD    1 
ATOM   927  O  OE1   . GLU A 1 113 ? 12.035  9.757   5.892   1.00 37.67 ? 113 GLU A OE1   1 
ATOM   928  O  OE2   . GLU A 1 113 ? 12.300  9.488   3.730   1.00 31.02 ? 113 GLU A OE2   1 
ATOM   929  N  N     . GLU A 1 114 ? 9.243   12.892  6.807   1.00 25.66 ? 114 GLU A N     1 
ATOM   930  C  CA    . GLU A 1 114 ? 8.627   14.198  6.968   1.00 28.61 ? 114 GLU A CA    1 
ATOM   931  C  C     . GLU A 1 114 ? 7.477   14.402  5.974   1.00 27.71 ? 114 GLU A C     1 
ATOM   932  O  O     . GLU A 1 114 ? 6.423   14.927  6.332   1.00 24.66 ? 114 GLU A O     1 
ATOM   933  C  CB    . GLU A 1 114 ? 9.698   15.277  6.770   1.00 33.53 ? 114 GLU A CB    1 
ATOM   934  C  CG    . GLU A 1 114 ? 9.425   16.618  7.443   1.00 42.21 ? 114 GLU A CG    1 
ATOM   935  C  CD    . GLU A 1 114 ? 10.639  17.554  7.370   1.00 50.20 ? 114 GLU A CD    1 
ATOM   936  O  OE1   . GLU A 1 114 ? 11.022  17.961  6.252   1.00 51.45 ? 114 GLU A OE1   1 
ATOM   937  O  OE2   . GLU A 1 114 ? 11.220  17.876  8.432   1.00 53.31 ? 114 GLU A OE2   1 
ATOM   938  N  N     . GLU A 1 115 ? 7.673   13.954  4.736   1.00 27.73 ? 115 GLU A N     1 
ATOM   939  C  CA    . GLU A 1 115 ? 6.672   14.125  3.687   1.00 27.78 ? 115 GLU A CA    1 
ATOM   940  C  C     . GLU A 1 115 ? 5.498   13.155  3.719   1.00 25.49 ? 115 GLU A C     1 
ATOM   941  O  O     . GLU A 1 115 ? 4.509   13.360  3.025   1.00 26.01 ? 115 GLU A O     1 
ATOM   942  C  CB    . GLU A 1 115 ? 7.348   14.058  2.317   1.00 30.78 ? 115 GLU A CB    1 
ATOM   943  C  CG    . GLU A 1 115 ? 8.579   14.941  2.223   1.00 37.38 ? 115 GLU A CG    1 
ATOM   944  C  CD    . GLU A 1 115 ? 9.212   14.918  0.849   1.00 43.21 ? 115 GLU A CD    1 
ATOM   945  O  OE1   . GLU A 1 115 ? 8.717   15.637  -0.048  1.00 46.54 ? 115 GLU A OE1   1 
ATOM   946  O  OE2   . GLU A 1 115 ? 10.199  14.175  0.664   1.00 44.13 ? 115 GLU A OE2   1 
ATOM   947  N  N     . LEU A 1 116 ? 5.606   12.104  4.519   1.00 23.62 ? 116 LEU A N     1 
ATOM   948  C  CA    . LEU A 1 116 ? 4.538   11.117  4.624   1.00 22.37 ? 116 LEU A CA    1 
ATOM   949  C  C     . LEU A 1 116 ? 3.936   11.186  6.015   1.00 24.98 ? 116 LEU A C     1 
ATOM   950  O  O     . LEU A 1 116 ? 3.187   10.301  6.428   1.00 25.11 ? 116 LEU A O     1 
ATOM   951  C  CB    . LEU A 1 116 ? 5.089   9.712   4.388   1.00 18.68 ? 116 LEU A CB    1 
ATOM   952  C  CG    . LEU A 1 116 ? 5.840   9.485   3.079   1.00 18.85 ? 116 LEU A CG    1 
ATOM   953  C  CD1   . LEU A 1 116 ? 6.337   8.060   3.048   1.00 20.63 ? 116 LEU A CD1   1 
ATOM   954  C  CD2   . LEU A 1 116 ? 4.933   9.767   1.893   1.00 15.48 ? 116 LEU A CD2   1 
ATOM   955  N  N     . LYS A 1 117 ? 4.265   12.252  6.733   1.00 27.22 ? 117 LYS A N     1 
ATOM   956  C  CA    . LYS A 1 117 ? 3.792   12.428  8.094   1.00 31.52 ? 117 LYS A CA    1 
ATOM   957  C  C     . LYS A 1 117 ? 2.271   12.448  8.268   1.00 32.51 ? 117 LYS A C     1 
ATOM   958  O  O     . LYS A 1 117 ? 1.766   12.043  9.313   1.00 32.07 ? 117 LYS A O     1 
ATOM   959  C  CB    . LYS A 1 117 ? 4.404   13.701  8.683   1.00 34.22 ? 117 LYS A CB    1 
ATOM   960  C  CG    . LYS A 1 117 ? 4.652   13.613  10.177  1.00 39.25 ? 117 LYS A CG    1 
ATOM   961  C  CD    . LYS A 1 117 ? 5.492   12.380  10.525  1.00 40.55 ? 117 LYS A CD    1 
ATOM   962  C  CE    . LYS A 1 117 ? 5.618   12.209  12.029  1.00 44.74 ? 117 LYS A CE    1 
ATOM   963  N  NZ    . LYS A 1 117 ? 6.338   13.356  12.668  1.00 44.21 ? 117 LYS A NZ    1 
ATOM   964  N  N     . ASP A 1 118 ? 1.540   12.898  7.249   1.00 33.54 ? 118 ASP A N     1 
ATOM   965  C  CA    . ASP A 1 118 ? 0.082   12.970  7.347   1.00 33.96 ? 118 ASP A CA    1 
ATOM   966  C  C     . ASP A 1 118 ? -0.668  12.060  6.378   1.00 31.71 ? 118 ASP A C     1 
ATOM   967  O  O     . ASP A 1 118 ? -1.808  12.347  6.008   1.00 32.34 ? 118 ASP A O     1 
ATOM   968  C  CB    . ASP A 1 118 ? -0.392  14.410  7.131   1.00 40.22 ? 118 ASP A CB    1 
ATOM   969  C  CG    . ASP A 1 118 ? 0.339   15.405  8.015   1.00 44.72 ? 118 ASP A CG    1 
ATOM   970  O  OD1   . ASP A 1 118 ? 0.434   15.155  9.239   1.00 45.07 ? 118 ASP A OD1   1 
ATOM   971  O  OD2   . ASP A 1 118 ? 0.810   16.437  7.481   1.00 47.44 ? 118 ASP A OD2   1 
ATOM   972  N  N     . ALA A 1 119 ? -0.037  10.968  5.970   1.00 27.07 ? 119 ALA A N     1 
ATOM   973  C  CA    . ALA A 1 119 ? -0.672  10.044  5.047   1.00 22.21 ? 119 ALA A CA    1 
ATOM   974  C  C     . ALA A 1 119 ? -1.430  8.986   5.820   1.00 20.93 ? 119 ALA A C     1 
ATOM   975  O  O     . ALA A 1 119 ? -0.973  8.535   6.871   1.00 18.88 ? 119 ALA A O     1 
ATOM   976  C  CB    . ALA A 1 119 ? 0.375   9.387   4.159   1.00 20.31 ? 119 ALA A CB    1 
ATOM   977  N  N     . ILE A 1 120 ? -2.599  8.617   5.304   1.00 19.67 ? 120 ILE A N     1 
ATOM   978  C  CA    . ILE A 1 120 ? -3.439  7.583   5.907   1.00 18.30 ? 120 ILE A CA    1 
ATOM   979  C  C     . ILE A 1 120 ? -2.650  6.295   5.675   1.00 18.50 ? 120 ILE A C     1 
ATOM   980  O  O     . ILE A 1 120 ? -1.988  6.162   4.648   1.00 16.76 ? 120 ILE A O     1 
ATOM   981  C  CB    . ILE A 1 120 ? -4.815  7.506   5.185   1.00 16.86 ? 120 ILE A CB    1 
ATOM   982  C  CG1   . ILE A 1 120 ? -5.521  8.867   5.258   1.00 19.95 ? 120 ILE A CG1   1 
ATOM   983  C  CG2   . ILE A 1 120 ? -5.680  6.458   5.805   1.00 14.73 ? 120 ILE A CG2   1 
ATOM   984  C  CD1   . ILE A 1 120 ? -5.774  9.378   6.662   1.00 11.49 ? 120 ILE A CD1   1 
ATOM   985  N  N     . ILE A 1 121 ? -2.713  5.351   6.613   1.00 18.75 ? 121 ILE A N     1 
ATOM   986  C  CA    . ILE A 1 121 ? -1.954  4.108   6.480   1.00 17.52 ? 121 ILE A CA    1 
ATOM   987  C  C     . ILE A 1 121 ? -2.795  2.843   6.323   1.00 18.89 ? 121 ILE A C     1 
ATOM   988  O  O     . ILE A 1 121 ? -3.424  2.400   7.282   1.00 20.99 ? 121 ILE A O     1 
ATOM   989  C  CB    . ILE A 1 121 ? -1.042  3.869   7.711   1.00 19.57 ? 121 ILE A CB    1 
ATOM   990  C  CG1   . ILE A 1 121 ? -0.243  5.131   8.058   1.00 19.19 ? 121 ILE A CG1   1 
ATOM   991  C  CG2   . ILE A 1 121 ? -0.111  2.702   7.436   1.00 15.23 ? 121 ILE A CG2   1 
ATOM   992  C  CD1   . ILE A 1 121 ? 0.723   5.571   6.991   1.00 25.33 ? 121 ILE A CD1   1 
ATOM   993  N  N     . LEU A 1 122 ? -2.797  2.250   5.131   1.00 14.18 ? 122 LEU A N     1 
ATOM   994  C  CA    . LEU A 1 122 ? -3.540  1.013   4.920   1.00 11.44 ? 122 LEU A CA    1 
ATOM   995  C  C     . LEU A 1 122 ? -2.573  -0.141  4.771   1.00 11.78 ? 122 LEU A C     1 
ATOM   996  O  O     . LEU A 1 122 ? -1.723  -0.139  3.885   1.00 15.67 ? 122 LEU A O     1 
ATOM   997  C  CB    . LEU A 1 122 ? -4.409  1.065   3.660   1.00 13.14 ? 122 LEU A CB    1 
ATOM   998  C  CG    . LEU A 1 122 ? -5.039  -0.300  3.294   1.00 14.42 ? 122 LEU A CG    1 
ATOM   999  C  CD1   . LEU A 1 122 ? -5.853  -0.832  4.480   1.00 7.18  ? 122 LEU A CD1   1 
ATOM   1000 C  CD2   . LEU A 1 122 ? -5.918  -0.176  2.048   1.00 6.03  ? 122 LEU A CD2   1 
ATOM   1001 N  N     . VAL A 1 123 ? -2.712  -1.137  5.629   1.00 9.71  ? 123 VAL A N     1 
ATOM   1002 C  CA    . VAL A 1 123 ? -1.847  -2.299  5.568   1.00 10.72 ? 123 VAL A CA    1 
ATOM   1003 C  C     . VAL A 1 123 ? -2.608  -3.532  5.081   1.00 13.62 ? 123 VAL A C     1 
ATOM   1004 O  O     . VAL A 1 123 ? -3.641  -3.900  5.646   1.00 13.07 ? 123 VAL A O     1 
ATOM   1005 C  CB    . VAL A 1 123 ? -1.260  -2.630  6.952   1.00 10.05 ? 123 VAL A CB    1 
ATOM   1006 C  CG1   . VAL A 1 123 ? -0.484  -3.934  6.875   1.00 2.03  ? 123 VAL A CG1   1 
ATOM   1007 C  CG2   . VAL A 1 123 ? -0.366  -1.493  7.437   1.00 9.60  ? 123 VAL A CG2   1 
ATOM   1008 N  N     . PHE A 1 124 ? -2.102  -4.165  4.029   1.00 13.15 ? 124 PHE A N     1 
ATOM   1009 C  CA    . PHE A 1 124 ? -2.721  -5.381  3.522   1.00 12.64 ? 124 PHE A CA    1 
ATOM   1010 C  C     . PHE A 1 124 ? -1.901  -6.570  4.005   1.00 11.05 ? 124 PHE A C     1 
ATOM   1011 O  O     . PHE A 1 124 ? -0.744  -6.714  3.618   1.00 14.64 ? 124 PHE A O     1 
ATOM   1012 C  CB    . PHE A 1 124 ? -2.755  -5.399  1.991   1.00 9.22  ? 124 PHE A CB    1 
ATOM   1013 C  CG    . PHE A 1 124 ? -3.891  -4.622  1.393   1.00 9.27  ? 124 PHE A CG    1 
ATOM   1014 C  CD1   . PHE A 1 124 ? -5.196  -4.828  1.824   1.00 11.56 ? 124 PHE A CD1   1 
ATOM   1015 C  CD2   . PHE A 1 124 ? -3.663  -3.708  0.369   1.00 11.39 ? 124 PHE A CD2   1 
ATOM   1016 C  CE1   . PHE A 1 124 ? -6.258  -4.137  1.243   1.00 12.93 ? 124 PHE A CE1   1 
ATOM   1017 C  CE2   . PHE A 1 124 ? -4.719  -3.011  -0.220  1.00 11.38 ? 124 PHE A CE2   1 
ATOM   1018 C  CZ    . PHE A 1 124 ? -6.017  -3.227  0.218   1.00 14.69 ? 124 PHE A CZ    1 
ATOM   1019 N  N     . ALA A 1 125 ? -2.484  -7.392  4.876   1.00 10.58 ? 125 ALA A N     1 
ATOM   1020 C  CA    . ALA A 1 125 ? -1.823  -8.602  5.381   1.00 8.73  ? 125 ALA A CA    1 
ATOM   1021 C  C     . ALA A 1 125 ? -2.267  -9.657  4.371   1.00 9.19  ? 125 ALA A C     1 
ATOM   1022 O  O     . ALA A 1 125 ? -3.227  -10.403 4.588   1.00 8.36  ? 125 ALA A O     1 
ATOM   1023 C  CB    . ALA A 1 125 ? -2.323  -8.949  6.776   1.00 5.49  ? 125 ALA A CB    1 
ATOM   1024 N  N     . ASN A 1 126 ? -1.547  -9.684  3.258   1.00 8.37  ? 126 ASN A N     1 
ATOM   1025 C  CA    . ASN A 1 126 ? -1.846  -10.546 2.133   1.00 8.90  ? 126 ASN A CA    1 
ATOM   1026 C  C     . ASN A 1 126 ? -1.418  -11.997 2.266   1.00 9.46  ? 126 ASN A C     1 
ATOM   1027 O  O     . ASN A 1 126 ? -0.600  -12.346 3.110   1.00 12.23 ? 126 ASN A O     1 
ATOM   1028 C  CB    . ASN A 1 126 ? -1.234  -9.912  0.882   1.00 12.31 ? 126 ASN A CB    1 
ATOM   1029 C  CG    . ASN A 1 126 ? -1.817  -10.458 -0.391  1.00 17.60 ? 126 ASN A CG    1 
ATOM   1030 O  OD1   . ASN A 1 126 ? -3.031  -10.641 -0.505  1.00 20.75 ? 126 ASN A OD1   1 
ATOM   1031 N  ND2   . ASN A 1 126 ? -0.960  -10.709 -1.371  1.00 18.89 ? 126 ASN A ND2   1 
ATOM   1032 N  N     . LYS A 1 127 ? -1.999  -12.837 1.420   1.00 9.65  ? 127 LYS A N     1 
ATOM   1033 C  CA    . LYS A 1 127 ? -1.719  -14.267 1.393   1.00 15.07 ? 127 LYS A CA    1 
ATOM   1034 C  C     . LYS A 1 127 ? -2.316  -14.995 2.587   1.00 17.63 ? 127 LYS A C     1 
ATOM   1035 O  O     . LYS A 1 127 ? -1.751  -15.980 3.073   1.00 18.52 ? 127 LYS A O     1 
ATOM   1036 C  CB    . LYS A 1 127 ? -0.207  -14.527 1.312   1.00 14.42 ? 127 LYS A CB    1 
ATOM   1037 C  CG    . LYS A 1 127 ? 0.439   -13.915 0.075   1.00 11.95 ? 127 LYS A CG    1 
ATOM   1038 C  CD    . LYS A 1 127 ? 1.877   -14.360 -0.120  1.00 13.14 ? 127 LYS A CD    1 
ATOM   1039 C  CE    . LYS A 1 127 ? 2.495   -13.627 -1.304  1.00 11.70 ? 127 LYS A CE    1 
ATOM   1040 N  NZ    . LYS A 1 127 ? 3.793   -14.206 -1.751  1.00 12.44 ? 127 LYS A NZ    1 
ATOM   1041 N  N     . GLN A 1 128 ? -3.466  -14.508 3.052   1.00 16.48 ? 128 GLN A N     1 
ATOM   1042 C  CA    . GLN A 1 128 ? -4.154  -15.116 4.178   1.00 15.26 ? 128 GLN A CA    1 
ATOM   1043 C  C     . GLN A 1 128 ? -4.696  -16.487 3.798   1.00 19.02 ? 128 GLN A C     1 
ATOM   1044 O  O     . GLN A 1 128 ? -5.095  -17.272 4.661   1.00 20.74 ? 128 GLN A O     1 
ATOM   1045 C  CB    . GLN A 1 128 ? -5.297  -14.220 4.643   1.00 16.06 ? 128 GLN A CB    1 
ATOM   1046 C  CG    . GLN A 1 128 ? -4.855  -13.109 5.581   1.00 16.35 ? 128 GLN A CG    1 
ATOM   1047 C  CD    . GLN A 1 128 ? -4.236  -13.659 6.843   1.00 13.08 ? 128 GLN A CD    1 
ATOM   1048 O  OE1   . GLN A 1 128 ? -4.796  -14.551 7.475   1.00 18.44 ? 128 GLN A OE1   1 
ATOM   1049 N  NE2   . GLN A 1 128 ? -3.084  -13.132 7.222   1.00 12.10 ? 128 GLN A NE2   1 
ATOM   1050 N  N     . ASP A 1 129 ? -4.694  -16.770 2.499   1.00 19.80 ? 129 ASP A N     1 
ATOM   1051 C  CA    . ASP A 1 129 ? -5.174  -18.043 1.964   1.00 19.38 ? 129 ASP A CA    1 
ATOM   1052 C  C     . ASP A 1 129 ? -4.232  -19.201 2.281   1.00 20.01 ? 129 ASP A C     1 
ATOM   1053 O  O     . ASP A 1 129 ? -4.652  -20.355 2.357   1.00 24.53 ? 129 ASP A O     1 
ATOM   1054 C  CB    . ASP A 1 129 ? -5.321  -17.941 0.450   1.00 16.77 ? 129 ASP A CB    1 
ATOM   1055 C  CG    . ASP A 1 129 ? -4.013  -17.616 -0.229  1.00 16.69 ? 129 ASP A CG    1 
ATOM   1056 O  OD1   . ASP A 1 129 ? -3.485  -16.513 0.012   1.00 17.16 ? 129 ASP A OD1   1 
ATOM   1057 O  OD2   . ASP A 1 129 ? -3.508  -18.463 -0.996  1.00 17.96 ? 129 ASP A OD2   1 
ATOM   1058 N  N     . LEU A 1 130 ? -2.953  -18.894 2.442   1.00 20.10 ? 130 LEU A N     1 
ATOM   1059 C  CA    . LEU A 1 130 ? -1.972  -19.920 2.739   1.00 20.84 ? 130 LEU A CA    1 
ATOM   1060 C  C     . LEU A 1 130 ? -2.155  -20.494 4.140   1.00 25.32 ? 130 LEU A C     1 
ATOM   1061 O  O     . LEU A 1 130 ? -2.383  -19.767 5.109   1.00 25.02 ? 130 LEU A O     1 
ATOM   1062 C  CB    . LEU A 1 130 ? -0.560  -19.360 2.558   1.00 16.92 ? 130 LEU A CB    1 
ATOM   1063 C  CG    . LEU A 1 130 ? -0.260  -19.013 1.093   1.00 14.67 ? 130 LEU A CG    1 
ATOM   1064 C  CD1   . LEU A 1 130 ? 1.098   -18.353 0.955   1.00 7.29  ? 130 LEU A CD1   1 
ATOM   1065 C  CD2   . LEU A 1 130 ? -0.327  -20.287 0.267   1.00 10.96 ? 130 LEU A CD2   1 
ATOM   1066 N  N     . PRO A 1 131 ? -2.044  -21.825 4.259   1.00 27.33 ? 131 PRO A N     1 
ATOM   1067 C  CA    . PRO A 1 131 ? -2.191  -22.567 5.509   1.00 25.02 ? 131 PRO A CA    1 
ATOM   1068 C  C     . PRO A 1 131 ? -1.347  -22.042 6.660   1.00 24.80 ? 131 PRO A C     1 
ATOM   1069 O  O     . PRO A 1 131 ? -1.873  -21.700 7.722   1.00 29.13 ? 131 PRO A O     1 
ATOM   1070 C  CB    . PRO A 1 131 ? -1.786  -23.985 5.114   1.00 26.98 ? 131 PRO A CB    1 
ATOM   1071 C  CG    . PRO A 1 131 ? -2.120  -24.050 3.676   1.00 29.24 ? 131 PRO A CG    1 
ATOM   1072 C  CD    . PRO A 1 131 ? -1.631  -22.728 3.174   1.00 26.14 ? 131 PRO A CD    1 
ATOM   1073 N  N     . ASN A 1 132 ? -0.035  -21.984 6.459   1.00 20.36 ? 132 ASN A N     1 
ATOM   1074 C  CA    . ASN A 1 132 ? 0.841   -21.528 7.527   1.00 19.75 ? 132 ASN A CA    1 
ATOM   1075 C  C     . ASN A 1 132 ? 1.069   -20.024 7.556   1.00 18.03 ? 132 ASN A C     1 
ATOM   1076 O  O     . ASN A 1 132 ? 2.127   -19.558 7.979   1.00 21.77 ? 132 ASN A O     1 
ATOM   1077 C  CB    . ASN A 1 132 ? 2.186   -22.257 7.456   1.00 17.57 ? 132 ASN A CB    1 
ATOM   1078 C  CG    . ASN A 1 132 ? 2.849   -22.361 8.816   1.00 19.52 ? 132 ASN A CG    1 
ATOM   1079 O  OD1   . ASN A 1 132 ? 2.163   -22.553 9.823   1.00 17.63 ? 132 ASN A OD1   1 
ATOM   1080 N  ND2   . ASN A 1 132 ? 4.180   -22.249 8.856   1.00 6.88  ? 132 ASN A ND2   1 
ATOM   1081 N  N     . ALA A 1 133 ? 0.071   -19.269 7.110   1.00 15.84 ? 133 ALA A N     1 
ATOM   1082 C  CA    . ALA A 1 133 ? 0.160   -17.814 7.098   1.00 16.05 ? 133 ALA A CA    1 
ATOM   1083 C  C     . ALA A 1 133 ? -0.112  -17.259 8.487   1.00 17.13 ? 133 ALA A C     1 
ATOM   1084 O  O     . ALA A 1 133 ? -0.962  -17.774 9.218   1.00 18.38 ? 133 ALA A O     1 
ATOM   1085 C  CB    . ALA A 1 133 ? -0.844  -17.238 6.118   1.00 15.51 ? 133 ALA A CB    1 
ATOM   1086 N  N     . MET A 1 134 ? 0.618   -16.216 8.858   1.00 16.89 ? 134 MET A N     1 
ATOM   1087 C  CA    . MET A 1 134 ? 0.413   -15.598 10.157  1.00 19.08 ? 134 MET A CA    1 
ATOM   1088 C  C     . MET A 1 134 ? -0.949  -14.928 10.084  1.00 18.81 ? 134 MET A C     1 
ATOM   1089 O  O     . MET A 1 134 ? -1.324  -14.401 9.036   1.00 21.72 ? 134 MET A O     1 
ATOM   1090 C  CB    . MET A 1 134 ? 1.488   -14.542 10.439  1.00 18.17 ? 134 MET A CB    1 
ATOM   1091 C  CG    . MET A 1 134 ? 2.922   -15.060 10.489  1.00 15.42 ? 134 MET A CG    1 
ATOM   1092 S  SD    . MET A 1 134 ? 4.113   -13.701 10.717  1.00 18.90 ? 134 MET A SD    1 
ATOM   1093 C  CE    . MET A 1 134 ? 4.413   -13.240 9.033   1.00 15.71 ? 134 MET A CE    1 
ATOM   1094 N  N     . SER A 1 135 ? -1.697  -14.962 11.179  1.00 19.48 ? 135 SER A N     1 
ATOM   1095 C  CA    . SER A 1 135 ? -3.012  -14.324 11.204  1.00 21.51 ? 135 SER A CA    1 
ATOM   1096 C  C     . SER A 1 135 ? -2.783  -12.816 11.162  1.00 22.21 ? 135 SER A C     1 
ATOM   1097 O  O     . SER A 1 135 ? -1.664  -12.355 11.367  1.00 23.85 ? 135 SER A O     1 
ATOM   1098 C  CB    . SER A 1 135 ? -3.757  -14.700 12.486  1.00 20.40 ? 135 SER A CB    1 
ATOM   1099 O  OG    . SER A 1 135 ? -3.050  -14.262 13.635  1.00 21.27 ? 135 SER A OG    1 
ATOM   1100 N  N     . ALA A 1 136 ? -3.829  -12.043 10.896  1.00 23.91 ? 136 ALA A N     1 
ATOM   1101 C  CA    . ALA A 1 136 ? -3.678  -10.591 10.847  1.00 24.13 ? 136 ALA A CA    1 
ATOM   1102 C  C     . ALA A 1 136 ? -3.140  -10.103 12.192  1.00 23.99 ? 136 ALA A C     1 
ATOM   1103 O  O     . ALA A 1 136 ? -2.320  -9.184  12.260  1.00 22.99 ? 136 ALA A O     1 
ATOM   1104 C  CB    . ALA A 1 136 ? -5.017  -9.933  10.545  1.00 21.99 ? 136 ALA A CB    1 
ATOM   1105 N  N     . ALA A 1 137 ? -3.603  -10.739 13.260  1.00 21.95 ? 137 ALA A N     1 
ATOM   1106 C  CA    . ALA A 1 137 ? -3.184  -10.384 14.605  1.00 20.73 ? 137 ALA A CA    1 
ATOM   1107 C  C     . ALA A 1 137 ? -1.672  -10.526 14.779  1.00 21.45 ? 137 ALA A C     1 
ATOM   1108 O  O     . ALA A 1 137 ? -1.016  -9.613  15.283  1.00 23.25 ? 137 ALA A O     1 
ATOM   1109 C  CB    . ALA A 1 137 ? -3.914  -11.255 15.616  1.00 20.34 ? 137 ALA A CB    1 
ATOM   1110 N  N     . GLU A 1 138 ? -1.120  -11.665 14.367  1.00 18.97 ? 138 GLU A N     1 
ATOM   1111 C  CA    . GLU A 1 138 ? 0.315   -11.891 14.486  1.00 18.94 ? 138 GLU A CA    1 
ATOM   1112 C  C     . GLU A 1 138 ? 1.120   -10.936 13.582  1.00 19.93 ? 138 GLU A C     1 
ATOM   1113 O  O     . GLU A 1 138 ? 2.220   -10.495 13.945  1.00 18.50 ? 138 GLU A O     1 
ATOM   1114 C  CB    . GLU A 1 138 ? 0.639   -13.354 14.169  1.00 20.30 ? 138 GLU A CB    1 
ATOM   1115 C  CG    . GLU A 1 138 ? 2.117   -13.641 14.006  1.00 28.65 ? 138 GLU A CG    1 
ATOM   1116 C  CD    . GLU A 1 138 ? 2.484   -15.068 14.360  1.00 32.63 ? 138 GLU A CD    1 
ATOM   1117 O  OE1   . GLU A 1 138 ? 1.652   -15.974 14.137  1.00 33.75 ? 138 GLU A OE1   1 
ATOM   1118 O  OE2   . GLU A 1 138 ? 3.614   -15.281 14.854  1.00 35.79 ? 138 GLU A OE2   1 
ATOM   1119 N  N     . VAL A 1 139 ? 0.571   -10.608 12.414  1.00 16.72 ? 139 VAL A N     1 
ATOM   1120 C  CA    . VAL A 1 139 ? 1.241   -9.680  11.509  1.00 15.23 ? 139 VAL A CA    1 
ATOM   1121 C  C     . VAL A 1 139 ? 1.212   -8.287  12.159  1.00 18.23 ? 139 VAL A C     1 
ATOM   1122 O  O     . VAL A 1 139 ? 2.162   -7.504  12.032  1.00 17.05 ? 139 VAL A O     1 
ATOM   1123 C  CB    . VAL A 1 139 ? 0.538   -9.628  10.132  1.00 11.83 ? 139 VAL A CB    1 
ATOM   1124 C  CG1   . VAL A 1 139 ? 1.156   -8.545  9.265   1.00 9.97  ? 139 VAL A CG1   1 
ATOM   1125 C  CG2   . VAL A 1 139 ? 0.644   -10.977 9.449   1.00 7.79  ? 139 VAL A CG2   1 
ATOM   1126 N  N     . THR A 1 140 ? 0.123   -7.981  12.862  1.00 17.65 ? 140 THR A N     1 
ATOM   1127 C  CA    . THR A 1 140 ? 0.014   -6.697  13.538  1.00 17.61 ? 140 THR A CA    1 
ATOM   1128 C  C     . THR A 1 140 ? 1.118   -6.615  14.603  1.00 20.53 ? 140 THR A C     1 
ATOM   1129 O  O     . THR A 1 140 ? 1.738   -5.567  14.779  1.00 19.61 ? 140 THR A O     1 
ATOM   1130 C  CB    . THR A 1 140 ? -1.359  -6.528  14.223  1.00 18.80 ? 140 THR A CB    1 
ATOM   1131 O  OG1   . THR A 1 140 ? -2.405  -6.633  13.249  1.00 17.73 ? 140 THR A OG1   1 
ATOM   1132 C  CG2   . THR A 1 140 ? -1.449  -5.168  14.894  1.00 18.18 ? 140 THR A CG2   1 
ATOM   1133 N  N     . GLU A 1 141 ? 1.370   -7.726  15.297  1.00 20.78 ? 141 GLU A N     1 
ATOM   1134 C  CA    . GLU A 1 141 ? 2.402   -7.761  16.331  1.00 20.59 ? 141 GLU A CA    1 
ATOM   1135 C  C     . GLU A 1 141 ? 3.778   -7.628  15.699  1.00 19.01 ? 141 GLU A C     1 
ATOM   1136 O  O     . GLU A 1 141 ? 4.576   -6.805  16.124  1.00 21.67 ? 141 GLU A O     1 
ATOM   1137 C  CB    . GLU A 1 141 ? 2.380   -9.079  17.111  1.00 23.06 ? 141 GLU A CB    1 
ATOM   1138 C  CG    . GLU A 1 141 ? 1.011   -9.667  17.377  1.00 34.96 ? 141 GLU A CG    1 
ATOM   1139 C  CD    . GLU A 1 141 ? 1.084   -11.005 18.114  1.00 40.29 ? 141 GLU A CD    1 
ATOM   1140 O  OE1   . GLU A 1 141 ? 1.989   -11.817 17.803  1.00 40.41 ? 141 GLU A OE1   1 
ATOM   1141 O  OE2   . GLU A 1 141 ? 0.227   -11.248 18.996  1.00 40.19 ? 141 GLU A OE2   1 
ATOM   1142 N  N     . LYS A 1 142 ? 4.060   -8.455  14.697  1.00 16.70 ? 142 LYS A N     1 
ATOM   1143 C  CA    . LYS A 1 142 ? 5.360   -8.422  14.027  1.00 17.38 ? 142 LYS A CA    1 
ATOM   1144 C  C     . LYS A 1 142 ? 5.689   -7.086  13.360  1.00 16.66 ? 142 LYS A C     1 
ATOM   1145 O  O     . LYS A 1 142 ? 6.857   -6.701  13.290  1.00 14.24 ? 142 LYS A O     1 
ATOM   1146 C  CB    . LYS A 1 142 ? 5.462   -9.543  12.994  1.00 18.66 ? 142 LYS A CB    1 
ATOM   1147 C  CG    . LYS A 1 142 ? 5.651   -10.922 13.593  1.00 18.42 ? 142 LYS A CG    1 
ATOM   1148 C  CD    . LYS A 1 142 ? 6.877   -10.987 14.468  1.00 14.78 ? 142 LYS A CD    1 
ATOM   1149 C  CE    . LYS A 1 142 ? 7.282   -12.430 14.695  1.00 19.83 ? 142 LYS A CE    1 
ATOM   1150 N  NZ    . LYS A 1 142 ? 6.153   -13.219 15.216  1.00 16.43 ? 142 LYS A NZ    1 
ATOM   1151 N  N     . LEU A 1 143 ? 4.664   -6.394  12.864  1.00 11.91 ? 143 LEU A N     1 
ATOM   1152 C  CA    . LEU A 1 143 ? 4.858   -5.098  12.242  1.00 12.78 ? 143 LEU A CA    1 
ATOM   1153 C  C     . LEU A 1 143 ? 4.799   -3.997  13.305  1.00 15.48 ? 143 LEU A C     1 
ATOM   1154 O  O     . LEU A 1 143 ? 5.027   -2.821  13.015  1.00 16.12 ? 143 LEU A O     1 
ATOM   1155 C  CB    . LEU A 1 143 ? 3.797   -4.854  11.168  1.00 9.55  ? 143 LEU A CB    1 
ATOM   1156 C  CG    . LEU A 1 143 ? 3.920   -5.796  9.970   1.00 11.11 ? 143 LEU A CG    1 
ATOM   1157 C  CD1   . LEU A 1 143 ? 2.853   -5.466  8.941   1.00 13.89 ? 143 LEU A CD1   1 
ATOM   1158 C  CD2   . LEU A 1 143 ? 5.316   -5.675  9.359   1.00 9.95  ? 143 LEU A CD2   1 
ATOM   1159 N  N     . HIS A 1 144 ? 4.488   -4.383  14.537  1.00 15.43 ? 144 HIS A N     1 
ATOM   1160 C  CA    . HIS A 1 144 ? 4.422   -3.432  15.637  1.00 16.31 ? 144 HIS A CA    1 
ATOM   1161 C  C     . HIS A 1 144 ? 3.577   -2.216  15.292  1.00 16.95 ? 144 HIS A C     1 
ATOM   1162 O  O     . HIS A 1 144 ? 3.964   -1.079  15.556  1.00 17.34 ? 144 HIS A O     1 
ATOM   1163 C  CB    . HIS A 1 144 ? 5.847   -3.019  16.018  1.00 17.60 ? 144 HIS A CB    1 
ATOM   1164 C  CG    . HIS A 1 144 ? 6.649   -4.143  16.595  1.00 21.58 ? 144 HIS A CG    1 
ATOM   1165 N  ND1   . HIS A 1 144 ? 6.680   -4.416  17.946  1.00 19.58 ? 144 HIS A ND1   1 
ATOM   1166 C  CD2   . HIS A 1 144 ? 7.357   -5.132  15.996  1.00 23.19 ? 144 HIS A CD2   1 
ATOM   1167 C  CE1   . HIS A 1 144 ? 7.369   -5.525  18.154  1.00 20.42 ? 144 HIS A CE1   1 
ATOM   1168 N  NE2   . HIS A 1 144 ? 7.790   -5.979  16.986  1.00 21.11 ? 144 HIS A NE2   1 
ATOM   1169 N  N     . LEU A 1 145 ? 2.410   -2.475  14.710  1.00 16.50 ? 145 LEU A N     1 
ATOM   1170 C  CA    . LEU A 1 145 ? 1.489   -1.424  14.308  1.00 15.94 ? 145 LEU A CA    1 
ATOM   1171 C  C     . LEU A 1 145 ? 0.918   -0.664  15.497  1.00 18.51 ? 145 LEU A C     1 
ATOM   1172 O  O     . LEU A 1 145 ? 0.573   0.513   15.384  1.00 18.12 ? 145 LEU A O     1 
ATOM   1173 C  CB    . LEU A 1 145 ? 0.348   -2.028  13.487  1.00 15.04 ? 145 LEU A CB    1 
ATOM   1174 C  CG    . LEU A 1 145 ? 0.774   -2.700  12.183  1.00 15.24 ? 145 LEU A CG    1 
ATOM   1175 C  CD1   . LEU A 1 145 ? -0.462  -3.201  11.441  1.00 15.39 ? 145 LEU A CD1   1 
ATOM   1176 C  CD2   . LEU A 1 145 ? 1.549   -1.704  11.324  1.00 13.41 ? 145 LEU A CD2   1 
ATOM   1177 N  N     . ASN A 1 146 ? 0.817   -1.337  16.639  1.00 22.82 ? 146 ASN A N     1 
ATOM   1178 C  CA    . ASN A 1 146 ? 0.283   -0.699  17.837  1.00 26.39 ? 146 ASN A CA    1 
ATOM   1179 C  C     . ASN A 1 146 ? 1.224   0.361   18.413  1.00 26.43 ? 146 ASN A C     1 
ATOM   1180 O  O     . ASN A 1 146 ? 0.885   1.033   19.382  1.00 27.23 ? 146 ASN A O     1 
ATOM   1181 C  CB    . ASN A 1 146 ? -0.051  -1.749  18.906  1.00 27.57 ? 146 ASN A CB    1 
ATOM   1182 C  CG    . ASN A 1 146 ? -1.270  -2.594  18.539  1.00 32.40 ? 146 ASN A CG    1 
ATOM   1183 O  OD1   . ASN A 1 146 ? -2.297  -2.073  18.095  1.00 34.03 ? 146 ASN A OD1   1 
ATOM   1184 N  ND2   . ASN A 1 146 ? -1.162  -3.904  18.735  1.00 38.35 ? 146 ASN A ND2   1 
ATOM   1185 N  N     . THR A 1 147 ? 2.405   0.513   17.822  1.00 27.32 ? 147 THR A N     1 
ATOM   1186 C  CA    . THR A 1 147 ? 3.341   1.530   18.296  1.00 27.51 ? 147 THR A CA    1 
ATOM   1187 C  C     . THR A 1 147 ? 3.194   2.796   17.450  1.00 29.22 ? 147 THR A C     1 
ATOM   1188 O  O     . THR A 1 147 ? 3.908   3.775   17.667  1.00 30.42 ? 147 THR A O     1 
ATOM   1189 C  CB    . THR A 1 147 ? 4.808   1.079   18.205  1.00 23.83 ? 147 THR A CB    1 
ATOM   1190 O  OG1   . THR A 1 147 ? 5.193   1.009   16.829  1.00 18.44 ? 147 THR A OG1   1 
ATOM   1191 C  CG2   . THR A 1 147 ? 5.004   -0.275  18.883  1.00 18.25 ? 147 THR A CG2   1 
ATOM   1192 N  N     . ILE A 1 148 ? 2.279   2.770   16.482  1.00 28.98 ? 148 ILE A N     1 
ATOM   1193 C  CA    . ILE A 1 148 ? 2.052   3.935   15.629  1.00 28.06 ? 148 ILE A CA    1 
ATOM   1194 C  C     . ILE A 1 148 ? 1.163   4.931   16.359  1.00 28.59 ? 148 ILE A C     1 
ATOM   1195 O  O     . ILE A 1 148 ? 0.056   4.594   16.779  1.00 27.03 ? 148 ILE A O     1 
ATOM   1196 C  CB    . ILE A 1 148 ? 1.354   3.566   14.306  1.00 23.77 ? 148 ILE A CB    1 
ATOM   1197 C  CG1   . ILE A 1 148 ? 2.240   2.643   13.473  1.00 22.95 ? 148 ILE A CG1   1 
ATOM   1198 C  CG2   . ILE A 1 148 ? 1.066   4.828   13.513  1.00 24.00 ? 148 ILE A CG2   1 
ATOM   1199 C  CD1   . ILE A 1 148 ? 1.613   2.241   12.149  1.00 17.47 ? 148 ILE A CD1   1 
ATOM   1200 N  N     . ARG A 1 149 ? 1.638   6.160   16.506  1.00 32.87 ? 149 ARG A N     1 
ATOM   1201 C  CA    . ARG A 1 149 ? 0.847   7.166   17.195  1.00 38.73 ? 149 ARG A CA    1 
ATOM   1202 C  C     . ARG A 1 149 ? 0.501   8.386   16.349  1.00 38.77 ? 149 ARG A C     1 
ATOM   1203 O  O     . ARG A 1 149 ? 1.231   8.745   15.425  1.00 38.11 ? 149 ARG A O     1 
ATOM   1204 C  CB    . ARG A 1 149 ? 1.555   7.588   18.482  1.00 42.25 ? 149 ARG A CB    1 
ATOM   1205 C  CG    . ARG A 1 149 ? 0.988   6.902   19.721  1.00 48.48 ? 149 ARG A CG    1 
ATOM   1206 C  CD    . ARG A 1 149 ? 1.919   7.025   20.914  1.00 54.30 ? 149 ARG A CD    1 
ATOM   1207 N  NE    . ARG A 1 149 ? 3.060   6.117   20.809  1.00 59.55 ? 149 ARG A NE    1 
ATOM   1208 C  CZ    . ARG A 1 149 ? 2.967   4.790   20.828  1.00 61.79 ? 149 ARG A CZ    1 
ATOM   1209 N  NH1   . ARG A 1 149 ? 1.779   4.207   20.950  1.00 60.88 ? 149 ARG A NH1   1 
ATOM   1210 N  NH2   . ARG A 1 149 ? 4.062   4.045   20.728  1.00 62.46 ? 149 ARG A NH2   1 
ATOM   1211 N  N     . GLU A 1 150 ? -0.635  9.002   16.670  1.00 40.89 ? 150 GLU A N     1 
ATOM   1212 C  CA    . GLU A 1 150 ? -1.121  10.183  15.962  1.00 42.81 ? 150 GLU A CA    1 
ATOM   1213 C  C     . GLU A 1 150 ? -1.404  9.891   14.497  1.00 40.39 ? 150 GLU A C     1 
ATOM   1214 O  O     . GLU A 1 150 ? -1.637  10.805  13.709  1.00 40.21 ? 150 GLU A O     1 
ATOM   1215 C  CB    . GLU A 1 150 ? -0.104  11.324  16.061  1.00 46.77 ? 150 GLU A CB    1 
ATOM   1216 C  CG    . GLU A 1 150 ? 0.084   11.844  17.471  1.00 52.54 ? 150 GLU A CG    1 
ATOM   1217 C  CD    . GLU A 1 150 ? -1.239  12.105  18.169  1.00 57.07 ? 150 GLU A CD    1 
ATOM   1218 O  OE1   . GLU A 1 150 ? -2.066  12.872  17.622  1.00 59.07 ? 150 GLU A OE1   1 
ATOM   1219 O  OE2   . GLU A 1 150 ? -1.451  11.539  19.264  1.00 57.41 ? 150 GLU A OE2   1 
ATOM   1220 N  N     . ARG A 1 151 ? -1.382  8.617   14.133  1.00 38.56 ? 151 ARG A N     1 
ATOM   1221 C  CA    . ARG A 1 151 ? -1.627  8.235   12.754  1.00 34.98 ? 151 ARG A CA    1 
ATOM   1222 C  C     . ARG A 1 151 ? -2.905  7.427   12.618  1.00 32.53 ? 151 ARG A C     1 
ATOM   1223 O  O     . ARG A 1 151 ? -3.276  6.663   13.506  1.00 33.00 ? 151 ARG A O     1 
ATOM   1224 C  CB    . ARG A 1 151 ? -0.447  7.420   12.217  1.00 36.00 ? 151 ARG A CB    1 
ATOM   1225 C  CG    . ARG A 1 151 ? 0.899   8.118   12.337  1.00 37.09 ? 151 ARG A CG    1 
ATOM   1226 C  CD    . ARG A 1 151 ? 0.904   9.398   11.539  1.00 38.93 ? 151 ARG A CD    1 
ATOM   1227 N  NE    . ARG A 1 151 ? 0.914   9.150   10.100  1.00 39.78 ? 151 ARG A NE    1 
ATOM   1228 C  CZ    . ARG A 1 151 ? 2.007   8.871   9.396   1.00 40.77 ? 151 ARG A CZ    1 
ATOM   1229 N  NH1   . ARG A 1 151 ? 3.188   8.800   9.998   1.00 38.60 ? 151 ARG A NH1   1 
ATOM   1230 N  NH2   . ARG A 1 151 ? 1.920   8.677   8.089   1.00 39.22 ? 151 ARG A NH2   1 
ATOM   1231 N  N     . ASN A 1 152 ? -3.585  7.613   11.498  1.00 29.56 ? 152 ASN A N     1 
ATOM   1232 C  CA    . ASN A 1 152 ? -4.805  6.876   11.233  1.00 27.77 ? 152 ASN A CA    1 
ATOM   1233 C  C     . ASN A 1 152 ? -4.404  5.682   10.366  1.00 23.03 ? 152 ASN A C     1 
ATOM   1234 O  O     . ASN A 1 152 ? -4.049  5.844   9.200   1.00 21.79 ? 152 ASN A O     1 
ATOM   1235 C  CB    . ASN A 1 152 ? -5.808  7.771   10.505  1.00 29.46 ? 152 ASN A CB    1 
ATOM   1236 C  CG    . ASN A 1 152 ? -7.154  7.115   10.339  1.00 36.22 ? 152 ASN A CG    1 
ATOM   1237 O  OD1   . ASN A 1 152 ? -7.555  6.274   11.152  1.00 40.88 ? 152 ASN A OD1   1 
ATOM   1238 N  ND2   . ASN A 1 152 ? -7.875  7.503   9.294   1.00 38.09 ? 152 ASN A ND2   1 
ATOM   1239 N  N     . TRP A 1 153 ? -4.425  4.493   10.956  1.00 18.04 ? 153 TRP A N     1 
ATOM   1240 C  CA    . TRP A 1 153 ? -4.048  3.287   10.240  1.00 17.83 ? 153 TRP A CA    1 
ATOM   1241 C  C     . TRP A 1 153 ? -5.066  2.170   10.376  1.00 16.21 ? 153 TRP A C     1 
ATOM   1242 O  O     . TRP A 1 153 ? -5.971  2.232   11.204  1.00 19.01 ? 153 TRP A O     1 
ATOM   1243 C  CB    . TRP A 1 153 ? -2.682  2.780   10.715  1.00 14.51 ? 153 TRP A CB    1 
ATOM   1244 C  CG    . TRP A 1 153 ? -2.641  2.293   12.139  1.00 16.36 ? 153 TRP A CG    1 
ATOM   1245 C  CD1   . TRP A 1 153 ? -2.272  3.012   13.245  1.00 16.49 ? 153 TRP A CD1   1 
ATOM   1246 C  CD2   . TRP A 1 153 ? -2.917  0.963   12.601  1.00 13.83 ? 153 TRP A CD2   1 
ATOM   1247 N  NE1   . TRP A 1 153 ? -2.292  2.209   14.358  1.00 14.07 ? 153 TRP A NE1   1 
ATOM   1248 C  CE2   . TRP A 1 153 ? -2.685  0.948   13.993  1.00 13.86 ? 153 TRP A CE2   1 
ATOM   1249 C  CE3   . TRP A 1 153 ? -3.334  -0.218  11.973  1.00 12.35 ? 153 TRP A CE3   1 
ATOM   1250 C  CZ2   . TRP A 1 153 ? -2.855  -0.205  14.769  1.00 16.50 ? 153 TRP A CZ2   1 
ATOM   1251 C  CZ3   . TRP A 1 153 ? -3.505  -1.363  12.744  1.00 10.37 ? 153 TRP A CZ3   1 
ATOM   1252 C  CH2   . TRP A 1 153 ? -3.264  -1.349  14.127  1.00 14.77 ? 153 TRP A CH2   1 
ATOM   1253 N  N     . PHE A 1 154 ? -4.888  1.131   9.572   1.00 14.33 ? 154 PHE A N     1 
ATOM   1254 C  CA    . PHE A 1 154 ? -5.797  0.003   9.573   1.00 14.18 ? 154 PHE A CA    1 
ATOM   1255 C  C     . PHE A 1 154 ? -5.130  -1.184  8.889   1.00 15.43 ? 154 PHE A C     1 
ATOM   1256 O  O     . PHE A 1 154 ? -4.457  -1.015  7.875   1.00 14.24 ? 154 PHE A O     1 
ATOM   1257 C  CB    . PHE A 1 154 ? -7.055  0.401   8.806   1.00 14.07 ? 154 PHE A CB    1 
ATOM   1258 C  CG    . PHE A 1 154 ? -8.119  -0.643  8.791   1.00 12.91 ? 154 PHE A CG    1 
ATOM   1259 C  CD1   . PHE A 1 154 ? -8.948  -0.823  9.895   1.00 14.06 ? 154 PHE A CD1   1 
ATOM   1260 C  CD2   . PHE A 1 154 ? -8.314  -1.431  7.662   1.00 8.57  ? 154 PHE A CD2   1 
ATOM   1261 C  CE1   . PHE A 1 154 ? -9.968  -1.774  9.872   1.00 17.41 ? 154 PHE A CE1   1 
ATOM   1262 C  CE2   . PHE A 1 154 ? -9.323  -2.383  7.624   1.00 12.40 ? 154 PHE A CE2   1 
ATOM   1263 C  CZ    . PHE A 1 154 ? -10.156 -2.557  8.728   1.00 14.76 ? 154 PHE A CZ    1 
ATOM   1264 N  N     . ILE A 1 155 ? -5.295  -2.379  9.452   1.00 15.57 ? 155 ILE A N     1 
ATOM   1265 C  CA    . ILE A 1 155 ? -4.723  -3.575  8.845   1.00 13.18 ? 155 ILE A CA    1 
ATOM   1266 C  C     . ILE A 1 155 ? -5.893  -4.385  8.312   1.00 16.59 ? 155 ILE A C     1 
ATOM   1267 O  O     . ILE A 1 155 ? -6.911  -4.547  8.996   1.00 16.94 ? 155 ILE A O     1 
ATOM   1268 C  CB    . ILE A 1 155 ? -3.901  -4.426  9.852   1.00 13.99 ? 155 ILE A CB    1 
ATOM   1269 C  CG1   . ILE A 1 155 ? -3.251  -5.601  9.120   1.00 10.08 ? 155 ILE A CG1   1 
ATOM   1270 C  CG2   . ILE A 1 155 ? -4.788  -4.951  10.967  1.00 14.86 ? 155 ILE A CG2   1 
ATOM   1271 C  CD1   . ILE A 1 155 ? -2.209  -6.329  9.929   1.00 12.73 ? 155 ILE A CD1   1 
ATOM   1272 N  N     . GLN A 1 156 ? -5.745  -4.869  7.080   1.00 14.65 ? 156 GLN A N     1 
ATOM   1273 C  CA    . GLN A 1 156 ? -6.779  -5.637  6.395   1.00 12.03 ? 156 GLN A CA    1 
ATOM   1274 C  C     . GLN A 1 156 ? -6.250  -6.951  5.812   1.00 10.49 ? 156 GLN A C     1 
ATOM   1275 O  O     . GLN A 1 156 ? -5.270  -6.951  5.068   1.00 15.28 ? 156 GLN A O     1 
ATOM   1276 C  CB    . GLN A 1 156 ? -7.361  -4.776  5.269   1.00 11.67 ? 156 GLN A CB    1 
ATOM   1277 C  CG    . GLN A 1 156 ? -8.235  -5.529  4.288   1.00 8.16  ? 156 GLN A CG    1 
ATOM   1278 C  CD    . GLN A 1 156 ? -9.482  -6.066  4.938   1.00 10.33 ? 156 GLN A CD    1 
ATOM   1279 O  OE1   . GLN A 1 156 ? -10.245 -5.319  5.545   1.00 9.27  ? 156 GLN A OE1   1 
ATOM   1280 N  NE2   . GLN A 1 156 ? -9.702  -7.372  4.813   1.00 10.78 ? 156 GLN A NE2   1 
ATOM   1281 N  N     . SER A 1 157 ? -6.901  -8.063  6.150   1.00 8.55  ? 157 SER A N     1 
ATOM   1282 C  CA    . SER A 1 157 ? -6.511  -9.384  5.649   1.00 9.65  ? 157 SER A CA    1 
ATOM   1283 C  C     . SER A 1 157 ? -6.934  -9.494  4.195   1.00 9.92  ? 157 SER A C     1 
ATOM   1284 O  O     . SER A 1 157 ? -8.025  -9.061  3.831   1.00 10.03 ? 157 SER A O     1 
ATOM   1285 C  CB    . SER A 1 157 ? -7.220  -10.501 6.424   1.00 9.89  ? 157 SER A CB    1 
ATOM   1286 O  OG    . SER A 1 157 ? -6.858  -10.508 7.789   1.00 22.67 ? 157 SER A OG    1 
ATOM   1287 N  N     . THR A 1 158 ? -6.088  -10.080 3.360   1.00 10.14 ? 158 THR A N     1 
ATOM   1288 C  CA    . THR A 1 158 ? -6.443  -10.222 1.959   1.00 14.63 ? 158 THR A CA    1 
ATOM   1289 C  C     . THR A 1 158 ? -5.850  -11.450 1.309   1.00 13.59 ? 158 THR A C     1 
ATOM   1290 O  O     . THR A 1 158 ? -4.959  -12.106 1.840   1.00 10.37 ? 158 THR A O     1 
ATOM   1291 C  CB    . THR A 1 158 ? -5.962  -9.028  1.098   1.00 17.50 ? 158 THR A CB    1 
ATOM   1292 O  OG1   . THR A 1 158 ? -4.531  -8.973  1.138   1.00 23.40 ? 158 THR A OG1   1 
ATOM   1293 C  CG2   . THR A 1 158 ? -6.536  -7.720  1.597   1.00 16.34 ? 158 THR A CG2   1 
ATOM   1294 N  N     . CYS A 1 159 ? -6.391  -11.736 0.137   1.00 16.38 ? 159 CYS A N     1 
ATOM   1295 C  CA    . CYS A 1 159 ? -5.950  -12.813 -0.715  1.00 21.29 ? 159 CYS A CA    1 
ATOM   1296 C  C     . CYS A 1 159 ? -6.033  -12.121 -2.069  1.00 22.93 ? 159 CYS A C     1 
ATOM   1297 O  O     . CYS A 1 159 ? -7.038  -12.229 -2.778  1.00 24.18 ? 159 CYS A O     1 
ATOM   1298 C  CB    . CYS A 1 159 ? -6.909  -14.000 -0.665  1.00 24.34 ? 159 CYS A CB    1 
ATOM   1299 S  SG    . CYS A 1 159 ? -6.482  -15.254 -1.900  1.00 37.83 ? 159 CYS A SG    1 
ATOM   1300 N  N     . ALA A 1 160 ? -4.983  -11.369 -2.390  1.00 22.44 ? 160 ALA A N     1 
ATOM   1301 C  CA    . ALA A 1 160 ? -4.900  -10.614 -3.635  1.00 21.08 ? 160 ALA A CA    1 
ATOM   1302 C  C     . ALA A 1 160 ? -5.277  -11.462 -4.841  1.00 21.29 ? 160 ALA A C     1 
ATOM   1303 O  O     . ALA A 1 160 ? -5.963  -10.989 -5.751  1.00 16.73 ? 160 ALA A O     1 
ATOM   1304 C  CB    . ALA A 1 160 ? -3.490  -10.055 -3.809  1.00 17.05 ? 160 ALA A CB    1 
ATOM   1305 N  N     . THR A 1 161 ? -4.833  -12.716 -4.838  1.00 20.40 ? 161 THR A N     1 
ATOM   1306 C  CA    . THR A 1 161 ? -5.118  -13.625 -5.940  1.00 21.97 ? 161 THR A CA    1 
ATOM   1307 C  C     . THR A 1 161 ? -6.604  -13.878 -6.176  1.00 23.47 ? 161 THR A C     1 
ATOM   1308 O  O     . THR A 1 161 ? -7.013  -14.108 -7.311  1.00 25.65 ? 161 THR A O     1 
ATOM   1309 C  CB    . THR A 1 161 ? -4.406  -14.958 -5.746  1.00 18.29 ? 161 THR A CB    1 
ATOM   1310 O  OG1   . THR A 1 161 ? -4.559  -15.391 -4.392  1.00 21.99 ? 161 THR A OG1   1 
ATOM   1311 C  CG2   . THR A 1 161 ? -2.946  -14.808 -6.066  1.00 23.10 ? 161 THR A CG2   1 
ATOM   1312 N  N     . ARG A 1 162 ? -7.410  -13.838 -5.117  1.00 24.31 ? 162 ARG A N     1 
ATOM   1313 C  CA    . ARG A 1 162 ? -8.846  -14.031 -5.268  1.00 27.28 ? 162 ARG A CA    1 
ATOM   1314 C  C     . ARG A 1 162 ? -9.564  -12.692 -5.180  1.00 27.23 ? 162 ARG A C     1 
ATOM   1315 O  O     . ARG A 1 162 ? -10.635 -12.521 -5.755  1.00 29.22 ? 162 ARG A O     1 
ATOM   1316 C  CB    . ARG A 1 162 ? -9.395  -14.980 -4.200  1.00 31.90 ? 162 ARG A CB    1 
ATOM   1317 C  CG    . ARG A 1 162 ? -8.937  -16.410 -4.368  1.00 42.31 ? 162 ARG A CG    1 
ATOM   1318 C  CD    . ARG A 1 162 ? -10.096 -17.402 -4.304  1.00 48.23 ? 162 ARG A CD    1 
ATOM   1319 N  NE    . ARG A 1 162 ? -10.712 -17.482 -2.983  1.00 52.79 ? 162 ARG A NE    1 
ATOM   1320 C  CZ    . ARG A 1 162 ? -11.652 -18.366 -2.660  1.00 56.38 ? 162 ARG A CZ    1 
ATOM   1321 N  NH1   . ARG A 1 162 ? -12.076 -19.238 -3.565  1.00 56.43 ? 162 ARG A NH1   1 
ATOM   1322 N  NH2   . ARG A 1 162 ? -12.168 -18.382 -1.435  1.00 56.00 ? 162 ARG A NH2   1 
ATOM   1323 N  N     . GLY A 1 163 ? -8.978  -11.745 -4.454  1.00 26.65 ? 163 GLY A N     1 
ATOM   1324 C  CA    . GLY A 1 163 ? -9.587  -10.431 -4.327  1.00 24.14 ? 163 GLY A CA    1 
ATOM   1325 C  C     . GLY A 1 163 ? -10.222 -10.143 -2.979  1.00 23.63 ? 163 GLY A C     1 
ATOM   1326 O  O     . GLY A 1 163 ? -10.635 -9.011  -2.702  1.00 25.83 ? 163 GLY A O     1 
ATOM   1327 N  N     . ASP A 1 164 ? -10.293 -11.155 -2.125  1.00 22.89 ? 164 ASP A N     1 
ATOM   1328 C  CA    . ASP A 1 164 ? -10.897 -10.981 -0.807  1.00 24.71 ? 164 ASP A CA    1 
ATOM   1329 C  C     . ASP A 1 164 ? -10.172 -9.931  0.047   1.00 22.61 ? 164 ASP A C     1 
ATOM   1330 O  O     . ASP A 1 164 ? -8.938  -9.902  0.111   1.00 21.11 ? 164 ASP A O     1 
ATOM   1331 C  CB    . ASP A 1 164 ? -10.941 -12.328 -0.071  1.00 26.32 ? 164 ASP A CB    1 
ATOM   1332 C  CG    . ASP A 1 164 ? -11.503 -13.444 -0.938  1.00 27.40 ? 164 ASP A CG    1 
ATOM   1333 O  OD1   . ASP A 1 164 ? -12.424 -13.174 -1.730  1.00 33.24 ? 164 ASP A OD1   1 
ATOM   1334 O  OD2   . ASP A 1 164 ? -11.036 -14.592 -0.828  1.00 30.83 ? 164 ASP A OD2   1 
ATOM   1335 N  N     . GLY A 1 165 ? -10.955 -9.066  0.687   1.00 18.54 ? 165 GLY A N     1 
ATOM   1336 C  CA    . GLY A 1 165 ? -10.390 -8.034  1.533   1.00 17.45 ? 165 GLY A CA    1 
ATOM   1337 C  C     . GLY A 1 165 ? -9.978  -6.757  0.821   1.00 19.04 ? 165 GLY A C     1 
ATOM   1338 O  O     . GLY A 1 165 ? -9.802  -5.717  1.462   1.00 23.00 ? 165 GLY A O     1 
ATOM   1339 N  N     . LEU A 1 166 ? -9.811  -6.815  -0.496  1.00 17.35 ? 166 LEU A N     1 
ATOM   1340 C  CA    . LEU A 1 166 ? -9.412  -5.629  -1.244  1.00 15.99 ? 166 LEU A CA    1 
ATOM   1341 C  C     . LEU A 1 166 ? -10.455 -4.522  -1.133  1.00 17.12 ? 166 LEU A C     1 
ATOM   1342 O  O     . LEU A 1 166 ? -10.135 -3.393  -0.755  1.00 17.38 ? 166 LEU A O     1 
ATOM   1343 C  CB    . LEU A 1 166 ? -9.172  -5.985  -2.711  1.00 12.36 ? 166 LEU A CB    1 
ATOM   1344 C  CG    . LEU A 1 166 ? -7.947  -6.868  -2.953  1.00 11.39 ? 166 LEU A CG    1 
ATOM   1345 C  CD1   . LEU A 1 166 ? -7.730  -7.014  -4.439  1.00 9.23  ? 166 LEU A CD1   1 
ATOM   1346 C  CD2   . LEU A 1 166 ? -6.712  -6.246  -2.305  1.00 7.66  ? 166 LEU A CD2   1 
ATOM   1347 N  N     . TYR A 1 167 ? -11.701 -4.848  -1.460  1.00 15.57 ? 167 TYR A N     1 
ATOM   1348 C  CA    . TYR A 1 167 ? -12.788 -3.883  -1.378  1.00 16.97 ? 167 TYR A CA    1 
ATOM   1349 C  C     . TYR A 1 167 ? -12.879 -3.291  0.023   1.00 17.85 ? 167 TYR A C     1 
ATOM   1350 O  O     . TYR A 1 167 ? -13.046 -2.084  0.185   1.00 18.79 ? 167 TYR A O     1 
ATOM   1351 C  CB    . TYR A 1 167 ? -14.123 -4.540  -1.711  1.00 15.02 ? 167 TYR A CB    1 
ATOM   1352 C  CG    . TYR A 1 167 ? -15.279 -3.563  -1.691  1.00 20.01 ? 167 TYR A CG    1 
ATOM   1353 C  CD1   . TYR A 1 167 ? -15.602 -2.806  -2.822  1.00 20.25 ? 167 TYR A CD1   1 
ATOM   1354 C  CD2   . TYR A 1 167 ? -16.037 -3.376  -0.532  1.00 16.45 ? 167 TYR A CD2   1 
ATOM   1355 C  CE1   . TYR A 1 167 ? -16.656 -1.892  -2.794  1.00 20.17 ? 167 TYR A CE1   1 
ATOM   1356 C  CE2   . TYR A 1 167 ? -17.086 -2.468  -0.495  1.00 13.93 ? 167 TYR A CE2   1 
ATOM   1357 C  CZ    . TYR A 1 167 ? -17.392 -1.729  -1.624  1.00 18.90 ? 167 TYR A CZ    1 
ATOM   1358 O  OH    . TYR A 1 167 ? -18.427 -0.825  -1.576  1.00 18.22 ? 167 TYR A OH    1 
ATOM   1359 N  N     . GLU A 1 168 ? -12.788 -4.147  1.035   1.00 17.32 ? 168 GLU A N     1 
ATOM   1360 C  CA    . GLU A 1 168 ? -12.864 -3.681  2.412   1.00 18.66 ? 168 GLU A CA    1 
ATOM   1361 C  C     . GLU A 1 168 ? -11.728 -2.715  2.670   1.00 19.53 ? 168 GLU A C     1 
ATOM   1362 O  O     . GLU A 1 168 ? -11.943 -1.613  3.175   1.00 22.31 ? 168 GLU A O     1 
ATOM   1363 C  CB    . GLU A 1 168 ? -12.765 -4.848  3.401   1.00 17.67 ? 168 GLU A CB    1 
ATOM   1364 C  CG    . GLU A 1 168 ? -13.987 -5.762  3.446   1.00 20.31 ? 168 GLU A CG    1 
ATOM   1365 C  CD    . GLU A 1 168 ? -14.150 -6.641  2.201   1.00 25.56 ? 168 GLU A CD    1 
ATOM   1366 O  OE1   . GLU A 1 168 ? -13.197 -6.738  1.389   1.00 23.79 ? 168 GLU A OE1   1 
ATOM   1367 O  OE2   . GLU A 1 168 ? -15.235 -7.249  2.047   1.00 22.63 ? 168 GLU A OE2   1 
ATOM   1368 N  N     . GLY A 1 169 ? -10.518 -3.139  2.314   1.00 21.23 ? 169 GLY A N     1 
ATOM   1369 C  CA    . GLY A 1 169 ? -9.345  -2.304  2.514   1.00 18.49 ? 169 GLY A CA    1 
ATOM   1370 C  C     . GLY A 1 169 ? -9.484  -0.942  1.862   1.00 18.11 ? 169 GLY A C     1 
ATOM   1371 O  O     . GLY A 1 169 ? -9.168  0.075   2.474   1.00 22.37 ? 169 GLY A O     1 
ATOM   1372 N  N     . PHE A 1 170 ? -9.962  -0.910  0.624   1.00 16.10 ? 170 PHE A N     1 
ATOM   1373 C  CA    . PHE A 1 170 ? -10.124 0.351   -0.083  1.00 14.69 ? 170 PHE A CA    1 
ATOM   1374 C  C     . PHE A 1 170 ? -11.325 1.136   0.402   1.00 17.37 ? 170 PHE A C     1 
ATOM   1375 O  O     . PHE A 1 170 ? -11.348 2.372   0.307   1.00 15.68 ? 170 PHE A O     1 
ATOM   1376 C  CB    . PHE A 1 170 ? -10.224 0.103   -1.582  1.00 11.55 ? 170 PHE A CB    1 
ATOM   1377 C  CG    . PHE A 1 170 ? -8.917  -0.241  -2.210  1.00 12.50 ? 170 PHE A CG    1 
ATOM   1378 C  CD1   . PHE A 1 170 ? -7.935  0.729   -2.363  1.00 12.66 ? 170 PHE A CD1   1 
ATOM   1379 C  CD2   . PHE A 1 170 ? -8.643  -1.543  -2.617  1.00 13.31 ? 170 PHE A CD2   1 
ATOM   1380 C  CE1   . PHE A 1 170 ? -6.692  0.411   -2.917  1.00 13.48 ? 170 PHE A CE1   1 
ATOM   1381 C  CE2   . PHE A 1 170 ? -7.404  -1.874  -3.171  1.00 12.60 ? 170 PHE A CE2   1 
ATOM   1382 C  CZ    . PHE A 1 170 ? -6.428  -0.894  -3.320  1.00 10.04 ? 170 PHE A CZ    1 
ATOM   1383 N  N     . ASP A 1 171 ? -12.326 0.425   0.918   1.00 16.89 ? 171 ASP A N     1 
ATOM   1384 C  CA    . ASP A 1 171 ? -13.509 1.092   1.434   1.00 18.24 ? 171 ASP A CA    1 
ATOM   1385 C  C     . ASP A 1 171 ? -13.045 1.911   2.640   1.00 18.32 ? 171 ASP A C     1 
ATOM   1386 O  O     . ASP A 1 171 ? -13.420 3.074   2.802   1.00 18.11 ? 171 ASP A O     1 
ATOM   1387 C  CB    . ASP A 1 171 ? -14.572 0.073   1.845   1.00 17.98 ? 171 ASP A CB    1 
ATOM   1388 C  CG    . ASP A 1 171 ? -15.890 0.729   2.229   1.00 22.23 ? 171 ASP A CG    1 
ATOM   1389 O  OD1   . ASP A 1 171 ? -16.044 1.952   2.013   1.00 22.43 ? 171 ASP A OD1   1 
ATOM   1390 O  OD2   . ASP A 1 171 ? -16.783 0.019   2.738   1.00 26.37 ? 171 ASP A OD2   1 
ATOM   1391 N  N     . TRP A 1 172 ? -12.213 1.309   3.482   1.00 17.48 ? 172 TRP A N     1 
ATOM   1392 C  CA    . TRP A 1 172 ? -11.693 2.034   4.634   1.00 17.04 ? 172 TRP A CA    1 
ATOM   1393 C  C     . TRP A 1 172 ? -10.802 3.200   4.187   1.00 15.93 ? 172 TRP A C     1 
ATOM   1394 O  O     . TRP A 1 172 ? -10.964 4.328   4.652   1.00 15.44 ? 172 TRP A O     1 
ATOM   1395 C  CB    . TRP A 1 172 ? -10.875 1.109   5.526   1.00 15.93 ? 172 TRP A CB    1 
ATOM   1396 C  CG    . TRP A 1 172 ? -10.259 1.828   6.667   1.00 14.78 ? 172 TRP A CG    1 
ATOM   1397 C  CD1   . TRP A 1 172 ? -10.826 2.069   7.877   1.00 17.07 ? 172 TRP A CD1   1 
ATOM   1398 C  CD2   . TRP A 1 172 ? -8.968  2.447   6.695   1.00 14.48 ? 172 TRP A CD2   1 
ATOM   1399 N  NE1   . TRP A 1 172 ? -9.969  2.801   8.664   1.00 18.55 ? 172 TRP A NE1   1 
ATOM   1400 C  CE2   . TRP A 1 172 ? -8.820  3.046   7.963   1.00 13.99 ? 172 TRP A CE2   1 
ATOM   1401 C  CE3   . TRP A 1 172 ? -7.920  2.555   5.769   1.00 12.20 ? 172 TRP A CE3   1 
ATOM   1402 C  CZ2   . TRP A 1 172 ? -7.664  3.744   8.336   1.00 17.21 ? 172 TRP A CZ2   1 
ATOM   1403 C  CZ3   . TRP A 1 172 ? -6.770  3.248   6.136   1.00 15.99 ? 172 TRP A CZ3   1 
ATOM   1404 C  CH2   . TRP A 1 172 ? -6.651  3.834   7.412   1.00 16.16 ? 172 TRP A CH2   1 
ATOM   1405 N  N     . LEU A 1 173 ? -9.856  2.931   3.291   1.00 14.65 ? 173 LEU A N     1 
ATOM   1406 C  CA    . LEU A 1 173 ? -8.951  3.980   2.825   1.00 16.52 ? 173 LEU A CA    1 
ATOM   1407 C  C     . LEU A 1 173 ? -9.675  5.198   2.258   1.00 18.70 ? 173 LEU A C     1 
ATOM   1408 O  O     . LEU A 1 173 ? -9.481  6.321   2.735   1.00 21.14 ? 173 LEU A O     1 
ATOM   1409 C  CB    . LEU A 1 173 ? -7.996  3.440   1.763   1.00 11.46 ? 173 LEU A CB    1 
ATOM   1410 C  CG    . LEU A 1 173 ? -7.003  4.468   1.214   1.00 13.11 ? 173 LEU A CG    1 
ATOM   1411 C  CD1   . LEU A 1 173 ? -5.848  4.679   2.190   1.00 9.02  ? 173 LEU A CD1   1 
ATOM   1412 C  CD2   . LEU A 1 173 ? -6.472  3.975   -0.110  1.00 11.18 ? 173 LEU A CD2   1 
ATOM   1413 N  N     . THR A 1 174 ? -10.504 4.983   1.241   1.00 19.34 ? 174 THR A N     1 
ATOM   1414 C  CA    . THR A 1 174 ? -11.223 6.089   0.617   1.00 20.12 ? 174 THR A CA    1 
ATOM   1415 C  C     . THR A 1 174 ? -12.140 6.823   1.586   1.00 19.67 ? 174 THR A C     1 
ATOM   1416 O  O     . THR A 1 174 ? -12.358 8.025   1.442   1.00 18.22 ? 174 THR A O     1 
ATOM   1417 C  CB    . THR A 1 174 ? -12.046 5.620   -0.579  1.00 17.68 ? 174 THR A CB    1 
ATOM   1418 O  OG1   . THR A 1 174 ? -13.043 4.693   -0.142  1.00 19.46 ? 174 THR A OG1   1 
ATOM   1419 C  CG2   . THR A 1 174 ? -11.143 4.955   -1.601  1.00 18.46 ? 174 THR A CG2   1 
ATOM   1420 N  N     . THR A 1 175 ? -12.678 6.105   2.568   1.00 18.81 ? 175 THR A N     1 
ATOM   1421 C  CA    . THR A 1 175 ? -13.551 6.738   3.547   1.00 19.92 ? 175 THR A CA    1 
ATOM   1422 C  C     . THR A 1 175 ? -12.759 7.768   4.342   1.00 20.34 ? 175 THR A C     1 
ATOM   1423 O  O     . THR A 1 175 ? -13.236 8.869   4.585   1.00 21.76 ? 175 THR A O     1 
ATOM   1424 C  CB    . THR A 1 175 ? -14.162 5.712   4.538   1.00 20.74 ? 175 THR A CB    1 
ATOM   1425 O  OG1   . THR A 1 175 ? -15.132 4.902   3.859   1.00 22.45 ? 175 THR A OG1   1 
ATOM   1426 C  CG2   . THR A 1 175 ? -14.839 6.429   5.704   1.00 15.74 ? 175 THR A CG2   1 
ATOM   1427 N  N     . HIS A 1 176 ? -11.541 7.410   4.730   1.00 22.41 ? 176 HIS A N     1 
ATOM   1428 C  CA    . HIS A 1 176 ? -10.693 8.302   5.513   1.00 25.06 ? 176 HIS A CA    1 
ATOM   1429 C  C     . HIS A 1 176 ? -9.943  9.345   4.694   1.00 26.91 ? 176 HIS A C     1 
ATOM   1430 O  O     . HIS A 1 176 ? -9.662  10.432  5.191   1.00 29.98 ? 176 HIS A O     1 
ATOM   1431 C  CB    . HIS A 1 176 ? -9.725  7.472   6.350   1.00 23.71 ? 176 HIS A CB    1 
ATOM   1432 C  CG    . HIS A 1 176 ? -10.404 6.680   7.423   1.00 26.08 ? 176 HIS A CG    1 
ATOM   1433 N  ND1   . HIS A 1 176 ? -10.664 7.195   8.675   1.00 26.32 ? 176 HIS A ND1   1 
ATOM   1434 C  CD2   . HIS A 1 176 ? -10.930 5.433   7.411   1.00 26.60 ? 176 HIS A CD2   1 
ATOM   1435 C  CE1   . HIS A 1 176 ? -11.322 6.299   9.389   1.00 26.10 ? 176 HIS A CE1   1 
ATOM   1436 N  NE2   . HIS A 1 176 ? -11.496 5.220   8.646   1.00 27.77 ? 176 HIS A NE2   1 
ATOM   1437 N  N     . LEU A 1 177 ? -9.611  9.025   3.449   1.00 27.13 ? 177 LEU A N     1 
ATOM   1438 C  CA    . LEU A 1 177 ? -8.933  9.996   2.601   1.00 29.00 ? 177 LEU A CA    1 
ATOM   1439 C  C     . LEU A 1 177 ? -9.913  11.144  2.344   1.00 33.03 ? 177 LEU A C     1 
ATOM   1440 O  O     . LEU A 1 177 ? -9.513  12.290  2.139   1.00 33.82 ? 177 LEU A O     1 
ATOM   1441 C  CB    . LEU A 1 177 ? -8.555  9.369   1.260   1.00 26.89 ? 177 LEU A CB    1 
ATOM   1442 C  CG    . LEU A 1 177 ? -7.482  8.288   1.221   1.00 28.19 ? 177 LEU A CG    1 
ATOM   1443 C  CD1   . LEU A 1 177 ? -7.442  7.660   -0.159  1.00 27.16 ? 177 LEU A CD1   1 
ATOM   1444 C  CD2   . LEU A 1 177 ? -6.145  8.897   1.571   1.00 27.83 ? 177 LEU A CD2   1 
ATOM   1445 N  N     . ASN A 1 178 ? -11.202 10.820  2.364   1.00 36.69 ? 178 ASN A N     1 
ATOM   1446 C  CA    . ASN A 1 178 ? -12.253 11.797  2.108   1.00 40.89 ? 178 ASN A CA    1 
ATOM   1447 C  C     . ASN A 1 178 ? -12.342 12.900  3.158   1.00 45.96 ? 178 ASN A C     1 
ATOM   1448 O  O     . ASN A 1 178 ? -12.386 14.083  2.823   1.00 48.30 ? 178 ASN A O     1 
ATOM   1449 C  CB    . ASN A 1 178 ? -13.599 11.076  1.984   1.00 37.79 ? 178 ASN A CB    1 
ATOM   1450 C  CG    . ASN A 1 178 ? -14.724 12.003  1.554   1.00 36.18 ? 178 ASN A CG    1 
ATOM   1451 O  OD1   . ASN A 1 178 ? -14.552 12.836  0.667   1.00 32.82 ? 178 ASN A OD1   1 
ATOM   1452 N  ND2   . ASN A 1 178 ? -15.887 11.847  2.171   1.00 34.03 ? 178 ASN A ND2   1 
ATOM   1453 N  N     . ASN A 1 179 ? -12.363 12.521  4.429   1.00 51.39 ? 179 ASN A N     1 
ATOM   1454 C  CA    . ASN A 1 179 ? -12.456 13.509  5.495   1.00 58.27 ? 179 ASN A CA    1 
ATOM   1455 C  C     . ASN A 1 179 ? -11.109 13.820  6.149   1.00 61.84 ? 179 ASN A C     1 
ATOM   1456 O  O     . ASN A 1 179 ? -11.046 14.134  7.338   1.00 61.75 ? 179 ASN A O     1 
ATOM   1457 C  CB    . ASN A 1 179 ? -13.470 13.048  6.554   1.00 59.09 ? 179 ASN A CB    1 
ATOM   1458 C  CG    . ASN A 1 179 ? -13.162 11.665  7.096   1.00 59.47 ? 179 ASN A CG    1 
ATOM   1459 O  OD1   . ASN A 1 179 ? -13.050 10.704  6.342   1.00 61.95 ? 179 ASN A OD1   1 
ATOM   1460 N  ND2   . ASN A 1 179 ? -13.033 11.559  8.413   1.00 60.47 ? 179 ASN A ND2   1 
ATOM   1461 N  N     . ALA A 1 180 ? -10.035 13.746  5.366   1.00 65.90 ? 180 ALA A N     1 
ATOM   1462 C  CA    . ALA A 1 180 ? -8.694  14.022  5.879   1.00 69.34 ? 180 ALA A CA    1 
ATOM   1463 C  C     . ALA A 1 180 ? -8.424  15.528  5.912   1.00 71.30 ? 180 ALA A C     1 
ATOM   1464 O  O     . ALA A 1 180 ? -8.137  16.096  6.971   1.00 70.61 ? 180 ALA A O     1 
ATOM   1465 C  CB    . ALA A 1 180 ? -7.645  13.313  5.021   1.00 68.45 ? 180 ALA A CB    1 
ATOM   1466 N  N     . LYS A 1 181 ? -8.514  16.163  4.747   1.00 73.74 ? 181 LYS A N     1 
ATOM   1467 C  CA    . LYS A 1 181 ? -8.302  17.604  4.620   1.00 75.44 ? 181 LYS A CA    1 
ATOM   1468 C  C     . LYS A 1 181 ? -9.029  18.150  3.396   1.00 76.38 ? 181 LYS A C     1 
ATOM   1469 O  O     . LYS A 1 181 ? -9.843  19.083  3.567   1.00 77.01 ? 181 LYS A O     1 
ATOM   1470 C  CB    . LYS A 1 181 ? -6.807  17.933  4.521   1.00 74.38 ? 181 LYS A CB    1 
ATOM   1471 C  CG    . LYS A 1 181 ? -6.088  17.960  5.861   1.00 73.06 ? 181 LYS A CG    1 
ATOM   1472 C  CD    . LYS A 1 181 ? -4.697  18.554  5.732   1.00 70.28 ? 181 LYS A CD    1 
ATOM   1473 C  CE    . LYS A 1 181 ? -4.037  18.710  7.090   1.00 68.20 ? 181 LYS A CE    1 
ATOM   1474 N  NZ    . LYS A 1 181 ? -2.713  19.379  6.981   1.00 67.64 ? 181 LYS A NZ    1 
ATOM   1475 O  OXT   . LYS A 1 181 ? -8.775  17.636  2.285   1.00 77.48 ? 181 LYS A OXT   1 
HETATM 1476 P  PB    . GDP B 2 .   ? 5.116   -8.019  -5.656  1.00 20.33 ? 182 GDP A PB    1 
HETATM 1477 O  O1B   . GDP B 2 .   ? 4.546   -7.756  -4.331  1.00 23.42 ? 182 GDP A O1B   1 
HETATM 1478 O  O2B   . GDP B 2 .   ? 4.684   -7.103  -6.711  1.00 22.62 ? 182 GDP A O2B   1 
HETATM 1479 O  O3B   . GDP B 2 .   ? 6.595   -8.037  -5.675  1.00 24.50 ? 182 GDP A O3B   1 
HETATM 1480 O  O3A   . GDP B 2 .   ? 4.594   -9.472  -6.128  1.00 25.43 ? 182 GDP A O3A   1 
HETATM 1481 P  PA    . GDP B 2 .   ? 3.323   -9.835  -7.092  1.00 28.29 ? 182 GDP A PA    1 
HETATM 1482 O  O1A   . GDP B 2 .   ? 2.065   -10.291 -6.516  1.00 28.94 ? 182 GDP A O1A   1 
HETATM 1483 O  O2A   . GDP B 2 .   ? 3.746   -10.113 -8.483  1.00 28.65 ? 182 GDP A O2A   1 
HETATM 1484 O  "O5'" . GDP B 2 .   ? 3.882   -11.330 -6.815  1.00 28.69 ? 182 GDP A "O5'" 1 
HETATM 1485 C  "C5'" . GDP B 2 .   ? 3.877   -12.027 -5.544  1.00 22.39 ? 182 GDP A "C5'" 1 
HETATM 1486 C  "C4'" . GDP B 2 .   ? 3.767   -13.542 -5.723  1.00 21.74 ? 182 GDP A "C4'" 1 
HETATM 1487 O  "O4'" . GDP B 2 .   ? 2.843   -14.046 -4.728  1.00 19.74 ? 182 GDP A "O4'" 1 
HETATM 1488 C  "C3'" . GDP B 2 .   ? 3.209   -14.004 -7.055  1.00 18.71 ? 182 GDP A "C3'" 1 
HETATM 1489 O  "O3'" . GDP B 2 .   ? 3.829   -15.285 -7.251  1.00 17.91 ? 182 GDP A "O3'" 1 
HETATM 1490 C  "C2'" . GDP B 2 .   ? 1.688   -14.074 -6.753  1.00 19.45 ? 182 GDP A "C2'" 1 
HETATM 1491 O  "O2'" . GDP B 2 .   ? 0.981   -14.990 -7.640  1.00 19.88 ? 182 GDP A "O2'" 1 
HETATM 1492 C  "C1'" . GDP B 2 .   ? 1.652   -14.560 -5.315  1.00 15.75 ? 182 GDP A "C1'" 1 
HETATM 1493 N  N9    . GDP B 2 .   ? 0.511   -14.012 -4.539  1.00 21.83 ? 182 GDP A N9    1 
HETATM 1494 C  C8    . GDP B 2 .   ? -0.014  -12.726 -4.488  1.00 20.00 ? 182 GDP A C8    1 
HETATM 1495 N  N7    . GDP B 2 .   ? -1.041  -12.583 -3.678  1.00 20.99 ? 182 GDP A N7    1 
HETATM 1496 C  C5    . GDP B 2 .   ? -1.201  -13.865 -3.161  1.00 20.78 ? 182 GDP A C5    1 
HETATM 1497 C  C6    . GDP B 2 .   ? -2.128  -14.395 -2.233  1.00 20.74 ? 182 GDP A C6    1 
HETATM 1498 O  O6    . GDP B 2 .   ? -3.047  -13.805 -1.650  1.00 16.28 ? 182 GDP A O6    1 
HETATM 1499 N  N1    . GDP B 2 .   ? -1.947  -15.745 -1.976  1.00 21.61 ? 182 GDP A N1    1 
HETATM 1500 C  C2    . GDP B 2 .   ? -0.961  -16.544 -2.552  1.00 23.35 ? 182 GDP A C2    1 
HETATM 1501 N  N2    . GDP B 2 .   ? -0.906  -17.825 -2.211  1.00 23.55 ? 182 GDP A N2    1 
HETATM 1502 N  N3    . GDP B 2 .   ? -0.076  -16.071 -3.430  1.00 22.32 ? 182 GDP A N3    1 
HETATM 1503 C  C4    . GDP B 2 .   ? -0.245  -14.743 -3.691  1.00 22.43 ? 182 GDP A C4    1 
HETATM 1504 MG MG    . MG  C 3 .   ? 5.755   -6.262  -8.353  1.00 15.54 ? 183 MG  A MG    1 
HETATM 1505 S  S     . SO4 D 4 .   ? -4.781  -18.629 8.429   1.00 59.32 ? 184 SO4 A S     1 
HETATM 1506 O  O1    . SO4 D 4 .   ? -4.178  -19.975 8.361   1.00 57.17 ? 184 SO4 A O1    1 
HETATM 1507 O  O2    . SO4 D 4 .   ? -4.155  -17.748 7.422   1.00 55.87 ? 184 SO4 A O2    1 
HETATM 1508 O  O3    . SO4 D 4 .   ? -6.228  -18.729 8.155   1.00 56.69 ? 184 SO4 A O3    1 
HETATM 1509 O  O4    . SO4 D 4 .   ? -4.572  -18.067 9.779   1.00 54.99 ? 184 SO4 A O4    1 
HETATM 1510 O  O     . HOH E 5 .   ? 6.536   -10.770 5.128   1.00 14.40 ? 201 HOH A O     1 
HETATM 1511 O  O     . HOH E 5 .   ? -12.733 10.541  -7.427  1.00 12.50 ? 202 HOH A O     1 
HETATM 1512 O  O     . HOH E 5 .   ? -3.567  -17.870 -4.437  1.00 13.97 ? 203 HOH A O     1 
HETATM 1513 O  O     . HOH E 5 .   ? -11.948 5.899   -14.619 1.00 15.18 ? 204 HOH A O     1 
HETATM 1514 O  O     . HOH E 5 .   ? -0.723  -16.487 13.755  1.00 13.21 ? 205 HOH A O     1 
HETATM 1515 O  O     . HOH E 5 .   ? 10.931  2.170   3.547   1.00 19.48 ? 206 HOH A O     1 
HETATM 1516 O  O     . HOH E 5 .   ? 0.401   7.950   -6.852  1.00 20.00 ? 207 HOH A O     1 
HETATM 1517 O  O     . HOH E 5 .   ? 6.080   -6.344  2.689   1.00 6.69  ? 208 HOH A O     1 
HETATM 1518 O  O     . HOH E 5 .   ? 12.903  11.920  3.386   1.00 45.69 ? 209 HOH A O     1 
HETATM 1519 O  O     . HOH E 5 .   ? -4.711  -19.811 -3.050  1.00 7.64  ? 210 HOH A O     1 
HETATM 1520 O  O     . HOH E 5 .   ? 5.695   4.763   13.756  1.00 30.03 ? 211 HOH A O     1 
HETATM 1521 O  O     . HOH E 5 .   ? -4.816  -6.514  14.354  1.00 24.61 ? 212 HOH A O     1 
HETATM 1522 O  O     . HOH E 5 .   ? 6.207   -9.117  2.925   1.00 4.01  ? 213 HOH A O     1 
HETATM 1523 O  O     . HOH E 5 .   ? 7.684   -12.780 0.299   1.00 29.72 ? 214 HOH A O     1 
HETATM 1524 O  O     . HOH E 5 .   ? 15.511  -4.834  -10.512 1.00 18.88 ? 215 HOH A O     1 
HETATM 1525 O  O     . HOH E 5 .   ? 8.392   14.063  -3.462  1.00 28.65 ? 216 HOH A O     1 
HETATM 1526 O  O     . HOH E 5 .   ? 9.407   -17.917 6.101   1.00 20.57 ? 217 HOH A O     1 
HETATM 1527 O  O     . HOH E 5 .   ? -6.685  -2.326  12.253  1.00 14.27 ? 218 HOH A O     1 
HETATM 1528 O  O     . HOH E 5 .   ? -4.382  12.317  4.092   1.00 21.37 ? 219 HOH A O     1 
HETATM 1529 O  O     . HOH E 5 .   ? 3.220   -17.076 -2.603  1.00 29.18 ? 220 HOH A O     1 
HETATM 1530 O  O     . HOH E 5 .   ? 4.095   9.010   -8.847  1.00 31.16 ? 221 HOH A O     1 
HETATM 1531 O  O     . HOH E 5 .   ? 6.391   -1.564  -8.800  1.00 29.19 ? 222 HOH A O     1 
HETATM 1532 O  O     . HOH E 5 .   ? 9.047   -8.020  13.832  1.00 38.01 ? 223 HOH A O     1 
HETATM 1533 O  O     . HOH E 5 .   ? -12.285 -4.966  7.013   1.00 23.98 ? 224 HOH A O     1 
HETATM 1534 O  O     . HOH E 5 .   ? -5.860  -1.472  -12.067 1.00 24.27 ? 225 HOH A O     1 
HETATM 1535 O  O     . HOH E 5 .   ? 10.425  12.950  3.061   1.00 31.21 ? 226 HOH A O     1 
HETATM 1536 O  O     . HOH E 5 .   ? 8.109   -1.626  -15.029 1.00 47.39 ? 227 HOH A O     1 
HETATM 1537 O  O     . HOH E 5 .   ? 5.145   -17.191 0.966   1.00 26.29 ? 228 HOH A O     1 
HETATM 1538 O  O     . HOH E 5 .   ? 5.747   13.636  -5.618  1.00 32.40 ? 229 HOH A O     1 
HETATM 1539 O  O     . HOH E 5 .   ? 1.857   -3.909  17.740  1.00 34.17 ? 230 HOH A O     1 
HETATM 1540 O  O     . HOH E 5 .   ? 20.525  3.000   -11.242 1.00 32.84 ? 231 HOH A O     1 
HETATM 1541 O  O     . HOH E 5 .   ? -4.531  -10.482 -10.197 1.00 43.16 ? 232 HOH A O     1 
HETATM 1542 O  O     . HOH E 5 .   ? 12.053  13.258  7.062   1.00 21.99 ? 233 HOH A O     1 
HETATM 1543 O  O     . HOH E 5 .   ? -13.080 14.415  -0.564  1.00 31.65 ? 234 HOH A O     1 
HETATM 1544 O  O     . HOH E 5 .   ? 14.272  -8.595  2.936   1.00 27.48 ? 235 HOH A O     1 
HETATM 1545 O  O     . HOH E 5 .   ? 2.025   -18.713 13.311  1.00 13.80 ? 236 HOH A O     1 
HETATM 1546 O  O     . HOH E 5 .   ? 3.874   9.487   12.509  1.00 26.07 ? 237 HOH A O     1 
HETATM 1547 O  O     . HOH E 5 .   ? -19.864 3.560   -11.005 1.00 26.50 ? 238 HOH A O     1 
HETATM 1548 O  O     . HOH E 5 .   ? -1.771  8.750   9.844   1.00 44.22 ? 239 HOH A O     1 
HETATM 1549 O  O     . HOH E 5 .   ? 15.736  -1.294  1.831   1.00 43.97 ? 240 HOH A O     1 
HETATM 1550 O  O     . HOH E 5 .   ? 7.225   -10.180 0.558   1.00 11.30 ? 241 HOH A O     1 
HETATM 1551 O  O     . HOH E 5 .   ? 3.892   0.005   -19.395 1.00 40.18 ? 242 HOH A O     1 
HETATM 1552 O  O     . HOH E 5 .   ? 13.470  -0.119  12.706  1.00 22.04 ? 243 HOH A O     1 
HETATM 1553 O  O     . HOH E 5 .   ? -13.893 3.335   8.998   1.00 24.00 ? 244 HOH A O     1 
HETATM 1554 O  O     . HOH E 5 .   ? 16.165  -19.388 4.333   1.00 29.79 ? 245 HOH A O     1 
HETATM 1555 O  O     . HOH E 5 .   ? 15.538  -1.854  12.188  1.00 28.86 ? 246 HOH A O     1 
HETATM 1556 O  O     . HOH E 5 .   ? -14.417 9.073   -9.525  1.00 37.44 ? 247 HOH A O     1 
HETATM 1557 O  O     . HOH E 5 .   ? -13.764 -10.879 -5.495  1.00 25.70 ? 248 HOH A O     1 
HETATM 1558 O  O     . HOH E 5 .   ? 0.882   10.328  -10.607 1.00 37.29 ? 249 HOH A O     1 
HETATM 1559 O  O     . HOH E 5 .   ? 11.862  7.988   8.138   1.00 18.87 ? 250 HOH A O     1 
HETATM 1560 O  O     . HOH E 5 .   ? 6.991   3.741   -19.631 1.00 40.59 ? 251 HOH A O     1 
HETATM 1561 O  O     . HOH E 5 .   ? 3.711   8.003   -11.156 1.00 43.32 ? 252 HOH A O     1 
HETATM 1562 O  O     . HOH E 5 .   ? 9.345   -10.622 -6.847  1.00 27.04 ? 253 HOH A O     1 
HETATM 1563 O  O     . HOH E 5 .   ? 11.309  -15.356 2.768   1.00 28.28 ? 254 HOH A O     1 
HETATM 1564 O  O     . HOH E 5 .   ? 9.059   -8.674  16.468  1.00 22.87 ? 255 HOH A O     1 
HETATM 1565 O  O     . HOH E 5 .   ? -5.953  10.620  -15.044 1.00 30.03 ? 256 HOH A O     1 
HETATM 1566 O  O     . HOH E 5 .   ? 1.914   -10.406 -10.568 1.00 35.65 ? 257 HOH A O     1 
HETATM 1567 O  O     . HOH E 5 .   ? -1.911  15.262  -3.663  1.00 26.75 ? 258 HOH A O     1 
HETATM 1568 O  O     . HOH E 5 .   ? 6.795   -18.925 7.484   1.00 20.94 ? 259 HOH A O     1 
HETATM 1569 O  O     . HOH E 5 .   ? 10.447  -1.852  -7.653  1.00 12.71 ? 260 HOH A O     1 
HETATM 1570 O  O     . HOH E 5 .   ? 5.685   -15.923 -3.460  1.00 51.19 ? 261 HOH A O     1 
HETATM 1571 O  O     . HOH E 5 .   ? -3.610  5.651   16.504  1.00 29.32 ? 262 HOH A O     1 
HETATM 1572 O  O     . HOH E 5 .   ? -14.841 14.428  -2.606  1.00 48.07 ? 263 HOH A O     1 
HETATM 1573 O  O     . HOH E 5 .   ? -8.936  -7.873  8.290   1.00 22.97 ? 264 HOH A O     1 
HETATM 1574 O  O     . HOH E 5 .   ? 9.120   8.533   -11.721 1.00 32.14 ? 265 HOH A O     1 
HETATM 1575 O  O     . HOH E 5 .   ? -19.000 -0.054  0.663   1.00 33.83 ? 266 HOH A O     1 
HETATM 1576 O  O     . HOH E 5 .   ? 1.200   1.416   22.565  1.00 45.67 ? 267 HOH A O     1 
HETATM 1577 O  O     . HOH E 5 .   ? -15.950 9.569   4.589   1.00 40.51 ? 268 HOH A O     1 
HETATM 1578 O  O     . HOH E 5 .   ? -7.373  -15.798 7.728   1.00 35.24 ? 269 HOH A O     1 
HETATM 1579 O  O     . HOH E 5 .   ? 13.000  -3.042  -8.923  1.00 28.04 ? 270 HOH A O     1 
HETATM 1580 O  O     . HOH E 5 .   ? -8.170  19.375  -3.499  1.00 39.25 ? 271 HOH A O     1 
HETATM 1581 O  O     . HOH E 5 .   ? -5.896  -12.240 13.271  1.00 30.61 ? 272 HOH A O     1 
HETATM 1582 O  O     . HOH E 5 .   ? -16.210 -2.215  3.479   1.00 18.85 ? 273 HOH A O     1 
HETATM 1583 O  O     . HOH E 5 .   ? -8.153  -12.858 9.155   1.00 36.66 ? 274 HOH A O     1 
HETATM 1584 O  O     . HOH E 5 .   ? 15.114  -4.911  3.835   1.00 38.19 ? 275 HOH A O     1 
HETATM 1585 O  O     . HOH E 5 .   ? 6.087   4.583   16.507  1.00 40.46 ? 276 HOH A O     1 
HETATM 1586 O  O     . HOH E 5 .   ? -7.224  0.491   13.009  1.00 27.02 ? 277 HOH A O     1 
HETATM 1587 O  O     . HOH E 5 .   ? -11.365 3.087   -12.951 1.00 35.32 ? 278 HOH A O     1 
HETATM 1588 O  O     . HOH E 5 .   ? 16.175  -4.676  7.991   1.00 33.90 ? 279 HOH A O     1 
HETATM 1589 O  O     . HOH E 5 .   ? 5.077   -20.757 6.401   1.00 16.31 ? 280 HOH A O     1 
HETATM 1590 O  O     . HOH E 5 .   ? -19.075 0.246   -4.192  1.00 39.25 ? 281 HOH A O     1 
HETATM 1591 O  O     . HOH E 5 .   ? 7.477   -6.530  -7.629  1.00 9.06  ? 282 HOH A O     1 
HETATM 1592 O  O     . HOH E 5 .   ? 8.094   11.310  12.839  1.00 35.57 ? 283 HOH A O     1 
HETATM 1593 O  O     . HOH E 5 .   ? 3.874   16.055  1.161   1.00 34.57 ? 284 HOH A O     1 
HETATM 1594 O  O     . HOH E 5 .   ? 15.233  0.696   -4.307  1.00 50.37 ? 285 HOH A O     1 
HETATM 1595 O  O     . HOH E 5 .   ? -2.540  0.623   18.645  1.00 19.87 ? 286 HOH A O     1 
HETATM 1596 O  O     . HOH E 5 .   ? -4.833  11.015  -11.779 1.00 27.99 ? 287 HOH A O     1 
HETATM 1597 O  O     . HOH E 5 .   ? 1.105   -21.573 4.132   1.00 32.78 ? 288 HOH A O     1 
HETATM 1598 O  O     . HOH E 5 .   ? 6.652   -5.551  -10.333 1.00 9.49  ? 289 HOH A O     1 
HETATM 1599 O  O     . HOH E 5 .   ? 5.725   -8.306  -9.265  1.00 12.57 ? 290 HOH A O     1 
HETATM 1600 O  O     . HOH E 5 .   ? -7.390  -20.296 -2.240  1.00 25.43 ? 291 HOH A O     1 
# 
loop_
_pdbx_poly_seq_scheme.asym_id 
_pdbx_poly_seq_scheme.entity_id 
_pdbx_poly_seq_scheme.seq_id 
_pdbx_poly_seq_scheme.mon_id 
_pdbx_poly_seq_scheme.ndb_seq_num 
_pdbx_poly_seq_scheme.pdb_seq_num 
_pdbx_poly_seq_scheme.auth_seq_num 
_pdbx_poly_seq_scheme.pdb_mon_id 
_pdbx_poly_seq_scheme.auth_mon_id 
_pdbx_poly_seq_scheme.pdb_strand_id 
_pdbx_poly_seq_scheme.pdb_ins_code 
_pdbx_poly_seq_scheme.hetero 
A 1 1   MET 1   1   1   MET MET A . n 
A 1 2   GLY 2   2   2   GLY GLY A . n 
A 1 3   LEU 3   3   3   LEU LEU A . n 
A 1 4   TYR 4   4   4   TYR TYR A . n 
A 1 5   VAL 5   5   5   VAL VAL A . n 
A 1 6   SER 6   6   6   SER SER A . n 
A 1 7   ARG 7   7   7   ARG ARG A . n 
A 1 8   LEU 8   8   8   LEU LEU A . n 
A 1 9   PHE 9   9   9   PHE PHE A . n 
A 1 10  ASN 10  10  10  ASN ASN A . n 
A 1 11  ARG 11  11  11  ARG ARG A . n 
A 1 12  LEU 12  12  12  LEU LEU A . n 
A 1 13  PHE 13  13  13  PHE PHE A . n 
A 1 14  GLN 14  14  14  GLN GLN A . n 
A 1 15  LYS 15  15  15  LYS LYS A . n 
A 1 16  LYS 16  16  16  LYS LYS A . n 
A 1 17  ASP 17  17  17  ASP ASP A . n 
A 1 18  VAL 18  18  18  VAL VAL A . n 
A 1 19  ARG 19  19  19  ARG ARG A . n 
A 1 20  ILE 20  20  20  ILE ILE A . n 
A 1 21  LEU 21  21  21  LEU LEU A . n 
A 1 22  MET 22  22  22  MET MET A . n 
A 1 23  VAL 23  23  23  VAL VAL A . n 
A 1 24  GLY 24  24  24  GLY GLY A . n 
A 1 25  LEU 25  25  25  LEU LEU A . n 
A 1 26  ASP 26  26  26  ASP ASP A . n 
A 1 27  ALA 27  27  27  ALA ALA A . n 
A 1 28  ALA 28  28  28  ALA ALA A . n 
A 1 29  GLY 29  29  29  GLY GLY A . n 
A 1 30  LYS 30  30  30  LYS LYS A . n 
A 1 31  THR 31  31  31  THR THR A . n 
A 1 32  THR 32  32  32  THR THR A . n 
A 1 33  ILE 33  33  33  ILE ILE A . n 
A 1 34  LEU 34  34  34  LEU LEU A . n 
A 1 35  TYR 35  35  35  TYR TYR A . n 
A 1 36  LYS 36  36  36  LYS LYS A . n 
A 1 37  VAL 37  37  37  VAL VAL A . n 
A 1 38  LYS 38  38  38  LYS LYS A . n 
A 1 39  LEU 39  39  39  LEU LEU A . n 
A 1 40  GLY 40  40  40  GLY GLY A . n 
A 1 41  GLU 41  41  41  GLU GLU A . n 
A 1 42  VAL 42  42  42  VAL VAL A . n 
A 1 43  VAL 43  43  43  VAL VAL A . n 
A 1 44  THR 44  44  44  THR THR A . n 
A 1 45  THR 45  45  45  THR THR A . n 
A 1 46  ILE 46  46  46  ILE ILE A . n 
A 1 47  PRO 47  47  47  PRO PRO A . n 
A 1 48  THR 48  48  48  THR THR A . n 
A 1 49  ILE 49  49  49  ILE ILE A . n 
A 1 50  GLY 50  50  50  GLY GLY A . n 
A 1 51  PHE 51  51  51  PHE PHE A . n 
A 1 52  ASN 52  52  52  ASN ASN A . n 
A 1 53  VAL 53  53  53  VAL VAL A . n 
A 1 54  GLU 54  54  54  GLU GLU A . n 
A 1 55  THR 55  55  55  THR THR A . n 
A 1 56  VAL 56  56  56  VAL VAL A . n 
A 1 57  GLU 57  57  57  GLU GLU A . n 
A 1 58  PHE 58  58  58  PHE PHE A . n 
A 1 59  ARG 59  59  59  ARG ARG A . n 
A 1 60  ASN 60  60  60  ASN ASN A . n 
A 1 61  ILE 61  61  61  ILE ILE A . n 
A 1 62  SER 62  62  62  SER SER A . n 
A 1 63  PHE 63  63  63  PHE PHE A . n 
A 1 64  THR 64  64  64  THR THR A . n 
A 1 65  VAL 65  65  65  VAL VAL A . n 
A 1 66  TRP 66  66  66  TRP TRP A . n 
A 1 67  ASP 67  67  67  ASP ASP A . n 
A 1 68  VAL 68  68  68  VAL VAL A . n 
A 1 69  GLY 69  69  69  GLY GLY A . n 
A 1 70  GLY 70  70  70  GLY GLY A . n 
A 1 71  GLN 71  71  71  GLN GLN A . n 
A 1 72  ASP 72  72  72  ASP ASP A . n 
A 1 73  LYS 73  73  73  LYS LYS A . n 
A 1 74  ILE 74  74  74  ILE ILE A . n 
A 1 75  ARG 75  75  75  ARG ARG A . n 
A 1 76  PRO 76  76  76  PRO PRO A . n 
A 1 77  LEU 77  77  77  LEU LEU A . n 
A 1 78  TRP 78  78  78  TRP TRP A . n 
A 1 79  ARG 79  79  79  ARG ARG A . n 
A 1 80  HIS 80  80  80  HIS HIS A . n 
A 1 81  TYR 81  81  81  TYR TYR A . n 
A 1 82  TYR 82  82  82  TYR TYR A . n 
A 1 83  SER 83  83  83  SER SER A . n 
A 1 84  ASN 84  84  84  ASN ASN A . n 
A 1 85  THR 85  85  85  THR THR A . n 
A 1 86  ASP 86  86  86  ASP ASP A . n 
A 1 87  GLY 87  87  87  GLY GLY A . n 
A 1 88  LEU 88  88  88  LEU LEU A . n 
A 1 89  ILE 89  89  89  ILE ILE A . n 
A 1 90  PHE 90  90  90  PHE PHE A . n 
A 1 91  VAL 91  91  91  VAL VAL A . n 
A 1 92  VAL 92  92  92  VAL VAL A . n 
A 1 93  ASP 93  93  93  ASP ASP A . n 
A 1 94  SER 94  94  94  SER SER A . n 
A 1 95  ASN 95  95  95  ASN ASN A . n 
A 1 96  ASP 96  96  96  ASP ASP A . n 
A 1 97  ARG 97  97  97  ARG ARG A . n 
A 1 98  GLU 98  98  98  GLU GLU A . n 
A 1 99  ARG 99  99  99  ARG ARG A . n 
A 1 100 ILE 100 100 100 ILE ILE A . n 
A 1 101 ASP 101 101 101 ASP ASP A . n 
A 1 102 ASP 102 102 102 ASP ASP A . n 
A 1 103 ALA 103 103 103 ALA ALA A . n 
A 1 104 ARG 104 104 104 ARG ARG A . n 
A 1 105 GLU 105 105 105 GLU GLU A . n 
A 1 106 GLU 106 106 106 GLU GLU A . n 
A 1 107 LEU 107 107 107 LEU LEU A . n 
A 1 108 HIS 108 108 108 HIS HIS A . n 
A 1 109 ARG 109 109 109 ARG ARG A . n 
A 1 110 MET 110 110 110 MET MET A . n 
A 1 111 ILE 111 111 111 ILE ILE A . n 
A 1 112 ASN 112 112 112 ASN ASN A . n 
A 1 113 GLU 113 113 113 GLU GLU A . n 
A 1 114 GLU 114 114 114 GLU GLU A . n 
A 1 115 GLU 115 115 115 GLU GLU A . n 
A 1 116 LEU 116 116 116 LEU LEU A . n 
A 1 117 LYS 117 117 117 LYS LYS A . n 
A 1 118 ASP 118 118 118 ASP ASP A . n 
A 1 119 ALA 119 119 119 ALA ALA A . n 
A 1 120 ILE 120 120 120 ILE ILE A . n 
A 1 121 ILE 121 121 121 ILE ILE A . n 
A 1 122 LEU 122 122 122 LEU LEU A . n 
A 1 123 VAL 123 123 123 VAL VAL A . n 
A 1 124 PHE 124 124 124 PHE PHE A . n 
A 1 125 ALA 125 125 125 ALA ALA A . n 
A 1 126 ASN 126 126 126 ASN ASN A . n 
A 1 127 LYS 127 127 127 LYS LYS A . n 
A 1 128 GLN 128 128 128 GLN GLN A . n 
A 1 129 ASP 129 129 129 ASP ASP A . n 
A 1 130 LEU 130 130 130 LEU LEU A . n 
A 1 131 PRO 131 131 131 PRO PRO A . n 
A 1 132 ASN 132 132 132 ASN ASN A . n 
A 1 133 ALA 133 133 133 ALA ALA A . n 
A 1 134 MET 134 134 134 MET MET A . n 
A 1 135 SER 135 135 135 SER SER A . n 
A 1 136 ALA 136 136 136 ALA ALA A . n 
A 1 137 ALA 137 137 137 ALA ALA A . n 
A 1 138 GLU 138 138 138 GLU GLU A . n 
A 1 139 VAL 139 139 139 VAL VAL A . n 
A 1 140 THR 140 140 140 THR THR A . n 
A 1 141 GLU 141 141 141 GLU GLU A . n 
A 1 142 LYS 142 142 142 LYS LYS A . n 
A 1 143 LEU 143 143 143 LEU LEU A . n 
A 1 144 HIS 144 144 144 HIS HIS A . n 
A 1 145 LEU 145 145 145 LEU LEU A . n 
A 1 146 ASN 146 146 146 ASN ASN A . n 
A 1 147 THR 147 147 147 THR THR A . n 
A 1 148 ILE 148 148 148 ILE ILE A . n 
A 1 149 ARG 149 149 149 ARG ARG A . n 
A 1 150 GLU 150 150 150 GLU GLU A . n 
A 1 151 ARG 151 151 151 ARG ARG A . n 
A 1 152 ASN 152 152 152 ASN ASN A . n 
A 1 153 TRP 153 153 153 TRP TRP A . n 
A 1 154 PHE 154 154 154 PHE PHE A . n 
A 1 155 ILE 155 155 155 ILE ILE A . n 
A 1 156 GLN 156 156 156 GLN GLN A . n 
A 1 157 SER 157 157 157 SER SER A . n 
A 1 158 THR 158 158 158 THR THR A . n 
A 1 159 CYS 159 159 159 CYS CYS A . n 
A 1 160 ALA 160 160 160 ALA ALA A . n 
A 1 161 THR 161 161 161 THR THR A . n 
A 1 162 ARG 162 162 162 ARG ARG A . n 
A 1 163 GLY 163 163 163 GLY GLY A . n 
A 1 164 ASP 164 164 164 ASP ASP A . n 
A 1 165 GLY 165 165 165 GLY GLY A . n 
A 1 166 LEU 166 166 166 LEU LEU A . n 
A 1 167 TYR 167 167 167 TYR TYR A . n 
A 1 168 GLU 168 168 168 GLU GLU A . n 
A 1 169 GLY 169 169 169 GLY GLY A . n 
A 1 170 PHE 170 170 170 PHE PHE A . n 
A 1 171 ASP 171 171 171 ASP ASP A . n 
A 1 172 TRP 172 172 172 TRP TRP A . n 
A 1 173 LEU 173 173 173 LEU LEU A . n 
A 1 174 THR 174 174 174 THR THR A . n 
A 1 175 THR 175 175 175 THR THR A . n 
A 1 176 HIS 176 176 176 HIS HIS A . n 
A 1 177 LEU 177 177 177 LEU LEU A . n 
A 1 178 ASN 178 178 178 ASN ASN A . n 
A 1 179 ASN 179 179 179 ASN ASN A . n 
A 1 180 ALA 180 180 180 ALA ALA A . n 
A 1 181 LYS 181 181 181 LYS LYS A . n 
# 
loop_
_pdbx_nonpoly_scheme.asym_id 
_pdbx_nonpoly_scheme.entity_id 
_pdbx_nonpoly_scheme.mon_id 
_pdbx_nonpoly_scheme.ndb_seq_num 
_pdbx_nonpoly_scheme.pdb_seq_num 
_pdbx_nonpoly_scheme.auth_seq_num 
_pdbx_nonpoly_scheme.pdb_mon_id 
_pdbx_nonpoly_scheme.auth_mon_id 
_pdbx_nonpoly_scheme.pdb_strand_id 
_pdbx_nonpoly_scheme.pdb_ins_code 
B 2 GDP 1  182 182 GDP GDP A . 
C 3 MG  1  183 183 MG  MG  A . 
D 4 SO4 1  184 184 SO4 SO4 A . 
E 5 HOH 1  201 201 HOH HOH A . 
E 5 HOH 2  202 202 HOH HOH A . 
E 5 HOH 3  203 203 HOH HOH A . 
E 5 HOH 4  204 204 HOH HOH A . 
E 5 HOH 5  205 205 HOH HOH A . 
E 5 HOH 6  206 206 HOH HOH A . 
E 5 HOH 7  207 207 HOH HOH A . 
E 5 HOH 8  208 208 HOH HOH A . 
E 5 HOH 9  209 209 HOH HOH A . 
E 5 HOH 10 210 210 HOH HOH A . 
E 5 HOH 11 211 211 HOH HOH A . 
E 5 HOH 12 212 212 HOH HOH A . 
E 5 HOH 13 213 213 HOH HOH A . 
E 5 HOH 14 214 214 HOH HOH A . 
E 5 HOH 15 215 215 HOH HOH A . 
E 5 HOH 16 216 216 HOH HOH A . 
E 5 HOH 17 217 217 HOH HOH A . 
E 5 HOH 18 218 218 HOH HOH A . 
E 5 HOH 19 219 219 HOH HOH A . 
E 5 HOH 20 220 220 HOH HOH A . 
E 5 HOH 21 221 221 HOH HOH A . 
E 5 HOH 22 222 222 HOH HOH A . 
E 5 HOH 23 223 223 HOH HOH A . 
E 5 HOH 24 224 224 HOH HOH A . 
E 5 HOH 25 225 225 HOH HOH A . 
E 5 HOH 26 226 226 HOH HOH A . 
E 5 HOH 27 227 227 HOH HOH A . 
E 5 HOH 28 228 228 HOH HOH A . 
E 5 HOH 29 229 229 HOH HOH A . 
E 5 HOH 30 230 230 HOH HOH A . 
E 5 HOH 31 231 231 HOH HOH A . 
E 5 HOH 32 232 232 HOH HOH A . 
E 5 HOH 33 233 233 HOH HOH A . 
E 5 HOH 34 234 234 HOH HOH A . 
E 5 HOH 35 235 235 HOH HOH A . 
E 5 HOH 36 236 236 HOH HOH A . 
E 5 HOH 37 237 237 HOH HOH A . 
E 5 HOH 38 238 238 HOH HOH A . 
E 5 HOH 39 239 239 HOH HOH A . 
E 5 HOH 40 240 240 HOH HOH A . 
E 5 HOH 41 241 241 HOH HOH A . 
E 5 HOH 42 242 242 HOH HOH A . 
E 5 HOH 43 243 243 HOH HOH A . 
E 5 HOH 44 244 244 HOH HOH A . 
E 5 HOH 45 245 245 HOH HOH A . 
E 5 HOH 46 246 246 HOH HOH A . 
E 5 HOH 47 247 247 HOH HOH A . 
E 5 HOH 48 248 248 HOH HOH A . 
E 5 HOH 49 249 249 HOH HOH A . 
E 5 HOH 50 250 250 HOH HOH A . 
E 5 HOH 51 251 251 HOH HOH A . 
E 5 HOH 52 252 252 HOH HOH A . 
E 5 HOH 53 253 253 HOH HOH A . 
E 5 HOH 54 254 254 HOH HOH A . 
E 5 HOH 55 255 255 HOH HOH A . 
E 5 HOH 56 256 256 HOH HOH A . 
E 5 HOH 57 257 257 HOH HOH A . 
E 5 HOH 58 258 258 HOH HOH A . 
E 5 HOH 59 259 259 HOH HOH A . 
E 5 HOH 60 260 260 HOH HOH A . 
E 5 HOH 61 261 261 HOH HOH A . 
E 5 HOH 62 262 262 HOH HOH A . 
E 5 HOH 63 263 263 HOH HOH A . 
E 5 HOH 64 264 264 HOH HOH A . 
E 5 HOH 65 265 265 HOH HOH A . 
E 5 HOH 66 266 266 HOH HOH A . 
E 5 HOH 67 267 267 HOH HOH A . 
E 5 HOH 68 268 268 HOH HOH A . 
E 5 HOH 69 269 269 HOH HOH A . 
E 5 HOH 70 270 270 HOH HOH A . 
E 5 HOH 71 271 271 HOH HOH A . 
E 5 HOH 72 272 272 HOH HOH A . 
E 5 HOH 73 273 273 HOH HOH A . 
E 5 HOH 74 274 274 HOH HOH A . 
E 5 HOH 75 275 275 HOH HOH A . 
E 5 HOH 76 276 276 HOH HOH A . 
E 5 HOH 77 277 277 HOH HOH A . 
E 5 HOH 78 278 278 HOH HOH A . 
E 5 HOH 79 279 279 HOH HOH A . 
E 5 HOH 80 280 280 HOH HOH A . 
E 5 HOH 81 281 281 HOH HOH A . 
E 5 HOH 82 282 282 HOH HOH A . 
E 5 HOH 83 283 283 HOH HOH A . 
E 5 HOH 84 284 284 HOH HOH A . 
E 5 HOH 85 285 285 HOH HOH A . 
E 5 HOH 86 286 286 HOH HOH A . 
E 5 HOH 87 287 287 HOH HOH A . 
E 5 HOH 88 288 288 HOH HOH A . 
E 5 HOH 89 289 289 HOH HOH A . 
E 5 HOH 90 290 290 HOH HOH A . 
E 5 HOH 91 291 291 HOH HOH A . 
# 
loop_
_pdbx_struct_assembly.id 
_pdbx_struct_assembly.details 
_pdbx_struct_assembly.method_details 
_pdbx_struct_assembly.oligomeric_details 
_pdbx_struct_assembly.oligomeric_count 
1 author_defined_assembly   ?    monomeric 1 
2 software_defined_assembly PISA dimeric   2 
# 
loop_
_pdbx_struct_assembly_gen.assembly_id 
_pdbx_struct_assembly_gen.oper_expression 
_pdbx_struct_assembly_gen.asym_id_list 
1 1   A,B,C,D,E 
2 1,2 A,B,C,D,E 
# 
loop_
_pdbx_struct_assembly_prop.biol_id 
_pdbx_struct_assembly_prop.type 
_pdbx_struct_assembly_prop.value 
_pdbx_struct_assembly_prop.details 
2 'ABSA (A^2)' 3280  ? 
2 MORE         -63   ? 
2 'SSA (A^2)'  17190 ? 
# 
loop_
_pdbx_struct_oper_list.id 
_pdbx_struct_oper_list.type 
_pdbx_struct_oper_list.name 
_pdbx_struct_oper_list.symmetry_operation 
_pdbx_struct_oper_list.matrix[1][1] 
_pdbx_struct_oper_list.matrix[1][2] 
_pdbx_struct_oper_list.matrix[1][3] 
_pdbx_struct_oper_list.vector[1] 
_pdbx_struct_oper_list.matrix[2][1] 
_pdbx_struct_oper_list.matrix[2][2] 
_pdbx_struct_oper_list.matrix[2][3] 
_pdbx_struct_oper_list.vector[2] 
_pdbx_struct_oper_list.matrix[3][1] 
_pdbx_struct_oper_list.matrix[3][2] 
_pdbx_struct_oper_list.matrix[3][3] 
_pdbx_struct_oper_list.vector[3] 
1 'identity operation'         1_555 x,y,z         1.0000000000  0.0000000000  0.0000000000 0.0000000000 0.0000000000  1.0000000000  0.0000000000  0.0000000000   0.0000000000 0.0000000000  1.0000000000  0.0000000000   
2 'crystal symmetry operation' 3_655 -x+1,y,-z+1/2 -0.0614104937 -0.4660966112 0.8825999662 9.1643006578 -0.4660966112 -0.7685398681 -0.4382926194 -20.4787466699 0.8825999662 -0.4382926194 -0.1700496382 -20.5603801822 
# 
loop_
_pdbx_struct_conn_angle.id 
_pdbx_struct_conn_angle.ptnr1_label_atom_id 
_pdbx_struct_conn_angle.ptnr1_label_alt_id 
_pdbx_struct_conn_angle.ptnr1_label_asym_id 
_pdbx_struct_conn_angle.ptnr1_label_comp_id 
_pdbx_struct_conn_angle.ptnr1_label_seq_id 
_pdbx_struct_conn_angle.ptnr1_auth_atom_id 
_pdbx_struct_conn_angle.ptnr1_auth_asym_id 
_pdbx_struct_conn_angle.ptnr1_auth_comp_id 
_pdbx_struct_conn_angle.ptnr1_auth_seq_id 
_pdbx_struct_conn_angle.ptnr1_PDB_ins_code 
_pdbx_struct_conn_angle.ptnr1_symmetry 
_pdbx_struct_conn_angle.ptnr2_label_atom_id 
_pdbx_struct_conn_angle.ptnr2_label_alt_id 
_pdbx_struct_conn_angle.ptnr2_label_asym_id 
_pdbx_struct_conn_angle.ptnr2_label_comp_id 
_pdbx_struct_conn_angle.ptnr2_label_seq_id 
_pdbx_struct_conn_angle.ptnr2_auth_atom_id 
_pdbx_struct_conn_angle.ptnr2_auth_asym_id 
_pdbx_struct_conn_angle.ptnr2_auth_comp_id 
_pdbx_struct_conn_angle.ptnr2_auth_seq_id 
_pdbx_struct_conn_angle.ptnr2_PDB_ins_code 
_pdbx_struct_conn_angle.ptnr2_symmetry 
_pdbx_struct_conn_angle.ptnr3_label_atom_id 
_pdbx_struct_conn_angle.ptnr3_label_alt_id 
_pdbx_struct_conn_angle.ptnr3_label_asym_id 
_pdbx_struct_conn_angle.ptnr3_label_comp_id 
_pdbx_struct_conn_angle.ptnr3_label_seq_id 
_pdbx_struct_conn_angle.ptnr3_auth_atom_id 
_pdbx_struct_conn_angle.ptnr3_auth_asym_id 
_pdbx_struct_conn_angle.ptnr3_auth_comp_id 
_pdbx_struct_conn_angle.ptnr3_auth_seq_id 
_pdbx_struct_conn_angle.ptnr3_PDB_ins_code 
_pdbx_struct_conn_angle.ptnr3_symmetry 
_pdbx_struct_conn_angle.value 
_pdbx_struct_conn_angle.value_esd 
1  OG1 ? A THR 31 ? A THR 31  ? 1_555 MG ? C MG . ? A MG 183 ? 1_555 O2B ? B GDP . ? A GDP 182 ? 1_555 86.2  ? 
2  OG1 ? A THR 31 ? A THR 31  ? 1_555 MG ? C MG . ? A MG 183 ? 1_555 O   ? E HOH . ? A HOH 282 ? 1_555 174.8 ? 
3  O2B ? B GDP .  ? A GDP 182 ? 1_555 MG ? C MG . ? A MG 183 ? 1_555 O   ? E HOH . ? A HOH 282 ? 1_555 96.1  ? 
4  OG1 ? A THR 31 ? A THR 31  ? 1_555 MG ? C MG . ? A MG 183 ? 1_555 O   ? E HOH . ? A HOH 289 ? 1_555 86.1  ? 
5  O2B ? B GDP .  ? A GDP 182 ? 1_555 MG ? C MG . ? A MG 183 ? 1_555 O   ? E HOH . ? A HOH 289 ? 1_555 170.4 ? 
6  O   ? E HOH .  ? A HOH 282 ? 1_555 MG ? C MG . ? A MG 183 ? 1_555 O   ? E HOH . ? A HOH 289 ? 1_555 91.1  ? 
7  OG1 ? A THR 31 ? A THR 31  ? 1_555 MG ? C MG . ? A MG 183 ? 1_555 O   ? E HOH . ? A HOH 290 ? 1_555 83.2  ? 
8  O2B ? B GDP .  ? A GDP 182 ? 1_555 MG ? C MG . ? A MG 183 ? 1_555 O   ? E HOH . ? A HOH 290 ? 1_555 87.0  ? 
9  O   ? E HOH .  ? A HOH 282 ? 1_555 MG ? C MG . ? A MG 183 ? 1_555 O   ? E HOH . ? A HOH 290 ? 1_555 92.2  ? 
10 O   ? E HOH .  ? A HOH 289 ? 1_555 MG ? C MG . ? A MG 183 ? 1_555 O   ? E HOH . ? A HOH 290 ? 1_555 86.4  ? 
# 
loop_
_pdbx_audit_revision_history.ordinal 
_pdbx_audit_revision_history.data_content_type 
_pdbx_audit_revision_history.major_revision 
_pdbx_audit_revision_history.minor_revision 
_pdbx_audit_revision_history.revision_date 
1 'Structure model' 1 0 2010-11-10 
2 'Structure model' 1 1 2011-07-13 
3 'Structure model' 1 2 2013-06-19 
4 'Structure model' 1 3 2023-09-06 
# 
_pdbx_audit_revision_details.ordinal             1 
_pdbx_audit_revision_details.revision_ordinal    1 
_pdbx_audit_revision_details.data_content_type   'Structure model' 
_pdbx_audit_revision_details.provider            repository 
_pdbx_audit_revision_details.type                'Initial release' 
_pdbx_audit_revision_details.description         ? 
_pdbx_audit_revision_details.details             ? 
# 
loop_
_pdbx_audit_revision_group.ordinal 
_pdbx_audit_revision_group.revision_ordinal 
_pdbx_audit_revision_group.data_content_type 
_pdbx_audit_revision_group.group 
1 2 'Structure model' 'Version format compliance' 
2 3 'Structure model' 'Database references'       
3 4 'Structure model' 'Data collection'           
4 4 'Structure model' 'Database references'       
5 4 'Structure model' 'Derived calculations'      
6 4 'Structure model' 'Refinement description'    
# 
loop_
_pdbx_audit_revision_category.ordinal 
_pdbx_audit_revision_category.revision_ordinal 
_pdbx_audit_revision_category.data_content_type 
_pdbx_audit_revision_category.category 
1 4 'Structure model' chem_comp_atom                
2 4 'Structure model' chem_comp_bond                
3 4 'Structure model' database_2                    
4 4 'Structure model' pdbx_initial_refinement_model 
5 4 'Structure model' pdbx_struct_conn_angle        
6 4 'Structure model' struct_conn                   
7 4 'Structure model' struct_site                   
# 
loop_
_pdbx_audit_revision_item.ordinal 
_pdbx_audit_revision_item.revision_ordinal 
_pdbx_audit_revision_item.data_content_type 
_pdbx_audit_revision_item.item 
1  4 'Structure model' '_database_2.pdbx_DOI'                        
2  4 'Structure model' '_database_2.pdbx_database_accession'         
3  4 'Structure model' '_pdbx_struct_conn_angle.ptnr1_auth_comp_id'  
4  4 'Structure model' '_pdbx_struct_conn_angle.ptnr1_auth_seq_id'   
5  4 'Structure model' '_pdbx_struct_conn_angle.ptnr1_label_asym_id' 
6  4 'Structure model' '_pdbx_struct_conn_angle.ptnr1_label_atom_id' 
7  4 'Structure model' '_pdbx_struct_conn_angle.ptnr1_label_comp_id' 
8  4 'Structure model' '_pdbx_struct_conn_angle.ptnr1_label_seq_id'  
9  4 'Structure model' '_pdbx_struct_conn_angle.ptnr3_auth_comp_id'  
10 4 'Structure model' '_pdbx_struct_conn_angle.ptnr3_auth_seq_id'   
11 4 'Structure model' '_pdbx_struct_conn_angle.ptnr3_label_asym_id' 
12 4 'Structure model' '_pdbx_struct_conn_angle.ptnr3_label_atom_id' 
13 4 'Structure model' '_pdbx_struct_conn_angle.ptnr3_label_comp_id' 
14 4 'Structure model' '_pdbx_struct_conn_angle.ptnr3_label_seq_id'  
15 4 'Structure model' '_pdbx_struct_conn_angle.value'               
16 4 'Structure model' '_struct_conn.pdbx_dist_value'                
17 4 'Structure model' '_struct_conn.ptnr1_auth_comp_id'             
18 4 'Structure model' '_struct_conn.ptnr1_auth_seq_id'              
19 4 'Structure model' '_struct_conn.ptnr1_label_asym_id'            
20 4 'Structure model' '_struct_conn.ptnr1_label_atom_id'            
21 4 'Structure model' '_struct_conn.ptnr1_label_comp_id'            
22 4 'Structure model' '_struct_conn.ptnr1_label_seq_id'             
23 4 'Structure model' '_struct_conn.ptnr2_auth_comp_id'             
24 4 'Structure model' '_struct_conn.ptnr2_auth_seq_id'              
25 4 'Structure model' '_struct_conn.ptnr2_label_asym_id'            
26 4 'Structure model' '_struct_conn.ptnr2_label_atom_id'            
27 4 'Structure model' '_struct_conn.ptnr2_label_comp_id'            
28 4 'Structure model' '_struct_site.pdbx_auth_asym_id'              
29 4 'Structure model' '_struct_site.pdbx_auth_comp_id'              
30 4 'Structure model' '_struct_site.pdbx_auth_seq_id'               
# 
loop_
_software.name 
_software.classification 
_software.version 
_software.citation_id 
_software.pdbx_ordinal 
HKL-2000  'data collection' .   ? 1 
AMoRE     phasing           .   ? 2 
CNS       refinement        1.2 ? 3 
HKL-2000  'data reduction'  .   ? 4 
SCALEPACK 'data scaling'    .   ? 5 
# 
loop_
_pdbx_validate_torsion.id 
_pdbx_validate_torsion.PDB_model_num 
_pdbx_validate_torsion.auth_comp_id 
_pdbx_validate_torsion.auth_asym_id 
_pdbx_validate_torsion.auth_seq_id 
_pdbx_validate_torsion.PDB_ins_code 
_pdbx_validate_torsion.label_alt_id 
_pdbx_validate_torsion.phi 
_pdbx_validate_torsion.psi 
1 1 LYS A 38  ? ? 32.91   55.57   
2 1 ILE A 49  ? ? -34.46  119.70  
3 1 ARG A 59  ? ? 54.36   -135.01 
4 1 ASP A 72  ? ? -62.58  68.74   
5 1 LYS A 73  ? ? -160.85 4.50    
6 1 LYS A 127 ? ? 72.32   33.10   
7 1 ASN A 132 ? ? -88.67  30.32   
8 1 ASN A 179 ? ? -99.96  32.04   
# 
loop_
_chem_comp_atom.comp_id 
_chem_comp_atom.atom_id 
_chem_comp_atom.type_symbol 
_chem_comp_atom.pdbx_aromatic_flag 
_chem_comp_atom.pdbx_stereo_config 
_chem_comp_atom.pdbx_ordinal 
ALA N      N  N N 1   
ALA CA     C  N S 2   
ALA C      C  N N 3   
ALA O      O  N N 4   
ALA CB     C  N N 5   
ALA OXT    O  N N 6   
ALA H      H  N N 7   
ALA H2     H  N N 8   
ALA HA     H  N N 9   
ALA HB1    H  N N 10  
ALA HB2    H  N N 11  
ALA HB3    H  N N 12  
ALA HXT    H  N N 13  
ARG N      N  N N 14  
ARG CA     C  N S 15  
ARG C      C  N N 16  
ARG O      O  N N 17  
ARG CB     C  N N 18  
ARG CG     C  N N 19  
ARG CD     C  N N 20  
ARG NE     N  N N 21  
ARG CZ     C  N N 22  
ARG NH1    N  N N 23  
ARG NH2    N  N N 24  
ARG OXT    O  N N 25  
ARG H      H  N N 26  
ARG H2     H  N N 27  
ARG HA     H  N N 28  
ARG HB2    H  N N 29  
ARG HB3    H  N N 30  
ARG HG2    H  N N 31  
ARG HG3    H  N N 32  
ARG HD2    H  N N 33  
ARG HD3    H  N N 34  
ARG HE     H  N N 35  
ARG HH11   H  N N 36  
ARG HH12   H  N N 37  
ARG HH21   H  N N 38  
ARG HH22   H  N N 39  
ARG HXT    H  N N 40  
ASN N      N  N N 41  
ASN CA     C  N S 42  
ASN C      C  N N 43  
ASN O      O  N N 44  
ASN CB     C  N N 45  
ASN CG     C  N N 46  
ASN OD1    O  N N 47  
ASN ND2    N  N N 48  
ASN OXT    O  N N 49  
ASN H      H  N N 50  
ASN H2     H  N N 51  
ASN HA     H  N N 52  
ASN HB2    H  N N 53  
ASN HB3    H  N N 54  
ASN HD21   H  N N 55  
ASN HD22   H  N N 56  
ASN HXT    H  N N 57  
ASP N      N  N N 58  
ASP CA     C  N S 59  
ASP C      C  N N 60  
ASP O      O  N N 61  
ASP CB     C  N N 62  
ASP CG     C  N N 63  
ASP OD1    O  N N 64  
ASP OD2    O  N N 65  
ASP OXT    O  N N 66  
ASP H      H  N N 67  
ASP H2     H  N N 68  
ASP HA     H  N N 69  
ASP HB2    H  N N 70  
ASP HB3    H  N N 71  
ASP HD2    H  N N 72  
ASP HXT    H  N N 73  
CYS N      N  N N 74  
CYS CA     C  N R 75  
CYS C      C  N N 76  
CYS O      O  N N 77  
CYS CB     C  N N 78  
CYS SG     S  N N 79  
CYS OXT    O  N N 80  
CYS H      H  N N 81  
CYS H2     H  N N 82  
CYS HA     H  N N 83  
CYS HB2    H  N N 84  
CYS HB3    H  N N 85  
CYS HG     H  N N 86  
CYS HXT    H  N N 87  
GDP PB     P  N N 88  
GDP O1B    O  N N 89  
GDP O2B    O  N N 90  
GDP O3B    O  N N 91  
GDP O3A    O  N N 92  
GDP PA     P  N N 93  
GDP O1A    O  N N 94  
GDP O2A    O  N N 95  
GDP "O5'"  O  N N 96  
GDP "C5'"  C  N N 97  
GDP "C4'"  C  N R 98  
GDP "O4'"  O  N N 99  
GDP "C3'"  C  N S 100 
GDP "O3'"  O  N N 101 
GDP "C2'"  C  N R 102 
GDP "O2'"  O  N N 103 
GDP "C1'"  C  N R 104 
GDP N9     N  Y N 105 
GDP C8     C  Y N 106 
GDP N7     N  Y N 107 
GDP C5     C  Y N 108 
GDP C6     C  N N 109 
GDP O6     O  N N 110 
GDP N1     N  N N 111 
GDP C2     C  N N 112 
GDP N2     N  N N 113 
GDP N3     N  N N 114 
GDP C4     C  Y N 115 
GDP HOB2   H  N N 116 
GDP HOB3   H  N N 117 
GDP HOA2   H  N N 118 
GDP "H5'"  H  N N 119 
GDP "H5''" H  N N 120 
GDP "H4'"  H  N N 121 
GDP "H3'"  H  N N 122 
GDP "HO3'" H  N N 123 
GDP "H2'"  H  N N 124 
GDP "HO2'" H  N N 125 
GDP "H1'"  H  N N 126 
GDP H8     H  N N 127 
GDP HN1    H  N N 128 
GDP HN21   H  N N 129 
GDP HN22   H  N N 130 
GLN N      N  N N 131 
GLN CA     C  N S 132 
GLN C      C  N N 133 
GLN O      O  N N 134 
GLN CB     C  N N 135 
GLN CG     C  N N 136 
GLN CD     C  N N 137 
GLN OE1    O  N N 138 
GLN NE2    N  N N 139 
GLN OXT    O  N N 140 
GLN H      H  N N 141 
GLN H2     H  N N 142 
GLN HA     H  N N 143 
GLN HB2    H  N N 144 
GLN HB3    H  N N 145 
GLN HG2    H  N N 146 
GLN HG3    H  N N 147 
GLN HE21   H  N N 148 
GLN HE22   H  N N 149 
GLN HXT    H  N N 150 
GLU N      N  N N 151 
GLU CA     C  N S 152 
GLU C      C  N N 153 
GLU O      O  N N 154 
GLU CB     C  N N 155 
GLU CG     C  N N 156 
GLU CD     C  N N 157 
GLU OE1    O  N N 158 
GLU OE2    O  N N 159 
GLU OXT    O  N N 160 
GLU H      H  N N 161 
GLU H2     H  N N 162 
GLU HA     H  N N 163 
GLU HB2    H  N N 164 
GLU HB3    H  N N 165 
GLU HG2    H  N N 166 
GLU HG3    H  N N 167 
GLU HE2    H  N N 168 
GLU HXT    H  N N 169 
GLY N      N  N N 170 
GLY CA     C  N N 171 
GLY C      C  N N 172 
GLY O      O  N N 173 
GLY OXT    O  N N 174 
GLY H      H  N N 175 
GLY H2     H  N N 176 
GLY HA2    H  N N 177 
GLY HA3    H  N N 178 
GLY HXT    H  N N 179 
HIS N      N  N N 180 
HIS CA     C  N S 181 
HIS C      C  N N 182 
HIS O      O  N N 183 
HIS CB     C  N N 184 
HIS CG     C  Y N 185 
HIS ND1    N  Y N 186 
HIS CD2    C  Y N 187 
HIS CE1    C  Y N 188 
HIS NE2    N  Y N 189 
HIS OXT    O  N N 190 
HIS H      H  N N 191 
HIS H2     H  N N 192 
HIS HA     H  N N 193 
HIS HB2    H  N N 194 
HIS HB3    H  N N 195 
HIS HD1    H  N N 196 
HIS HD2    H  N N 197 
HIS HE1    H  N N 198 
HIS HE2    H  N N 199 
HIS HXT    H  N N 200 
HOH O      O  N N 201 
HOH H1     H  N N 202 
HOH H2     H  N N 203 
ILE N      N  N N 204 
ILE CA     C  N S 205 
ILE C      C  N N 206 
ILE O      O  N N 207 
ILE CB     C  N S 208 
ILE CG1    C  N N 209 
ILE CG2    C  N N 210 
ILE CD1    C  N N 211 
ILE OXT    O  N N 212 
ILE H      H  N N 213 
ILE H2     H  N N 214 
ILE HA     H  N N 215 
ILE HB     H  N N 216 
ILE HG12   H  N N 217 
ILE HG13   H  N N 218 
ILE HG21   H  N N 219 
ILE HG22   H  N N 220 
ILE HG23   H  N N 221 
ILE HD11   H  N N 222 
ILE HD12   H  N N 223 
ILE HD13   H  N N 224 
ILE HXT    H  N N 225 
LEU N      N  N N 226 
LEU CA     C  N S 227 
LEU C      C  N N 228 
LEU O      O  N N 229 
LEU CB     C  N N 230 
LEU CG     C  N N 231 
LEU CD1    C  N N 232 
LEU CD2    C  N N 233 
LEU OXT    O  N N 234 
LEU H      H  N N 235 
LEU H2     H  N N 236 
LEU HA     H  N N 237 
LEU HB2    H  N N 238 
LEU HB3    H  N N 239 
LEU HG     H  N N 240 
LEU HD11   H  N N 241 
LEU HD12   H  N N 242 
LEU HD13   H  N N 243 
LEU HD21   H  N N 244 
LEU HD22   H  N N 245 
LEU HD23   H  N N 246 
LEU HXT    H  N N 247 
LYS N      N  N N 248 
LYS CA     C  N S 249 
LYS C      C  N N 250 
LYS O      O  N N 251 
LYS CB     C  N N 252 
LYS CG     C  N N 253 
LYS CD     C  N N 254 
LYS CE     C  N N 255 
LYS NZ     N  N N 256 
LYS OXT    O  N N 257 
LYS H      H  N N 258 
LYS H2     H  N N 259 
LYS HA     H  N N 260 
LYS HB2    H  N N 261 
LYS HB3    H  N N 262 
LYS HG2    H  N N 263 
LYS HG3    H  N N 264 
LYS HD2    H  N N 265 
LYS HD3    H  N N 266 
LYS HE2    H  N N 267 
LYS HE3    H  N N 268 
LYS HZ1    H  N N 269 
LYS HZ2    H  N N 270 
LYS HZ3    H  N N 271 
LYS HXT    H  N N 272 
MET N      N  N N 273 
MET CA     C  N S 274 
MET C      C  N N 275 
MET O      O  N N 276 
MET CB     C  N N 277 
MET CG     C  N N 278 
MET SD     S  N N 279 
MET CE     C  N N 280 
MET OXT    O  N N 281 
MET H      H  N N 282 
MET H2     H  N N 283 
MET HA     H  N N 284 
MET HB2    H  N N 285 
MET HB3    H  N N 286 
MET HG2    H  N N 287 
MET HG3    H  N N 288 
MET HE1    H  N N 289 
MET HE2    H  N N 290 
MET HE3    H  N N 291 
MET HXT    H  N N 292 
MG  MG     MG N N 293 
PHE N      N  N N 294 
PHE CA     C  N S 295 
PHE C      C  N N 296 
PHE O      O  N N 297 
PHE CB     C  N N 298 
PHE CG     C  Y N 299 
PHE CD1    C  Y N 300 
PHE CD2    C  Y N 301 
PHE CE1    C  Y N 302 
PHE CE2    C  Y N 303 
PHE CZ     C  Y N 304 
PHE OXT    O  N N 305 
PHE H      H  N N 306 
PHE H2     H  N N 307 
PHE HA     H  N N 308 
PHE HB2    H  N N 309 
PHE HB3    H  N N 310 
PHE HD1    H  N N 311 
PHE HD2    H  N N 312 
PHE HE1    H  N N 313 
PHE HE2    H  N N 314 
PHE HZ     H  N N 315 
PHE HXT    H  N N 316 
PRO N      N  N N 317 
PRO CA     C  N S 318 
PRO C      C  N N 319 
PRO O      O  N N 320 
PRO CB     C  N N 321 
PRO CG     C  N N 322 
PRO CD     C  N N 323 
PRO OXT    O  N N 324 
PRO H      H  N N 325 
PRO HA     H  N N 326 
PRO HB2    H  N N 327 
PRO HB3    H  N N 328 
PRO HG2    H  N N 329 
PRO HG3    H  N N 330 
PRO HD2    H  N N 331 
PRO HD3    H  N N 332 
PRO HXT    H  N N 333 
SER N      N  N N 334 
SER CA     C  N S 335 
SER C      C  N N 336 
SER O      O  N N 337 
SER CB     C  N N 338 
SER OG     O  N N 339 
SER OXT    O  N N 340 
SER H      H  N N 341 
SER H2     H  N N 342 
SER HA     H  N N 343 
SER HB2    H  N N 344 
SER HB3    H  N N 345 
SER HG     H  N N 346 
SER HXT    H  N N 347 
SO4 S      S  N N 348 
SO4 O1     O  N N 349 
SO4 O2     O  N N 350 
SO4 O3     O  N N 351 
SO4 O4     O  N N 352 
THR N      N  N N 353 
THR CA     C  N S 354 
THR C      C  N N 355 
THR O      O  N N 356 
THR CB     C  N R 357 
THR OG1    O  N N 358 
THR CG2    C  N N 359 
THR OXT    O  N N 360 
THR H      H  N N 361 
THR H2     H  N N 362 
THR HA     H  N N 363 
THR HB     H  N N 364 
THR HG1    H  N N 365 
THR HG21   H  N N 366 
THR HG22   H  N N 367 
THR HG23   H  N N 368 
THR HXT    H  N N 369 
TRP N      N  N N 370 
TRP CA     C  N S 371 
TRP C      C  N N 372 
TRP O      O  N N 373 
TRP CB     C  N N 374 
TRP CG     C  Y N 375 
TRP CD1    C  Y N 376 
TRP CD2    C  Y N 377 
TRP NE1    N  Y N 378 
TRP CE2    C  Y N 379 
TRP CE3    C  Y N 380 
TRP CZ2    C  Y N 381 
TRP CZ3    C  Y N 382 
TRP CH2    C  Y N 383 
TRP OXT    O  N N 384 
TRP H      H  N N 385 
TRP H2     H  N N 386 
TRP HA     H  N N 387 
TRP HB2    H  N N 388 
TRP HB3    H  N N 389 
TRP HD1    H  N N 390 
TRP HE1    H  N N 391 
TRP HE3    H  N N 392 
TRP HZ2    H  N N 393 
TRP HZ3    H  N N 394 
TRP HH2    H  N N 395 
TRP HXT    H  N N 396 
TYR N      N  N N 397 
TYR CA     C  N S 398 
TYR C      C  N N 399 
TYR O      O  N N 400 
TYR CB     C  N N 401 
TYR CG     C  Y N 402 
TYR CD1    C  Y N 403 
TYR CD2    C  Y N 404 
TYR CE1    C  Y N 405 
TYR CE2    C  Y N 406 
TYR CZ     C  Y N 407 
TYR OH     O  N N 408 
TYR OXT    O  N N 409 
TYR H      H  N N 410 
TYR H2     H  N N 411 
TYR HA     H  N N 412 
TYR HB2    H  N N 413 
TYR HB3    H  N N 414 
TYR HD1    H  N N 415 
TYR HD2    H  N N 416 
TYR HE1    H  N N 417 
TYR HE2    H  N N 418 
TYR HH     H  N N 419 
TYR HXT    H  N N 420 
VAL N      N  N N 421 
VAL CA     C  N S 422 
VAL C      C  N N 423 
VAL O      O  N N 424 
VAL CB     C  N N 425 
VAL CG1    C  N N 426 
VAL CG2    C  N N 427 
VAL OXT    O  N N 428 
VAL H      H  N N 429 
VAL H2     H  N N 430 
VAL HA     H  N N 431 
VAL HB     H  N N 432 
VAL HG11   H  N N 433 
VAL HG12   H  N N 434 
VAL HG13   H  N N 435 
VAL HG21   H  N N 436 
VAL HG22   H  N N 437 
VAL HG23   H  N N 438 
VAL HXT    H  N N 439 
# 
loop_
_chem_comp_bond.comp_id 
_chem_comp_bond.atom_id_1 
_chem_comp_bond.atom_id_2 
_chem_comp_bond.value_order 
_chem_comp_bond.pdbx_aromatic_flag 
_chem_comp_bond.pdbx_stereo_config 
_chem_comp_bond.pdbx_ordinal 
ALA N     CA     sing N N 1   
ALA N     H      sing N N 2   
ALA N     H2     sing N N 3   
ALA CA    C      sing N N 4   
ALA CA    CB     sing N N 5   
ALA CA    HA     sing N N 6   
ALA C     O      doub N N 7   
ALA C     OXT    sing N N 8   
ALA CB    HB1    sing N N 9   
ALA CB    HB2    sing N N 10  
ALA CB    HB3    sing N N 11  
ALA OXT   HXT    sing N N 12  
ARG N     CA     sing N N 13  
ARG N     H      sing N N 14  
ARG N     H2     sing N N 15  
ARG CA    C      sing N N 16  
ARG CA    CB     sing N N 17  
ARG CA    HA     sing N N 18  
ARG C     O      doub N N 19  
ARG C     OXT    sing N N 20  
ARG CB    CG     sing N N 21  
ARG CB    HB2    sing N N 22  
ARG CB    HB3    sing N N 23  
ARG CG    CD     sing N N 24  
ARG CG    HG2    sing N N 25  
ARG CG    HG3    sing N N 26  
ARG CD    NE     sing N N 27  
ARG CD    HD2    sing N N 28  
ARG CD    HD3    sing N N 29  
ARG NE    CZ     sing N N 30  
ARG NE    HE     sing N N 31  
ARG CZ    NH1    sing N N 32  
ARG CZ    NH2    doub N N 33  
ARG NH1   HH11   sing N N 34  
ARG NH1   HH12   sing N N 35  
ARG NH2   HH21   sing N N 36  
ARG NH2   HH22   sing N N 37  
ARG OXT   HXT    sing N N 38  
ASN N     CA     sing N N 39  
ASN N     H      sing N N 40  
ASN N     H2     sing N N 41  
ASN CA    C      sing N N 42  
ASN CA    CB     sing N N 43  
ASN CA    HA     sing N N 44  
ASN C     O      doub N N 45  
ASN C     OXT    sing N N 46  
ASN CB    CG     sing N N 47  
ASN CB    HB2    sing N N 48  
ASN CB    HB3    sing N N 49  
ASN CG    OD1    doub N N 50  
ASN CG    ND2    sing N N 51  
ASN ND2   HD21   sing N N 52  
ASN ND2   HD22   sing N N 53  
ASN OXT   HXT    sing N N 54  
ASP N     CA     sing N N 55  
ASP N     H      sing N N 56  
ASP N     H2     sing N N 57  
ASP CA    C      sing N N 58  
ASP CA    CB     sing N N 59  
ASP CA    HA     sing N N 60  
ASP C     O      doub N N 61  
ASP C     OXT    sing N N 62  
ASP CB    CG     sing N N 63  
ASP CB    HB2    sing N N 64  
ASP CB    HB3    sing N N 65  
ASP CG    OD1    doub N N 66  
ASP CG    OD2    sing N N 67  
ASP OD2   HD2    sing N N 68  
ASP OXT   HXT    sing N N 69  
CYS N     CA     sing N N 70  
CYS N     H      sing N N 71  
CYS N     H2     sing N N 72  
CYS CA    C      sing N N 73  
CYS CA    CB     sing N N 74  
CYS CA    HA     sing N N 75  
CYS C     O      doub N N 76  
CYS C     OXT    sing N N 77  
CYS CB    SG     sing N N 78  
CYS CB    HB2    sing N N 79  
CYS CB    HB3    sing N N 80  
CYS SG    HG     sing N N 81  
CYS OXT   HXT    sing N N 82  
GDP PB    O1B    doub N N 83  
GDP PB    O2B    sing N N 84  
GDP PB    O3B    sing N N 85  
GDP PB    O3A    sing N N 86  
GDP O2B   HOB2   sing N N 87  
GDP O3B   HOB3   sing N N 88  
GDP O3A   PA     sing N N 89  
GDP PA    O1A    doub N N 90  
GDP PA    O2A    sing N N 91  
GDP PA    "O5'"  sing N N 92  
GDP O2A   HOA2   sing N N 93  
GDP "O5'" "C5'"  sing N N 94  
GDP "C5'" "C4'"  sing N N 95  
GDP "C5'" "H5'"  sing N N 96  
GDP "C5'" "H5''" sing N N 97  
GDP "C4'" "O4'"  sing N N 98  
GDP "C4'" "C3'"  sing N N 99  
GDP "C4'" "H4'"  sing N N 100 
GDP "O4'" "C1'"  sing N N 101 
GDP "C3'" "O3'"  sing N N 102 
GDP "C3'" "C2'"  sing N N 103 
GDP "C3'" "H3'"  sing N N 104 
GDP "O3'" "HO3'" sing N N 105 
GDP "C2'" "O2'"  sing N N 106 
GDP "C2'" "C1'"  sing N N 107 
GDP "C2'" "H2'"  sing N N 108 
GDP "O2'" "HO2'" sing N N 109 
GDP "C1'" N9     sing N N 110 
GDP "C1'" "H1'"  sing N N 111 
GDP N9    C8     sing Y N 112 
GDP N9    C4     sing Y N 113 
GDP C8    N7     doub Y N 114 
GDP C8    H8     sing N N 115 
GDP N7    C5     sing Y N 116 
GDP C5    C6     sing N N 117 
GDP C5    C4     doub Y N 118 
GDP C6    O6     doub N N 119 
GDP C6    N1     sing N N 120 
GDP N1    C2     sing N N 121 
GDP N1    HN1    sing N N 122 
GDP C2    N2     sing N N 123 
GDP C2    N3     doub N N 124 
GDP N2    HN21   sing N N 125 
GDP N2    HN22   sing N N 126 
GDP N3    C4     sing N N 127 
GLN N     CA     sing N N 128 
GLN N     H      sing N N 129 
GLN N     H2     sing N N 130 
GLN CA    C      sing N N 131 
GLN CA    CB     sing N N 132 
GLN CA    HA     sing N N 133 
GLN C     O      doub N N 134 
GLN C     OXT    sing N N 135 
GLN CB    CG     sing N N 136 
GLN CB    HB2    sing N N 137 
GLN CB    HB3    sing N N 138 
GLN CG    CD     sing N N 139 
GLN CG    HG2    sing N N 140 
GLN CG    HG3    sing N N 141 
GLN CD    OE1    doub N N 142 
GLN CD    NE2    sing N N 143 
GLN NE2   HE21   sing N N 144 
GLN NE2   HE22   sing N N 145 
GLN OXT   HXT    sing N N 146 
GLU N     CA     sing N N 147 
GLU N     H      sing N N 148 
GLU N     H2     sing N N 149 
GLU CA    C      sing N N 150 
GLU CA    CB     sing N N 151 
GLU CA    HA     sing N N 152 
GLU C     O      doub N N 153 
GLU C     OXT    sing N N 154 
GLU CB    CG     sing N N 155 
GLU CB    HB2    sing N N 156 
GLU CB    HB3    sing N N 157 
GLU CG    CD     sing N N 158 
GLU CG    HG2    sing N N 159 
GLU CG    HG3    sing N N 160 
GLU CD    OE1    doub N N 161 
GLU CD    OE2    sing N N 162 
GLU OE2   HE2    sing N N 163 
GLU OXT   HXT    sing N N 164 
GLY N     CA     sing N N 165 
GLY N     H      sing N N 166 
GLY N     H2     sing N N 167 
GLY CA    C      sing N N 168 
GLY CA    HA2    sing N N 169 
GLY CA    HA3    sing N N 170 
GLY C     O      doub N N 171 
GLY C     OXT    sing N N 172 
GLY OXT   HXT    sing N N 173 
HIS N     CA     sing N N 174 
HIS N     H      sing N N 175 
HIS N     H2     sing N N 176 
HIS CA    C      sing N N 177 
HIS CA    CB     sing N N 178 
HIS CA    HA     sing N N 179 
HIS C     O      doub N N 180 
HIS C     OXT    sing N N 181 
HIS CB    CG     sing N N 182 
HIS CB    HB2    sing N N 183 
HIS CB    HB3    sing N N 184 
HIS CG    ND1    sing Y N 185 
HIS CG    CD2    doub Y N 186 
HIS ND1   CE1    doub Y N 187 
HIS ND1   HD1    sing N N 188 
HIS CD2   NE2    sing Y N 189 
HIS CD2   HD2    sing N N 190 
HIS CE1   NE2    sing Y N 191 
HIS CE1   HE1    sing N N 192 
HIS NE2   HE2    sing N N 193 
HIS OXT   HXT    sing N N 194 
HOH O     H1     sing N N 195 
HOH O     H2     sing N N 196 
ILE N     CA     sing N N 197 
ILE N     H      sing N N 198 
ILE N     H2     sing N N 199 
ILE CA    C      sing N N 200 
ILE CA    CB     sing N N 201 
ILE CA    HA     sing N N 202 
ILE C     O      doub N N 203 
ILE C     OXT    sing N N 204 
ILE CB    CG1    sing N N 205 
ILE CB    CG2    sing N N 206 
ILE CB    HB     sing N N 207 
ILE CG1   CD1    sing N N 208 
ILE CG1   HG12   sing N N 209 
ILE CG1   HG13   sing N N 210 
ILE CG2   HG21   sing N N 211 
ILE CG2   HG22   sing N N 212 
ILE CG2   HG23   sing N N 213 
ILE CD1   HD11   sing N N 214 
ILE CD1   HD12   sing N N 215 
ILE CD1   HD13   sing N N 216 
ILE OXT   HXT    sing N N 217 
LEU N     CA     sing N N 218 
LEU N     H      sing N N 219 
LEU N     H2     sing N N 220 
LEU CA    C      sing N N 221 
LEU CA    CB     sing N N 222 
LEU CA    HA     sing N N 223 
LEU C     O      doub N N 224 
LEU C     OXT    sing N N 225 
LEU CB    CG     sing N N 226 
LEU CB    HB2    sing N N 227 
LEU CB    HB3    sing N N 228 
LEU CG    CD1    sing N N 229 
LEU CG    CD2    sing N N 230 
LEU CG    HG     sing N N 231 
LEU CD1   HD11   sing N N 232 
LEU CD1   HD12   sing N N 233 
LEU CD1   HD13   sing N N 234 
LEU CD2   HD21   sing N N 235 
LEU CD2   HD22   sing N N 236 
LEU CD2   HD23   sing N N 237 
LEU OXT   HXT    sing N N 238 
LYS N     CA     sing N N 239 
LYS N     H      sing N N 240 
LYS N     H2     sing N N 241 
LYS CA    C      sing N N 242 
LYS CA    CB     sing N N 243 
LYS CA    HA     sing N N 244 
LYS C     O      doub N N 245 
LYS C     OXT    sing N N 246 
LYS CB    CG     sing N N 247 
LYS CB    HB2    sing N N 248 
LYS CB    HB3    sing N N 249 
LYS CG    CD     sing N N 250 
LYS CG    HG2    sing N N 251 
LYS CG    HG3    sing N N 252 
LYS CD    CE     sing N N 253 
LYS CD    HD2    sing N N 254 
LYS CD    HD3    sing N N 255 
LYS CE    NZ     sing N N 256 
LYS CE    HE2    sing N N 257 
LYS CE    HE3    sing N N 258 
LYS NZ    HZ1    sing N N 259 
LYS NZ    HZ2    sing N N 260 
LYS NZ    HZ3    sing N N 261 
LYS OXT   HXT    sing N N 262 
MET N     CA     sing N N 263 
MET N     H      sing N N 264 
MET N     H2     sing N N 265 
MET CA    C      sing N N 266 
MET CA    CB     sing N N 267 
MET CA    HA     sing N N 268 
MET C     O      doub N N 269 
MET C     OXT    sing N N 270 
MET CB    CG     sing N N 271 
MET CB    HB2    sing N N 272 
MET CB    HB3    sing N N 273 
MET CG    SD     sing N N 274 
MET CG    HG2    sing N N 275 
MET CG    HG3    sing N N 276 
MET SD    CE     sing N N 277 
MET CE    HE1    sing N N 278 
MET CE    HE2    sing N N 279 
MET CE    HE3    sing N N 280 
MET OXT   HXT    sing N N 281 
PHE N     CA     sing N N 282 
PHE N     H      sing N N 283 
PHE N     H2     sing N N 284 
PHE CA    C      sing N N 285 
PHE CA    CB     sing N N 286 
PHE CA    HA     sing N N 287 
PHE C     O      doub N N 288 
PHE C     OXT    sing N N 289 
PHE CB    CG     sing N N 290 
PHE CB    HB2    sing N N 291 
PHE CB    HB3    sing N N 292 
PHE CG    CD1    doub Y N 293 
PHE CG    CD2    sing Y N 294 
PHE CD1   CE1    sing Y N 295 
PHE CD1   HD1    sing N N 296 
PHE CD2   CE2    doub Y N 297 
PHE CD2   HD2    sing N N 298 
PHE CE1   CZ     doub Y N 299 
PHE CE1   HE1    sing N N 300 
PHE CE2   CZ     sing Y N 301 
PHE CE2   HE2    sing N N 302 
PHE CZ    HZ     sing N N 303 
PHE OXT   HXT    sing N N 304 
PRO N     CA     sing N N 305 
PRO N     CD     sing N N 306 
PRO N     H      sing N N 307 
PRO CA    C      sing N N 308 
PRO CA    CB     sing N N 309 
PRO CA    HA     sing N N 310 
PRO C     O      doub N N 311 
PRO C     OXT    sing N N 312 
PRO CB    CG     sing N N 313 
PRO CB    HB2    sing N N 314 
PRO CB    HB3    sing N N 315 
PRO CG    CD     sing N N 316 
PRO CG    HG2    sing N N 317 
PRO CG    HG3    sing N N 318 
PRO CD    HD2    sing N N 319 
PRO CD    HD3    sing N N 320 
PRO OXT   HXT    sing N N 321 
SER N     CA     sing N N 322 
SER N     H      sing N N 323 
SER N     H2     sing N N 324 
SER CA    C      sing N N 325 
SER CA    CB     sing N N 326 
SER CA    HA     sing N N 327 
SER C     O      doub N N 328 
SER C     OXT    sing N N 329 
SER CB    OG     sing N N 330 
SER CB    HB2    sing N N 331 
SER CB    HB3    sing N N 332 
SER OG    HG     sing N N 333 
SER OXT   HXT    sing N N 334 
SO4 S     O1     doub N N 335 
SO4 S     O2     doub N N 336 
SO4 S     O3     sing N N 337 
SO4 S     O4     sing N N 338 
THR N     CA     sing N N 339 
THR N     H      sing N N 340 
THR N     H2     sing N N 341 
THR CA    C      sing N N 342 
THR CA    CB     sing N N 343 
THR CA    HA     sing N N 344 
THR C     O      doub N N 345 
THR C     OXT    sing N N 346 
THR CB    OG1    sing N N 347 
THR CB    CG2    sing N N 348 
THR CB    HB     sing N N 349 
THR OG1   HG1    sing N N 350 
THR CG2   HG21   sing N N 351 
THR CG2   HG22   sing N N 352 
THR CG2   HG23   sing N N 353 
THR OXT   HXT    sing N N 354 
TRP N     CA     sing N N 355 
TRP N     H      sing N N 356 
TRP N     H2     sing N N 357 
TRP CA    C      sing N N 358 
TRP CA    CB     sing N N 359 
TRP CA    HA     sing N N 360 
TRP C     O      doub N N 361 
TRP C     OXT    sing N N 362 
TRP CB    CG     sing N N 363 
TRP CB    HB2    sing N N 364 
TRP CB    HB3    sing N N 365 
TRP CG    CD1    doub Y N 366 
TRP CG    CD2    sing Y N 367 
TRP CD1   NE1    sing Y N 368 
TRP CD1   HD1    sing N N 369 
TRP CD2   CE2    doub Y N 370 
TRP CD2   CE3    sing Y N 371 
TRP NE1   CE2    sing Y N 372 
TRP NE1   HE1    sing N N 373 
TRP CE2   CZ2    sing Y N 374 
TRP CE3   CZ3    doub Y N 375 
TRP CE3   HE3    sing N N 376 
TRP CZ2   CH2    doub Y N 377 
TRP CZ2   HZ2    sing N N 378 
TRP CZ3   CH2    sing Y N 379 
TRP CZ3   HZ3    sing N N 380 
TRP CH2   HH2    sing N N 381 
TRP OXT   HXT    sing N N 382 
TYR N     CA     sing N N 383 
TYR N     H      sing N N 384 
TYR N     H2     sing N N 385 
TYR CA    C      sing N N 386 
TYR CA    CB     sing N N 387 
TYR CA    HA     sing N N 388 
TYR C     O      doub N N 389 
TYR C     OXT    sing N N 390 
TYR CB    CG     sing N N 391 
TYR CB    HB2    sing N N 392 
TYR CB    HB3    sing N N 393 
TYR CG    CD1    doub Y N 394 
TYR CG    CD2    sing Y N 395 
TYR CD1   CE1    sing Y N 396 
TYR CD1   HD1    sing N N 397 
TYR CD2   CE2    doub Y N 398 
TYR CD2   HD2    sing N N 399 
TYR CE1   CZ     doub Y N 400 
TYR CE1   HE1    sing N N 401 
TYR CE2   CZ     sing Y N 402 
TYR CE2   HE2    sing N N 403 
TYR CZ    OH     sing N N 404 
TYR OH    HH     sing N N 405 
TYR OXT   HXT    sing N N 406 
VAL N     CA     sing N N 407 
VAL N     H      sing N N 408 
VAL N     H2     sing N N 409 
VAL CA    C      sing N N 410 
VAL CA    CB     sing N N 411 
VAL CA    HA     sing N N 412 
VAL C     O      doub N N 413 
VAL C     OXT    sing N N 414 
VAL CB    CG1    sing N N 415 
VAL CB    CG2    sing N N 416 
VAL CB    HB     sing N N 417 
VAL CG1   HG11   sing N N 418 
VAL CG1   HG12   sing N N 419 
VAL CG1   HG13   sing N N 420 
VAL CG2   HG21   sing N N 421 
VAL CG2   HG22   sing N N 422 
VAL CG2   HG23   sing N N 423 
VAL OXT   HXT    sing N N 424 
# 
loop_
_pdbx_entity_nonpoly.entity_id 
_pdbx_entity_nonpoly.name 
_pdbx_entity_nonpoly.comp_id 
2 "GUANOSINE-5'-DIPHOSPHATE" GDP 
3 'MAGNESIUM ION'            MG  
4 'SULFATE ION'              SO4 
5 water                      HOH 
# 
_pdbx_initial_refinement_model.id               1 
_pdbx_initial_refinement_model.entity_id_list   ? 
_pdbx_initial_refinement_model.type             'experimental model' 
_pdbx_initial_refinement_model.source_name      PDB 
_pdbx_initial_refinement_model.accession_code   1HUR 
_pdbx_initial_refinement_model.details          'PDB Entry 1HUR' 
# 
